data_7Q1Q
# 
_entry.id   7Q1Q 
# 
_audit_conform.dict_name       mmcif_pdbx.dic 
_audit_conform.dict_version    5.398 
_audit_conform.dict_location   http://mmcif.pdb.org/dictionaries/ascii/mmcif_pdbx.dic 
# 
loop_
_database_2.database_id 
_database_2.database_code 
_database_2.pdbx_database_accession 
_database_2.pdbx_DOI 
PDB   7Q1Q         pdb_00007q1q 10.2210/pdb7q1q/pdb 
WWPDB D_1292118745 ?            ?                   
# 
loop_
_pdbx_audit_revision_history.ordinal 
_pdbx_audit_revision_history.data_content_type 
_pdbx_audit_revision_history.major_revision 
_pdbx_audit_revision_history.minor_revision 
_pdbx_audit_revision_history.revision_date 
1 'Structure model' 1 0 2022-07-20 
2 'Structure model' 1 1 2022-07-27 
3 'Structure model' 1 2 2022-08-31 
4 'Structure model' 1 3 2024-05-01 
5 'Structure model' 1 4 2024-11-06 
# 
_pdbx_audit_revision_details.ordinal             1 
_pdbx_audit_revision_details.revision_ordinal    1 
_pdbx_audit_revision_details.data_content_type   'Structure model' 
_pdbx_audit_revision_details.provider            repository 
_pdbx_audit_revision_details.type                'Initial release' 
_pdbx_audit_revision_details.description         ? 
_pdbx_audit_revision_details.details             ? 
# 
loop_
_pdbx_audit_revision_group.ordinal 
_pdbx_audit_revision_group.revision_ordinal 
_pdbx_audit_revision_group.data_content_type 
_pdbx_audit_revision_group.group 
1 2 'Structure model' 'Database references'    
2 2 'Structure model' 'Structure summary'      
3 3 'Structure model' 'Database references'    
4 4 'Structure model' 'Data collection'        
5 4 'Structure model' 'Refinement description' 
6 5 'Structure model' 'Structure summary'      
# 
loop_
_pdbx_audit_revision_category.ordinal 
_pdbx_audit_revision_category.revision_ordinal 
_pdbx_audit_revision_category.data_content_type 
_pdbx_audit_revision_category.category 
1  2 'Structure model' citation                      
2  2 'Structure model' citation_author               
3  2 'Structure model' struct                        
4  3 'Structure model' citation                      
5  3 'Structure model' citation_author               
6  4 'Structure model' chem_comp_atom                
7  4 'Structure model' chem_comp_bond                
8  4 'Structure model' pdbx_initial_refinement_model 
9  5 'Structure model' pdbx_entry_details            
10 5 'Structure model' pdbx_modification_feature     
# 
loop_
_pdbx_audit_revision_item.ordinal 
_pdbx_audit_revision_item.revision_ordinal 
_pdbx_audit_revision_item.data_content_type 
_pdbx_audit_revision_item.item 
1 2 'Structure model' '_citation.pdbx_database_id_PubMed'            
2 2 'Structure model' '_citation.title'                              
3 2 'Structure model' '_citation_author.identifier_ORCID'            
4 2 'Structure model' '_struct.title'                                
5 3 'Structure model' '_citation.journal_volume'                     
6 3 'Structure model' '_citation.page_first'                         
7 3 'Structure model' '_citation.page_last'                          
8 3 'Structure model' '_citation_author.identifier_ORCID'            
9 5 'Structure model' '_pdbx_entry_details.has_protein_modification' 
# 
_pdbx_database_status.status_code                     REL 
_pdbx_database_status.status_code_sf                  REL 
_pdbx_database_status.status_code_mr                  ? 
_pdbx_database_status.entry_id                        7Q1Q 
_pdbx_database_status.recvd_initial_deposition_date   2021-10-20 
_pdbx_database_status.SG_entry                        N 
_pdbx_database_status.deposit_site                    PDBE 
_pdbx_database_status.process_site                    PDBE 
_pdbx_database_status.status_code_cs                  ? 
_pdbx_database_status.status_code_nmr_data            ? 
_pdbx_database_status.methods_development_category    ? 
_pdbx_database_status.pdb_format_compatible           Y 
# 
_pdbx_contact_author.id                 3 
_pdbx_contact_author.email              birte.hoecker@uni-bayreuth.de 
_pdbx_contact_author.name_first         Birte 
_pdbx_contact_author.name_last          Hocker 
_pdbx_contact_author.name_mi            ? 
_pdbx_contact_author.role               'principal investigator/group leader' 
_pdbx_contact_author.identifier_ORCID   0000-0002-8250-9462 
# 
loop_
_audit_author.name 
_audit_author.pdbx_ordinal 
_audit_author.identifier_ORCID 
'Shanmugaratnam, S.' 1 0000-0002-2614-6046 
'Rhys, G.G.'         2 0000-0002-0247-9495 
'Dawson, W.M.'       3 0000-0003-2710-6879 
'Woolfson, D.N.'     4 0000-0002-0394-3202 
'Hocker, B.'         5 0000-0002-8250-9462 
# 
_citation.abstract                  ? 
_citation.abstract_id_CAS           ? 
_citation.book_id_ISBN              ? 
_citation.book_publisher            ? 
_citation.book_publisher_city       ? 
_citation.book_title                ? 
_citation.coordinate_linkage        ? 
_citation.country                   US 
_citation.database_id_Medline       ? 
_citation.details                   ? 
_citation.id                        primary 
_citation.journal_abbrev            Nat.Chem.Biol. 
_citation.journal_id_ASTM           ? 
_citation.journal_id_CSD            ? 
_citation.journal_id_ISSN           1552-4469 
_citation.journal_full              ? 
_citation.journal_issue             ? 
_citation.journal_volume            18 
_citation.language                  ? 
_citation.page_first                999 
_citation.page_last                 1004 
_citation.title                     'De novo designed peptides for cellular delivery and subcellular localisation.' 
_citation.year                      2022 
_citation.database_id_CSD           ? 
_citation.pdbx_database_id_DOI      10.1038/s41589-022-01076-6 
_citation.pdbx_database_id_PubMed   35836017 
_citation.pdbx_database_id_patent   ? 
_citation.unpublished_flag          ? 
# 
loop_
_citation_author.citation_id 
_citation_author.name 
_citation_author.ordinal 
_citation_author.identifier_ORCID 
primary 'Rhys, G.G.'         1 0000-0002-0247-9495 
primary 'Cross, J.A.'        2 ?                   
primary 'Dawson, W.M.'       3 0000-0003-2710-6879 
primary 'Thompson, H.F.'     4 ?                   
primary 'Shanmugaratnam, S.' 5 0000-0002-2614-6046 
primary 'Savery, N.J.'       6 ?                   
primary 'Dodding, M.P.'      7 0000-0001-8091-6534 
primary 'Hocker, B.'         8 0000-0002-8250-9462 
primary 'Woolfson, D.N.'     9 0000-0002-0394-3202 
# 
loop_
_entity.id 
_entity.type 
_entity.src_method 
_entity.pdbx_description 
_entity.formula_weight 
_entity.pdbx_number_of_molecules 
_entity.pdbx_ec 
_entity.pdbx_mutation 
_entity.pdbx_fragment 
_entity.details 
1 polymer     syn Homomer-S     3332.809 2  ? ? ? ? 
2 non-polymer syn 'ACETATE ION' 59.044   1  ? ? ? ? 
3 water       nat water         18.015   63 ? ? ? ? 
# 
_entity_poly.entity_id                      1 
_entity_poly.type                           'polypeptide(L)' 
_entity_poly.nstd_linkage                   no 
_entity_poly.nstd_monomer                   yes 
_entity_poly.pdbx_seq_one_letter_code       '(ACE)GQLEQEIAALNQQIAALKQRSAALKWQIQG(NH2)' 
_entity_poly.pdbx_seq_one_letter_code_can   XGQLEQEIAALNQQIAALKQRSAALKWQIQGX 
_entity_poly.pdbx_strand_id                 A,B 
_entity_poly.pdbx_target_identifier         ? 
# 
loop_
_pdbx_entity_nonpoly.entity_id 
_pdbx_entity_nonpoly.name 
_pdbx_entity_nonpoly.comp_id 
2 'ACETATE ION' ACT 
3 water         HOH 
# 
loop_
_entity_poly_seq.entity_id 
_entity_poly_seq.num 
_entity_poly_seq.mon_id 
_entity_poly_seq.hetero 
1 1  ACE n 
1 2  GLY n 
1 3  GLN n 
1 4  LEU n 
1 5  GLU n 
1 6  GLN n 
1 7  GLU n 
1 8  ILE n 
1 9  ALA n 
1 10 ALA n 
1 11 LEU n 
1 12 ASN n 
1 13 GLN n 
1 14 GLN n 
1 15 ILE n 
1 16 ALA n 
1 17 ALA n 
1 18 LEU n 
1 19 LYS n 
1 20 GLN n 
1 21 ARG n 
1 22 SER n 
1 23 ALA n 
1 24 ALA n 
1 25 LEU n 
1 26 LYS n 
1 27 TRP n 
1 28 GLN n 
1 29 ILE n 
1 30 GLN n 
1 31 GLY n 
1 32 NH2 n 
# 
_pdbx_entity_src_syn.entity_id              1 
_pdbx_entity_src_syn.pdbx_src_id            1 
_pdbx_entity_src_syn.pdbx_alt_source_flag   sample 
_pdbx_entity_src_syn.pdbx_beg_seq_num       1 
_pdbx_entity_src_syn.pdbx_end_seq_num       32 
_pdbx_entity_src_syn.organism_scientific    'synthetic construct' 
_pdbx_entity_src_syn.organism_common_name   ? 
_pdbx_entity_src_syn.ncbi_taxonomy_id       32630 
_pdbx_entity_src_syn.details                ? 
# 
loop_
_chem_comp.id 
_chem_comp.type 
_chem_comp.mon_nstd_flag 
_chem_comp.name 
_chem_comp.pdbx_synonyms 
_chem_comp.formula 
_chem_comp.formula_weight 
ACE non-polymer         . 'ACETYL GROUP'  ? 'C2 H4 O'        44.053  
ACT non-polymer         . 'ACETATE ION'   ? 'C2 H3 O2 -1'    59.044  
ALA 'L-peptide linking' y ALANINE         ? 'C3 H7 N O2'     89.093  
ARG 'L-peptide linking' y ARGININE        ? 'C6 H15 N4 O2 1' 175.209 
ASN 'L-peptide linking' y ASPARAGINE      ? 'C4 H8 N2 O3'    132.118 
GLN 'L-peptide linking' y GLUTAMINE       ? 'C5 H10 N2 O3'   146.144 
GLU 'L-peptide linking' y 'GLUTAMIC ACID' ? 'C5 H9 N O4'     147.129 
GLY 'peptide linking'   y GLYCINE         ? 'C2 H5 N O2'     75.067  
HOH non-polymer         . WATER           ? 'H2 O'           18.015  
ILE 'L-peptide linking' y ISOLEUCINE      ? 'C6 H13 N O2'    131.173 
LEU 'L-peptide linking' y LEUCINE         ? 'C6 H13 N O2'    131.173 
LYS 'L-peptide linking' y LYSINE          ? 'C6 H15 N2 O2 1' 147.195 
NH2 non-polymer         . 'AMINO GROUP'   ? 'H2 N'           16.023  
SER 'L-peptide linking' y SERINE          ? 'C3 H7 N O3'     105.093 
TRP 'L-peptide linking' y TRYPTOPHAN      ? 'C11 H12 N2 O2'  204.225 
# 
loop_
_pdbx_poly_seq_scheme.asym_id 
_pdbx_poly_seq_scheme.entity_id 
_pdbx_poly_seq_scheme.seq_id 
_pdbx_poly_seq_scheme.mon_id 
_pdbx_poly_seq_scheme.ndb_seq_num 
_pdbx_poly_seq_scheme.pdb_seq_num 
_pdbx_poly_seq_scheme.auth_seq_num 
_pdbx_poly_seq_scheme.pdb_mon_id 
_pdbx_poly_seq_scheme.auth_mon_id 
_pdbx_poly_seq_scheme.pdb_strand_id 
_pdbx_poly_seq_scheme.pdb_ins_code 
_pdbx_poly_seq_scheme.hetero 
A 1 1  ACE 1  0  0  ACE ACE A . n 
A 1 2  GLY 2  1  1  GLY GLY A . n 
A 1 3  GLN 3  2  2  GLN GLN A . n 
A 1 4  LEU 4  3  3  LEU LEU A . n 
A 1 5  GLU 5  4  4  GLU GLU A . n 
A 1 6  GLN 6  5  5  GLN GLN A . n 
A 1 7  GLU 7  6  6  GLU GLU A . n 
A 1 8  ILE 8  7  7  ILE ILE A . n 
A 1 9  ALA 9  8  8  ALA ALA A . n 
A 1 10 ALA 10 9  9  ALA ALA A . n 
A 1 11 LEU 11 10 10 LEU LEU A . n 
A 1 12 ASN 12 11 11 ASN ASN A . n 
A 1 13 GLN 13 12 12 GLN GLN A . n 
A 1 14 GLN 14 13 13 GLN GLN A . n 
A 1 15 ILE 15 14 14 ILE ILE A . n 
A 1 16 ALA 16 15 15 ALA ALA A . n 
A 1 17 ALA 17 16 16 ALA ALA A . n 
A 1 18 LEU 18 17 17 LEU LEU A . n 
A 1 19 LYS 19 18 18 LYS LYS A . n 
A 1 20 GLN 20 19 19 GLN GLN A . n 
A 1 21 ARG 21 20 20 ARG ARG A . n 
A 1 22 SER 22 21 21 SER SER A . n 
A 1 23 ALA 23 22 22 ALA ALA A . n 
A 1 24 ALA 24 23 23 ALA ALA A . n 
A 1 25 LEU 25 24 24 LEU LEU A . n 
A 1 26 LYS 26 25 25 LYS LYS A . n 
A 1 27 TRP 27 26 26 TRP TRP A . n 
A 1 28 GLN 28 27 27 GLN GLN A . n 
A 1 29 ILE 29 28 28 ILE ILE A . n 
A 1 30 GLN 30 29 29 GLN GLN A . n 
A 1 31 GLY 31 30 30 GLY GLY A . n 
A 1 32 NH2 32 31 31 NH2 NH2 A . n 
B 1 1  ACE 1  0  0  ACE ACE B . n 
B 1 2  GLY 2  1  1  GLY GLY B . n 
B 1 3  GLN 3  2  2  GLN GLN B . n 
B 1 4  LEU 4  3  3  LEU LEU B . n 
B 1 5  GLU 5  4  4  GLU GLU B . n 
B 1 6  GLN 6  5  5  GLN GLN B . n 
B 1 7  GLU 7  6  6  GLU GLU B . n 
B 1 8  ILE 8  7  7  ILE ILE B . n 
B 1 9  ALA 9  8  8  ALA ALA B . n 
B 1 10 ALA 10 9  9  ALA ALA B . n 
B 1 11 LEU 11 10 10 LEU LEU B . n 
B 1 12 ASN 12 11 11 ASN ASN B . n 
B 1 13 GLN 13 12 12 GLN GLN B . n 
B 1 14 GLN 14 13 13 GLN GLN B . n 
B 1 15 ILE 15 14 14 ILE ILE B . n 
B 1 16 ALA 16 15 15 ALA ALA B . n 
B 1 17 ALA 17 16 16 ALA ALA B . n 
B 1 18 LEU 18 17 17 LEU LEU B . n 
B 1 19 LYS 19 18 18 LYS LYS B . n 
B 1 20 GLN 20 19 19 GLN GLN B . n 
B 1 21 ARG 21 20 20 ARG ARG B . n 
B 1 22 SER 22 21 21 SER SER B . n 
B 1 23 ALA 23 22 22 ALA ALA B . n 
B 1 24 ALA 24 23 23 ALA ALA B . n 
B 1 25 LEU 25 24 24 LEU LEU B . n 
B 1 26 LYS 26 25 25 LYS LYS B . n 
B 1 27 TRP 27 26 26 TRP TRP B . n 
B 1 28 GLN 28 27 27 GLN GLN B . n 
B 1 29 ILE 29 28 28 ILE ILE B . n 
B 1 30 GLN 30 29 29 GLN GLN B . n 
B 1 31 GLY 31 30 30 GLY GLY B . n 
B 1 32 NH2 32 31 ?  ?   ?   B . n 
# 
loop_
_pdbx_nonpoly_scheme.asym_id 
_pdbx_nonpoly_scheme.entity_id 
_pdbx_nonpoly_scheme.mon_id 
_pdbx_nonpoly_scheme.ndb_seq_num 
_pdbx_nonpoly_scheme.pdb_seq_num 
_pdbx_nonpoly_scheme.auth_seq_num 
_pdbx_nonpoly_scheme.pdb_mon_id 
_pdbx_nonpoly_scheme.auth_mon_id 
_pdbx_nonpoly_scheme.pdb_strand_id 
_pdbx_nonpoly_scheme.pdb_ins_code 
C 2 ACT 1  101 101 ACT ACT A . 
D 3 HOH 1  201 21  HOH HOH A . 
D 3 HOH 2  202 59  HOH HOH A . 
D 3 HOH 3  203 23  HOH HOH A . 
D 3 HOH 4  204 44  HOH HOH A . 
D 3 HOH 5  205 27  HOH HOH A . 
D 3 HOH 6  206 34  HOH HOH A . 
D 3 HOH 7  207 1   HOH HOH A . 
D 3 HOH 8  208 4   HOH HOH A . 
D 3 HOH 9  209 54  HOH HOH A . 
D 3 HOH 10 210 40  HOH HOH A . 
D 3 HOH 11 211 52  HOH HOH A . 
D 3 HOH 12 212 3   HOH HOH A . 
D 3 HOH 13 213 11  HOH HOH A . 
D 3 HOH 14 214 19  HOH HOH A . 
D 3 HOH 15 215 15  HOH HOH A . 
D 3 HOH 16 216 18  HOH HOH A . 
D 3 HOH 17 217 16  HOH HOH A . 
D 3 HOH 18 218 37  HOH HOH A . 
D 3 HOH 19 219 10  HOH HOH A . 
D 3 HOH 20 220 5   HOH HOH A . 
D 3 HOH 21 221 8   HOH HOH A . 
D 3 HOH 22 222 39  HOH HOH A . 
D 3 HOH 23 223 26  HOH HOH A . 
D 3 HOH 24 224 45  HOH HOH A . 
D 3 HOH 25 225 25  HOH HOH A . 
D 3 HOH 26 226 31  HOH HOH A . 
D 3 HOH 27 227 43  HOH HOH A . 
D 3 HOH 28 228 46  HOH HOH A . 
D 3 HOH 29 229 50  HOH HOH A . 
D 3 HOH 30 230 53  HOH HOH A . 
D 3 HOH 31 231 62  HOH HOH A . 
D 3 HOH 32 232 61  HOH HOH A . 
D 3 HOH 33 233 49  HOH HOH A . 
D 3 HOH 34 234 51  HOH HOH A . 
D 3 HOH 35 235 48  HOH HOH A . 
D 3 HOH 36 236 60  HOH HOH A . 
D 3 HOH 37 237 47  HOH HOH A . 
E 3 HOH 1  101 36  HOH HOH B . 
E 3 HOH 2  102 13  HOH HOH B . 
E 3 HOH 3  103 63  HOH HOH B . 
E 3 HOH 4  104 38  HOH HOH B . 
E 3 HOH 5  105 35  HOH HOH B . 
E 3 HOH 6  106 9   HOH HOH B . 
E 3 HOH 7  107 2   HOH HOH B . 
E 3 HOH 8  108 20  HOH HOH B . 
E 3 HOH 9  109 17  HOH HOH B . 
E 3 HOH 10 110 32  HOH HOH B . 
E 3 HOH 11 111 14  HOH HOH B . 
E 3 HOH 12 112 12  HOH HOH B . 
E 3 HOH 13 113 30  HOH HOH B . 
E 3 HOH 14 114 28  HOH HOH B . 
E 3 HOH 15 115 29  HOH HOH B . 
E 3 HOH 16 116 6   HOH HOH B . 
E 3 HOH 17 117 33  HOH HOH B . 
E 3 HOH 18 118 7   HOH HOH B . 
E 3 HOH 19 119 22  HOH HOH B . 
E 3 HOH 20 120 56  HOH HOH B . 
E 3 HOH 21 121 41  HOH HOH B . 
E 3 HOH 22 122 57  HOH HOH B . 
E 3 HOH 23 123 55  HOH HOH B . 
E 3 HOH 24 124 42  HOH HOH B . 
E 3 HOH 25 125 24  HOH HOH B . 
E 3 HOH 26 126 58  HOH HOH B . 
# 
loop_
_software.citation_id 
_software.classification 
_software.compiler_name 
_software.compiler_version 
_software.contact_author 
_software.contact_author_email 
_software.date 
_software.description 
_software.dependencies 
_software.hardware 
_software.language 
_software.location 
_software.mods 
_software.name 
_software.os 
_software.os_version 
_software.type 
_software.version 
_software.pdbx_ordinal 
? refinement        ? ? ? ? ? ? ? ? ? ? ? PHENIX      ? ? ? 1.18.2_3874 1 
? 'data extraction' ? ? ? ? ? ? ? ? ? ? ? PDB_EXTRACT ? ? ? 3.27        2 
? 'data reduction'  ? ? ? ? ? ? ? ? ? ? ? XDS         ? ? ? 20200417    3 
? 'data scaling'    ? ? ? ? ? ? ? ? ? ? ? XDS         ? ? ? 20200417    4 
? phasing           ? ? ? ? ? ? ? ? ? ? ? PHASER      ? ? ? 2.8.3       5 
# 
_cell.angle_alpha                  94.880 
_cell.angle_alpha_esd              ? 
_cell.angle_beta                   91.550 
_cell.angle_beta_esd               ? 
_cell.angle_gamma                  97.870 
_cell.angle_gamma_esd              ? 
_cell.entry_id                     7Q1Q 
_cell.details                      ? 
_cell.formula_units_Z              ? 
_cell.length_a                     19.581 
_cell.length_a_esd                 ? 
_cell.length_b                     21.421 
_cell.length_b_esd                 ? 
_cell.length_c                     25.769 
_cell.length_c_esd                 ? 
_cell.volume                       ? 
_cell.volume_esd                   ? 
_cell.Z_PDB                        2 
_cell.reciprocal_angle_alpha       ? 
_cell.reciprocal_angle_beta        ? 
_cell.reciprocal_angle_gamma       ? 
_cell.reciprocal_angle_alpha_esd   ? 
_cell.reciprocal_angle_beta_esd    ? 
_cell.reciprocal_angle_gamma_esd   ? 
_cell.reciprocal_length_a          ? 
_cell.reciprocal_length_b          ? 
_cell.reciprocal_length_c          ? 
_cell.reciprocal_length_a_esd      ? 
_cell.reciprocal_length_b_esd      ? 
_cell.reciprocal_length_c_esd      ? 
_cell.pdbx_unique_axis             ? 
# 
_symmetry.entry_id                         7Q1Q 
_symmetry.cell_setting                     ? 
_symmetry.Int_Tables_number                1 
_symmetry.space_group_name_Hall            ? 
_symmetry.space_group_name_H-M             'P 1' 
_symmetry.pdbx_full_space_group_name_H-M   ? 
# 
_exptl.absorpt_coefficient_mu     ? 
_exptl.absorpt_correction_T_max   ? 
_exptl.absorpt_correction_T_min   ? 
_exptl.absorpt_correction_type    ? 
_exptl.absorpt_process_details    ? 
_exptl.entry_id                   7Q1Q 
_exptl.crystals_number            1 
_exptl.details                    ? 
_exptl.method                     'X-RAY DIFFRACTION' 
_exptl.method_details             ? 
# 
_exptl_crystal.colour                      ? 
_exptl_crystal.density_diffrn              ? 
_exptl_crystal.density_Matthews            1.60 
_exptl_crystal.density_method              ? 
_exptl_crystal.density_percent_sol         23.09 
_exptl_crystal.description                 ? 
_exptl_crystal.F_000                       ? 
_exptl_crystal.id                          1 
_exptl_crystal.preparation                 ? 
_exptl_crystal.size_max                    ? 
_exptl_crystal.size_mid                    ? 
_exptl_crystal.size_min                    ? 
_exptl_crystal.size_rad                    ? 
_exptl_crystal.colour_lustre               ? 
_exptl_crystal.colour_modifier             ? 
_exptl_crystal.colour_primary              ? 
_exptl_crystal.density_meas                ? 
_exptl_crystal.density_meas_esd            ? 
_exptl_crystal.density_meas_gt             ? 
_exptl_crystal.density_meas_lt             ? 
_exptl_crystal.density_meas_temp           ? 
_exptl_crystal.density_meas_temp_esd       ? 
_exptl_crystal.density_meas_temp_gt        ? 
_exptl_crystal.density_meas_temp_lt        ? 
_exptl_crystal.pdbx_crystal_image_url      ? 
_exptl_crystal.pdbx_crystal_image_format   ? 
_exptl_crystal.pdbx_mosaicity              ? 
_exptl_crystal.pdbx_mosaicity_esd          ? 
# 
_exptl_crystal_grow.apparatus       ? 
_exptl_crystal_grow.atmosphere      ? 
_exptl_crystal_grow.crystal_id      1 
_exptl_crystal_grow.details         ? 
_exptl_crystal_grow.method          'VAPOR DIFFUSION, SITTING DROP' 
_exptl_crystal_grow.method_ref      ? 
_exptl_crystal_grow.pH              6.5 
_exptl_crystal_grow.pressure        ? 
_exptl_crystal_grow.pressure_esd    ? 
_exptl_crystal_grow.seeding         ? 
_exptl_crystal_grow.seeding_ref     ? 
_exptl_crystal_grow.temp            293 
_exptl_crystal_grow.temp_details    ? 
_exptl_crystal_grow.temp_esd        ? 
_exptl_crystal_grow.time            ? 
_exptl_crystal_grow.pdbx_details    '1 M Acetate pH 6.5, 0.1 M imidazole' 
_exptl_crystal_grow.pdbx_pH_range   ? 
# 
_diffrn.ambient_environment              ? 
_diffrn.ambient_temp                     100 
_diffrn.ambient_temp_details             ? 
_diffrn.ambient_temp_esd                 ? 
_diffrn.crystal_id                       1 
_diffrn.crystal_support                  ? 
_diffrn.crystal_treatment                ? 
_diffrn.details                          ? 
_diffrn.id                               1 
_diffrn.ambient_pressure                 ? 
_diffrn.ambient_pressure_esd             ? 
_diffrn.ambient_pressure_gt              ? 
_diffrn.ambient_pressure_lt              ? 
_diffrn.ambient_temp_gt                  ? 
_diffrn.ambient_temp_lt                  ? 
_diffrn.pdbx_serial_crystal_experiment   N 
# 
_diffrn_detector.details                      ? 
_diffrn_detector.detector                     PIXEL 
_diffrn_detector.diffrn_id                    1 
_diffrn_detector.type                         'DECTRIS PILATUS3 2M' 
_diffrn_detector.area_resol_mean              ? 
_diffrn_detector.dtime                        ? 
_diffrn_detector.pdbx_frames_total            ? 
_diffrn_detector.pdbx_collection_time_total   ? 
_diffrn_detector.pdbx_collection_date         2019-11-07 
_diffrn_detector.pdbx_frequency               ? 
# 
_diffrn_radiation.collimation                      ? 
_diffrn_radiation.diffrn_id                        1 
_diffrn_radiation.filter_edge                      ? 
_diffrn_radiation.inhomogeneity                    ? 
_diffrn_radiation.monochromator                    'DCM Si(111)' 
_diffrn_radiation.polarisn_norm                    ? 
_diffrn_radiation.polarisn_ratio                   ? 
_diffrn_radiation.probe                            ? 
_diffrn_radiation.type                             ? 
_diffrn_radiation.xray_symbol                      ? 
_diffrn_radiation.wavelength_id                    1 
_diffrn_radiation.pdbx_monochromatic_or_laue_m_l   M 
_diffrn_radiation.pdbx_wavelength_list             ? 
_diffrn_radiation.pdbx_wavelength                  ? 
_diffrn_radiation.pdbx_diffrn_protocol             'SINGLE WAVELENGTH' 
_diffrn_radiation.pdbx_analyzer                    ? 
_diffrn_radiation.pdbx_scattering_type             x-ray 
# 
_diffrn_radiation_wavelength.id           1 
_diffrn_radiation_wavelength.wavelength   0.9184 
_diffrn_radiation_wavelength.wt           1.0 
# 
_diffrn_source.current                     ? 
_diffrn_source.details                     ? 
_diffrn_source.diffrn_id                   1 
_diffrn_source.power                       ? 
_diffrn_source.size                        ? 
_diffrn_source.source                      SYNCHROTRON 
_diffrn_source.target                      ? 
_diffrn_source.type                        'BESSY BEAMLINE 14.2' 
_diffrn_source.voltage                     ? 
_diffrn_source.take-off_angle              ? 
_diffrn_source.pdbx_wavelength_list        0.9184 
_diffrn_source.pdbx_wavelength             ? 
_diffrn_source.pdbx_synchrotron_beamline   14.2 
_diffrn_source.pdbx_synchrotron_site       BESSY 
# 
_reflns.B_iso_Wilson_estimate                          10.6 
_reflns.entry_id                                       7Q1Q 
_reflns.data_reduction_details                         ? 
_reflns.data_reduction_method                          ? 
_reflns.d_resolution_high                              1.00 
_reflns.d_resolution_low                               17.08 
_reflns.details                                        ? 
_reflns.limit_h_max                                    ? 
_reflns.limit_h_min                                    ? 
_reflns.limit_k_max                                    ? 
_reflns.limit_k_min                                    ? 
_reflns.limit_l_max                                    ? 
_reflns.limit_l_min                                    ? 
_reflns.number_all                                     ? 
_reflns.number_obs                                     20583 
_reflns.observed_criterion                             ? 
_reflns.observed_criterion_F_max                       ? 
_reflns.observed_criterion_F_min                       ? 
_reflns.observed_criterion_I_max                       ? 
_reflns.observed_criterion_I_min                       ? 
_reflns.observed_criterion_sigma_F                     ? 
_reflns.observed_criterion_sigma_I                     ? 
_reflns.percent_possible_obs                           92.2 
_reflns.R_free_details                                 ? 
_reflns.Rmerge_F_all                                   ? 
_reflns.Rmerge_F_obs                                   ? 
_reflns.Friedel_coverage                               ? 
_reflns.number_gt                                      ? 
_reflns.threshold_expression                           ? 
_reflns.pdbx_redundancy                                3.5 
_reflns.pdbx_Rmerge_I_obs                              0.041 
_reflns.pdbx_Rmerge_I_all                              ? 
_reflns.pdbx_Rsym_value                                ? 
_reflns.pdbx_netI_over_av_sigmaI                       ? 
_reflns.pdbx_netI_over_sigmaI                          12.69 
_reflns.pdbx_res_netI_over_av_sigmaI_2                 ? 
_reflns.pdbx_res_netI_over_sigmaI_2                    ? 
_reflns.pdbx_chi_squared                               ? 
_reflns.pdbx_scaling_rejects                           ? 
_reflns.pdbx_d_res_high_opt                            ? 
_reflns.pdbx_d_res_low_opt                             ? 
_reflns.pdbx_d_res_opt_method                          ? 
_reflns.phase_calculation_details                      ? 
_reflns.pdbx_Rrim_I_all                                0.049 
_reflns.pdbx_Rpim_I_all                                0.026 
_reflns.pdbx_d_opt                                     ? 
_reflns.pdbx_number_measured_all                       ? 
_reflns.pdbx_diffrn_id                                 1 
_reflns.pdbx_ordinal                                   1 
_reflns.pdbx_CC_half                                   0.999 
_reflns.pdbx_CC_star                                   1.000 
_reflns.pdbx_R_split                                   ? 
_reflns.pdbx_aniso_diffraction_limit_axis_1_ortho[1]   ? 
_reflns.pdbx_aniso_diffraction_limit_axis_1_ortho[2]   ? 
_reflns.pdbx_aniso_diffraction_limit_axis_1_ortho[3]   ? 
_reflns.pdbx_aniso_diffraction_limit_axis_2_ortho[1]   ? 
_reflns.pdbx_aniso_diffraction_limit_axis_2_ortho[2]   ? 
_reflns.pdbx_aniso_diffraction_limit_axis_2_ortho[3]   ? 
_reflns.pdbx_aniso_diffraction_limit_axis_3_ortho[1]   ? 
_reflns.pdbx_aniso_diffraction_limit_axis_3_ortho[2]   ? 
_reflns.pdbx_aniso_diffraction_limit_axis_3_ortho[3]   ? 
_reflns.pdbx_aniso_diffraction_limit_1                 ? 
_reflns.pdbx_aniso_diffraction_limit_2                 ? 
_reflns.pdbx_aniso_diffraction_limit_3                 ? 
_reflns.pdbx_aniso_B_tensor_eigenvector_1_ortho[1]     ? 
_reflns.pdbx_aniso_B_tensor_eigenvector_1_ortho[2]     ? 
_reflns.pdbx_aniso_B_tensor_eigenvector_1_ortho[3]     ? 
_reflns.pdbx_aniso_B_tensor_eigenvector_2_ortho[1]     ? 
_reflns.pdbx_aniso_B_tensor_eigenvector_2_ortho[2]     ? 
_reflns.pdbx_aniso_B_tensor_eigenvector_2_ortho[3]     ? 
_reflns.pdbx_aniso_B_tensor_eigenvector_3_ortho[1]     ? 
_reflns.pdbx_aniso_B_tensor_eigenvector_3_ortho[2]     ? 
_reflns.pdbx_aniso_B_tensor_eigenvector_3_ortho[3]     ? 
_reflns.pdbx_aniso_B_tensor_eigenvalue_1               ? 
_reflns.pdbx_aniso_B_tensor_eigenvalue_2               ? 
_reflns.pdbx_aniso_B_tensor_eigenvalue_3               ? 
_reflns.pdbx_orthogonalization_convention              ? 
_reflns.pdbx_percent_possible_ellipsoidal              ? 
_reflns.pdbx_percent_possible_spherical                ? 
_reflns.pdbx_percent_possible_ellipsoidal_anomalous    ? 
_reflns.pdbx_percent_possible_spherical_anomalous      ? 
_reflns.pdbx_redundancy_anomalous                      ? 
_reflns.pdbx_CC_half_anomalous                         ? 
_reflns.pdbx_absDiff_over_sigma_anomalous              ? 
_reflns.pdbx_percent_possible_anomalous                ? 
_reflns.pdbx_observed_signal_threshold                 ? 
_reflns.pdbx_signal_type                               ? 
_reflns.pdbx_signal_details                            ? 
_reflns.pdbx_signal_software_id                        ? 
# 
_reflns_shell.d_res_high                                    1.00 
_reflns_shell.d_res_low                                     1.04 
_reflns_shell.meanI_over_sigI_all                           ? 
_reflns_shell.meanI_over_sigI_obs                           0.81 
_reflns_shell.number_measured_all                           ? 
_reflns_shell.number_measured_obs                           ? 
_reflns_shell.number_possible                               ? 
_reflns_shell.number_unique_all                             ? 
_reflns_shell.number_unique_obs                             1960 
_reflns_shell.percent_possible_all                          87.2 
_reflns_shell.percent_possible_obs                          ? 
_reflns_shell.Rmerge_F_all                                  ? 
_reflns_shell.Rmerge_F_obs                                  ? 
_reflns_shell.Rmerge_I_all                                  ? 
_reflns_shell.Rmerge_I_obs                                  1.351 
_reflns_shell.meanI_over_sigI_gt                            ? 
_reflns_shell.meanI_over_uI_all                             ? 
_reflns_shell.meanI_over_uI_gt                              ? 
_reflns_shell.number_measured_gt                            ? 
_reflns_shell.number_unique_gt                              ? 
_reflns_shell.percent_possible_gt                           ? 
_reflns_shell.Rmerge_F_gt                                   ? 
_reflns_shell.Rmerge_I_gt                                   ? 
_reflns_shell.pdbx_redundancy                               3.4 
_reflns_shell.pdbx_Rsym_value                               ? 
_reflns_shell.pdbx_chi_squared                              ? 
_reflns_shell.pdbx_netI_over_sigmaI_all                     ? 
_reflns_shell.pdbx_netI_over_sigmaI_obs                     ? 
_reflns_shell.pdbx_Rrim_I_all                               1.600 
_reflns_shell.pdbx_Rpim_I_all                               0.848 
_reflns_shell.pdbx_rejects                                  ? 
_reflns_shell.pdbx_ordinal                                  1 
_reflns_shell.pdbx_diffrn_id                                1 
_reflns_shell.pdbx_CC_half                                  0.451 
_reflns_shell.pdbx_CC_star                                  0.788 
_reflns_shell.pdbx_R_split                                  ? 
_reflns_shell.pdbx_percent_possible_ellipsoidal             ? 
_reflns_shell.pdbx_percent_possible_spherical               ? 
_reflns_shell.pdbx_percent_possible_ellipsoidal_anomalous   ? 
_reflns_shell.pdbx_percent_possible_spherical_anomalous     ? 
_reflns_shell.pdbx_redundancy_anomalous                     ? 
_reflns_shell.pdbx_CC_half_anomalous                        ? 
_reflns_shell.pdbx_absDiff_over_sigma_anomalous             ? 
_reflns_shell.pdbx_percent_possible_anomalous               ? 
# 
_refine.aniso_B[1][1]                            ? 
_refine.aniso_B[1][2]                            ? 
_refine.aniso_B[1][3]                            ? 
_refine.aniso_B[2][2]                            ? 
_refine.aniso_B[2][3]                            ? 
_refine.aniso_B[3][3]                            ? 
_refine.B_iso_max                                42.530 
_refine.B_iso_mean                               15.3 
_refine.B_iso_min                                7.320 
_refine.correlation_coeff_Fo_to_Fc               ? 
_refine.correlation_coeff_Fo_to_Fc_free          ? 
_refine.details                                  ? 
_refine.diff_density_max                         ? 
_refine.diff_density_max_esd                     ? 
_refine.diff_density_min                         ? 
_refine.diff_density_min_esd                     ? 
_refine.diff_density_rms                         ? 
_refine.diff_density_rms_esd                     ? 
_refine.entry_id                                 7Q1Q 
_refine.pdbx_refine_id                           'X-RAY DIFFRACTION' 
_refine.ls_abs_structure_details                 ? 
_refine.ls_abs_structure_Flack                   ? 
_refine.ls_abs_structure_Flack_esd               ? 
_refine.ls_abs_structure_Rogers                  ? 
_refine.ls_abs_structure_Rogers_esd              ? 
_refine.ls_d_res_high                            1.0000 
_refine.ls_d_res_low                             17.08 
_refine.ls_extinction_coef                       ? 
_refine.ls_extinction_coef_esd                   ? 
_refine.ls_extinction_expression                 ? 
_refine.ls_extinction_method                     ? 
_refine.ls_goodness_of_fit_all                   ? 
_refine.ls_goodness_of_fit_all_esd               ? 
_refine.ls_goodness_of_fit_obs                   ? 
_refine.ls_goodness_of_fit_obs_esd               ? 
_refine.ls_hydrogen_treatment                    ? 
_refine.ls_matrix_type                           ? 
_refine.ls_number_constraints                    ? 
_refine.ls_number_parameters                     ? 
_refine.ls_number_reflns_all                     ? 
_refine.ls_number_reflns_obs                     20573 
_refine.ls_number_reflns_R_free                  1029 
_refine.ls_number_reflns_R_work                  19561 
_refine.ls_number_restraints                     ? 
_refine.ls_percent_reflns_obs                    91.6700 
_refine.ls_percent_reflns_R_free                 5.0000 
_refine.ls_R_factor_all                          ? 
_refine.ls_R_factor_obs                          0.1600 
_refine.ls_R_factor_R_free                       0.1960 
_refine.ls_R_factor_R_free_error                 ? 
_refine.ls_R_factor_R_free_error_details         ? 
_refine.ls_R_factor_R_work                       0.1570 
_refine.ls_R_Fsqd_factor_obs                     ? 
_refine.ls_R_I_factor_obs                        ? 
_refine.ls_redundancy_reflns_all                 ? 
_refine.ls_redundancy_reflns_obs                 ? 
_refine.ls_restrained_S_all                      ? 
_refine.ls_restrained_S_obs                      ? 
_refine.ls_shift_over_esd_max                    ? 
_refine.ls_shift_over_esd_mean                   ? 
_refine.ls_structure_factor_coef                 ? 
_refine.ls_weighting_details                     ? 
_refine.ls_weighting_scheme                      ? 
_refine.ls_wR_factor_all                         ? 
_refine.ls_wR_factor_obs                         ? 
_refine.ls_wR_factor_R_free                      ? 
_refine.ls_wR_factor_R_work                      ? 
_refine.occupancy_max                            ? 
_refine.occupancy_min                            ? 
_refine.solvent_model_details                    'FLAT BULK SOLVENT MODEL' 
_refine.solvent_model_param_bsol                 ? 
_refine.solvent_model_param_ksol                 ? 
_refine.pdbx_R_complete                          ? 
_refine.ls_R_factor_gt                           ? 
_refine.ls_goodness_of_fit_gt                    ? 
_refine.ls_goodness_of_fit_ref                   ? 
_refine.ls_shift_over_su_max                     ? 
_refine.ls_shift_over_su_max_lt                  ? 
_refine.ls_shift_over_su_mean                    ? 
_refine.ls_shift_over_su_mean_lt                 ? 
_refine.pdbx_ls_sigma_I                          ? 
_refine.pdbx_ls_sigma_F                          ? 
_refine.pdbx_ls_sigma_Fsqd                       ? 
_refine.pdbx_data_cutoff_high_absF               ? 
_refine.pdbx_data_cutoff_high_rms_absF           ? 
_refine.pdbx_data_cutoff_low_absF                ? 
_refine.pdbx_isotropic_thermal_model             ? 
_refine.pdbx_ls_cross_valid_method               THROUGHOUT 
_refine.pdbx_method_to_determine_struct          'MOLECULAR REPLACEMENT' 
_refine.pdbx_starting_model                      'Poly-Alanine coiled-coil' 
_refine.pdbx_stereochemistry_target_values       ML 
_refine.pdbx_R_Free_selection_details            ? 
_refine.pdbx_stereochem_target_val_spec_case     ? 
_refine.pdbx_overall_ESU_R                       ? 
_refine.pdbx_overall_ESU_R_Free                  ? 
_refine.pdbx_solvent_vdw_probe_radii             1.1100 
_refine.pdbx_solvent_ion_probe_radii             ? 
_refine.pdbx_solvent_shrinkage_radii             0.9000 
_refine.pdbx_real_space_R                        ? 
_refine.pdbx_density_correlation                 ? 
_refine.pdbx_pd_number_of_powder_patterns        ? 
_refine.pdbx_pd_number_of_points                 ? 
_refine.pdbx_pd_meas_number_of_points            ? 
_refine.pdbx_pd_proc_ls_prof_R_factor            ? 
_refine.pdbx_pd_proc_ls_prof_wR_factor           ? 
_refine.pdbx_pd_Marquardt_correlation_coeff      ? 
_refine.pdbx_pd_Fsqrd_R_factor                   ? 
_refine.pdbx_pd_ls_matrix_band_width             ? 
_refine.pdbx_overall_phase_error                 28.6500 
_refine.pdbx_overall_SU_R_free_Cruickshank_DPI   ? 
_refine.pdbx_overall_SU_R_free_Blow_DPI          ? 
_refine.pdbx_overall_SU_R_Blow_DPI               ? 
_refine.pdbx_TLS_residual_ADP_flag               ? 
_refine.pdbx_diffrn_id                           1 
_refine.overall_SU_B                             ? 
_refine.overall_SU_ML                            0.1500 
_refine.overall_SU_R_Cruickshank_DPI             ? 
_refine.overall_SU_R_free                        ? 
_refine.overall_FOM_free_R_set                   ? 
_refine.overall_FOM_work_R_set                   ? 
_refine.pdbx_average_fsc_overall                 ? 
_refine.pdbx_average_fsc_work                    ? 
_refine.pdbx_average_fsc_free                    ? 
# 
_refine_hist.pdbx_refine_id                   'X-RAY DIFFRACTION' 
_refine_hist.cycle_id                         final 
_refine_hist.details                          ? 
_refine_hist.d_res_high                       1.0000 
_refine_hist.d_res_low                        17.08 
_refine_hist.number_atoms_solvent             63 
_refine_hist.number_atoms_total               541 
_refine_hist.number_reflns_all                ? 
_refine_hist.number_reflns_obs                ? 
_refine_hist.number_reflns_R_free             ? 
_refine_hist.number_reflns_R_work             ? 
_refine_hist.R_factor_all                     ? 
_refine_hist.R_factor_obs                     ? 
_refine_hist.R_factor_R_free                  ? 
_refine_hist.R_factor_R_work                  ? 
_refine_hist.pdbx_number_residues_total       63 
_refine_hist.pdbx_B_iso_mean_ligand           32.04 
_refine_hist.pdbx_B_iso_mean_solvent          25.17 
_refine_hist.pdbx_number_atoms_protein        471 
_refine_hist.pdbx_number_atoms_nucleic_acid   0 
_refine_hist.pdbx_number_atoms_ligand         7 
_refine_hist.pdbx_number_atoms_lipid          ? 
_refine_hist.pdbx_number_atoms_carb           ? 
_refine_hist.pdbx_pseudo_atom_details         ? 
# 
loop_
_refine_ls_shell.pdbx_refine_id 
_refine_ls_shell.d_res_high 
_refine_ls_shell.d_res_low 
_refine_ls_shell.number_reflns_all 
_refine_ls_shell.number_reflns_obs 
_refine_ls_shell.number_reflns_R_free 
_refine_ls_shell.number_reflns_R_work 
_refine_ls_shell.percent_reflns_obs 
_refine_ls_shell.percent_reflns_R_free 
_refine_ls_shell.R_factor_all 
_refine_ls_shell.R_factor_obs 
_refine_ls_shell.R_factor_R_free 
_refine_ls_shell.R_factor_R_free_error 
_refine_ls_shell.R_factor_R_work 
_refine_ls_shell.redundancy_reflns_all 
_refine_ls_shell.redundancy_reflns_obs 
_refine_ls_shell.wR_factor_all 
_refine_ls_shell.wR_factor_obs 
_refine_ls_shell.wR_factor_R_free 
_refine_ls_shell.wR_factor_R_work 
_refine_ls_shell.pdbx_R_complete 
_refine_ls_shell.pdbx_total_number_of_bins_used 
_refine_ls_shell.pdbx_phase_error 
_refine_ls_shell.pdbx_fsc_work 
_refine_ls_shell.pdbx_fsc_free 
'X-RAY DIFFRACTION' 1.0000 1.0400  . . 135 2561 84.0000 . . . 0.4144 0.0000 0.3980 . . . . . . . . . . . 
'X-RAY DIFFRACTION' 1.0500 1.1200  . . 144 2733 89.0000 . . . 0.3054 0.0000 0.2585 . . . . . . . . . . . 
'X-RAY DIFFRACTION' 1.1200 1.2000  . . 145 2760 91.0000 . . . 0.2464 0.0000 0.1930 . . . . . . . . . . . 
'X-RAY DIFFRACTION' 1.2000 1.3200  . . 148 2814 92.0000 . . . 0.2060 0.0000 0.1559 . . . . . . . . . . . 
'X-RAY DIFFRACTION' 1.3200 1.5100  . . 150 2861 93.0000 . . . 0.1765 0.0000 0.1332 . . . . . . . . . . . 
'X-RAY DIFFRACTION' 1.5200 1.9100  . . 153 2889 95.0000 . . . 0.1573 0.0000 0.1516 . . . . . . . . . . . 
'X-RAY DIFFRACTION' 1.9100 17.0800 . . 155 2943 97.0000 . . . 0.1834 0.0000 0.1378 . . . . . . . . . . . 
# 
_struct.entry_id                     7Q1Q 
_struct.title                        'De novo designed homo-dimeric antiparallel helices Homomer-S' 
_struct.pdbx_model_details           ? 
_struct.pdbx_formula_weight          ? 
_struct.pdbx_formula_weight_method   ? 
_struct.pdbx_model_type_details      ? 
_struct.pdbx_CASP_flag               N 
# 
_struct_keywords.entry_id        7Q1Q 
_struct_keywords.text            
'antiparallel homo-dimeric coiled-coil, de novo, protein design, associating peptides, DE NOVO PROTEIN' 
_struct_keywords.pdbx_keywords   'DE NOVO PROTEIN' 
# 
loop_
_struct_asym.id 
_struct_asym.pdbx_blank_PDB_chainid_flag 
_struct_asym.pdbx_modified 
_struct_asym.entity_id 
_struct_asym.details 
A N N 1 ? 
B N N 1 ? 
C N N 2 ? 
D N N 3 ? 
E N N 3 ? 
# 
_struct_ref.id                         1 
_struct_ref.db_name                    PDB 
_struct_ref.db_code                    7Q1Q 
_struct_ref.pdbx_db_accession          7Q1Q 
_struct_ref.pdbx_db_isoform            ? 
_struct_ref.entity_id                  1 
_struct_ref.pdbx_seq_one_letter_code   ? 
_struct_ref.pdbx_align_begin           1 
# 
loop_
_struct_ref_seq.align_id 
_struct_ref_seq.ref_id 
_struct_ref_seq.pdbx_PDB_id_code 
_struct_ref_seq.pdbx_strand_id 
_struct_ref_seq.seq_align_beg 
_struct_ref_seq.pdbx_seq_align_beg_ins_code 
_struct_ref_seq.seq_align_end 
_struct_ref_seq.pdbx_seq_align_end_ins_code 
_struct_ref_seq.pdbx_db_accession 
_struct_ref_seq.db_align_beg 
_struct_ref_seq.pdbx_db_align_beg_ins_code 
_struct_ref_seq.db_align_end 
_struct_ref_seq.pdbx_db_align_end_ins_code 
_struct_ref_seq.pdbx_auth_seq_align_beg 
_struct_ref_seq.pdbx_auth_seq_align_end 
1 1 7Q1Q A 1 ? 32 ? 7Q1Q 0 ? 31 ? 0 31 
2 1 7Q1Q B 1 ? 32 ? 7Q1Q 0 ? 31 ? 0 31 
# 
_pdbx_struct_assembly.id                   1 
_pdbx_struct_assembly.details              author_and_software_defined_assembly 
_pdbx_struct_assembly.method_details       PISA 
_pdbx_struct_assembly.oligomeric_details   dimeric 
_pdbx_struct_assembly.oligomeric_count     2 
# 
loop_
_pdbx_struct_assembly_prop.biol_id 
_pdbx_struct_assembly_prop.type 
_pdbx_struct_assembly_prop.value 
_pdbx_struct_assembly_prop.details 
1 'ABSA (A^2)' 1220 ? 
1 MORE         -12  ? 
1 'SSA (A^2)'  5550 ? 
# 
_pdbx_struct_assembly_gen.assembly_id       1 
_pdbx_struct_assembly_gen.oper_expression   1 
_pdbx_struct_assembly_gen.asym_id_list      A,B,C,D,E 
# 
_pdbx_struct_assembly_auth_evidence.id                     1 
_pdbx_struct_assembly_auth_evidence.assembly_id            1 
_pdbx_struct_assembly_auth_evidence.experimental_support   'equilibrium centrifugation' 
_pdbx_struct_assembly_auth_evidence.details                ? 
# 
_pdbx_struct_oper_list.id                   1 
_pdbx_struct_oper_list.type                 'identity operation' 
_pdbx_struct_oper_list.name                 1_555 
_pdbx_struct_oper_list.symmetry_operation   x,y,z 
_pdbx_struct_oper_list.matrix[1][1]         1.0000000000 
_pdbx_struct_oper_list.matrix[1][2]         0.0000000000 
_pdbx_struct_oper_list.matrix[1][3]         0.0000000000 
_pdbx_struct_oper_list.vector[1]            0.0000000000 
_pdbx_struct_oper_list.matrix[2][1]         0.0000000000 
_pdbx_struct_oper_list.matrix[2][2]         1.0000000000 
_pdbx_struct_oper_list.matrix[2][3]         0.0000000000 
_pdbx_struct_oper_list.vector[2]            0.0000000000 
_pdbx_struct_oper_list.matrix[3][1]         0.0000000000 
_pdbx_struct_oper_list.matrix[3][2]         0.0000000000 
_pdbx_struct_oper_list.matrix[3][3]         1.0000000000 
_pdbx_struct_oper_list.vector[3]            0.0000000000 
# 
loop_
_struct_conf.conf_type_id 
_struct_conf.id 
_struct_conf.pdbx_PDB_helix_id 
_struct_conf.beg_label_comp_id 
_struct_conf.beg_label_asym_id 
_struct_conf.beg_label_seq_id 
_struct_conf.pdbx_beg_PDB_ins_code 
_struct_conf.end_label_comp_id 
_struct_conf.end_label_asym_id 
_struct_conf.end_label_seq_id 
_struct_conf.pdbx_end_PDB_ins_code 
_struct_conf.beg_auth_comp_id 
_struct_conf.beg_auth_asym_id 
_struct_conf.beg_auth_seq_id 
_struct_conf.end_auth_comp_id 
_struct_conf.end_auth_asym_id 
_struct_conf.end_auth_seq_id 
_struct_conf.pdbx_PDB_helix_class 
_struct_conf.details 
_struct_conf.pdbx_PDB_helix_length 
HELX_P HELX_P1 AA1 GLY A 2 ? GLY A 31 ? GLY A 1 GLY A 30 1 ? 30 
HELX_P HELX_P2 AA2 GLY B 2 ? GLY B 31 ? GLY B 1 GLY B 30 1 ? 30 
# 
_struct_conf_type.id          HELX_P 
_struct_conf_type.criteria    ? 
_struct_conf_type.reference   ? 
# 
loop_
_struct_conn.id 
_struct_conn.conn_type_id 
_struct_conn.pdbx_leaving_atom_flag 
_struct_conn.pdbx_PDB_id 
_struct_conn.ptnr1_label_asym_id 
_struct_conn.ptnr1_label_comp_id 
_struct_conn.ptnr1_label_seq_id 
_struct_conn.ptnr1_label_atom_id 
_struct_conn.pdbx_ptnr1_label_alt_id 
_struct_conn.pdbx_ptnr1_PDB_ins_code 
_struct_conn.pdbx_ptnr1_standard_comp_id 
_struct_conn.ptnr1_symmetry 
_struct_conn.ptnr2_label_asym_id 
_struct_conn.ptnr2_label_comp_id 
_struct_conn.ptnr2_label_seq_id 
_struct_conn.ptnr2_label_atom_id 
_struct_conn.pdbx_ptnr2_label_alt_id 
_struct_conn.pdbx_ptnr2_PDB_ins_code 
_struct_conn.ptnr1_auth_asym_id 
_struct_conn.ptnr1_auth_comp_id 
_struct_conn.ptnr1_auth_seq_id 
_struct_conn.ptnr2_auth_asym_id 
_struct_conn.ptnr2_auth_comp_id 
_struct_conn.ptnr2_auth_seq_id 
_struct_conn.ptnr2_symmetry 
_struct_conn.pdbx_ptnr3_label_atom_id 
_struct_conn.pdbx_ptnr3_label_seq_id 
_struct_conn.pdbx_ptnr3_label_comp_id 
_struct_conn.pdbx_ptnr3_label_asym_id 
_struct_conn.pdbx_ptnr3_label_alt_id 
_struct_conn.pdbx_ptnr3_PDB_ins_code 
_struct_conn.details 
_struct_conn.pdbx_dist_value 
_struct_conn.pdbx_value_order 
_struct_conn.pdbx_role 
covale1 covale both ? A ACE 1  C ? ? ? 1_555 A GLY 2  N ? ? A ACE 0  A GLY 1  1_555 ? ? ? ? ? ? ? 1.353 ? ? 
covale2 covale both ? A GLY 31 C ? ? ? 1_555 A NH2 32 N ? ? A GLY 30 A NH2 31 1_555 ? ? ? ? ? ? ? 1.391 ? ? 
covale3 covale both ? B ACE 1  C ? ? ? 1_555 B GLY 2  N ? ? B ACE 0  B GLY 1  1_555 ? ? ? ? ? ? ? 1.357 ? ? 
# 
_struct_conn_type.id          covale 
_struct_conn_type.criteria    ? 
_struct_conn_type.reference   ? 
# 
loop_
_pdbx_modification_feature.ordinal 
_pdbx_modification_feature.label_comp_id 
_pdbx_modification_feature.label_asym_id 
_pdbx_modification_feature.label_seq_id 
_pdbx_modification_feature.label_alt_id 
_pdbx_modification_feature.modified_residue_label_comp_id 
_pdbx_modification_feature.modified_residue_label_asym_id 
_pdbx_modification_feature.modified_residue_label_seq_id 
_pdbx_modification_feature.modified_residue_label_alt_id 
_pdbx_modification_feature.auth_comp_id 
_pdbx_modification_feature.auth_asym_id 
_pdbx_modification_feature.auth_seq_id 
_pdbx_modification_feature.PDB_ins_code 
_pdbx_modification_feature.symmetry 
_pdbx_modification_feature.modified_residue_auth_comp_id 
_pdbx_modification_feature.modified_residue_auth_asym_id 
_pdbx_modification_feature.modified_residue_auth_seq_id 
_pdbx_modification_feature.modified_residue_PDB_ins_code 
_pdbx_modification_feature.modified_residue_symmetry 
_pdbx_modification_feature.comp_id_linking_atom 
_pdbx_modification_feature.modified_residue_id_linking_atom 
_pdbx_modification_feature.modified_residue_id 
_pdbx_modification_feature.ref_pcm_id 
_pdbx_modification_feature.ref_comp_id 
_pdbx_modification_feature.type 
_pdbx_modification_feature.category 
1 ACE A 1  ? GLY A 2  ? ACE A 0  ? 1_555 GLY A 1  ? 1_555 . . GLY 12 ACE None 'Terminal acetylation' 
2 ACE B 1  ? GLY B 2  ? ACE B 0  ? 1_555 GLY B 1  ? 1_555 . . GLY 12 ACE None 'Terminal acetylation' 
3 NH2 A 32 ? GLY A 31 ? NH2 A 31 ? 1_555 GLY A 30 ? 1_555 . . GLY 12 NH2 None 'Terminal amidation'   
# 
_pdbx_entry_details.entry_id                   7Q1Q 
_pdbx_entry_details.has_ligand_of_interest     N 
_pdbx_entry_details.compound_details           ? 
_pdbx_entry_details.source_details             ? 
_pdbx_entry_details.nonpolymer_details         ? 
_pdbx_entry_details.sequence_details           ? 
_pdbx_entry_details.has_protein_modification   Y 
# 
loop_
_pdbx_validate_symm_contact.id 
_pdbx_validate_symm_contact.PDB_model_num 
_pdbx_validate_symm_contact.auth_atom_id_1 
_pdbx_validate_symm_contact.auth_asym_id_1 
_pdbx_validate_symm_contact.auth_comp_id_1 
_pdbx_validate_symm_contact.auth_seq_id_1 
_pdbx_validate_symm_contact.PDB_ins_code_1 
_pdbx_validate_symm_contact.label_alt_id_1 
_pdbx_validate_symm_contact.site_symmetry_1 
_pdbx_validate_symm_contact.auth_atom_id_2 
_pdbx_validate_symm_contact.auth_asym_id_2 
_pdbx_validate_symm_contact.auth_comp_id_2 
_pdbx_validate_symm_contact.auth_seq_id_2 
_pdbx_validate_symm_contact.PDB_ins_code_2 
_pdbx_validate_symm_contact.label_alt_id_2 
_pdbx_validate_symm_contact.site_symmetry_2 
_pdbx_validate_symm_contact.dist 
1 1 HE22 A GLN 5 ? A 1_555 O B ACE 0   ? ? 1_444 1.02 
2 1 NE2  A GLN 5 ? A 1_555 O B ACE 0   ? ? 1_444 1.30 
3 1 HE21 A GLN 5 ? A 1_555 O B ACE 0   ? ? 1_444 1.30 
4 1 OE2  B GLU 4 ? B 1_555 O A HOH 224 ? ? 1_666 2.02 
# 
_pdbx_unobs_or_zero_occ_residues.id               1 
_pdbx_unobs_or_zero_occ_residues.PDB_model_num    1 
_pdbx_unobs_or_zero_occ_residues.polymer_flag     Y 
_pdbx_unobs_or_zero_occ_residues.occupancy_flag   1 
_pdbx_unobs_or_zero_occ_residues.auth_asym_id     B 
_pdbx_unobs_or_zero_occ_residues.auth_comp_id     NH2 
_pdbx_unobs_or_zero_occ_residues.auth_seq_id      31 
_pdbx_unobs_or_zero_occ_residues.PDB_ins_code     ? 
_pdbx_unobs_or_zero_occ_residues.label_asym_id    B 
_pdbx_unobs_or_zero_occ_residues.label_comp_id    NH2 
_pdbx_unobs_or_zero_occ_residues.label_seq_id     32 
# 
loop_
_chem_comp_atom.comp_id 
_chem_comp_atom.atom_id 
_chem_comp_atom.type_symbol 
_chem_comp_atom.pdbx_aromatic_flag 
_chem_comp_atom.pdbx_stereo_config 
_chem_comp_atom.pdbx_ordinal 
ACE C    C N N 1   
ACE O    O N N 2   
ACE CH3  C N N 3   
ACE H    H N N 4   
ACE H1   H N N 5   
ACE H2   H N N 6   
ACE H3   H N N 7   
ACT C    C N N 8   
ACT O    O N N 9   
ACT OXT  O N N 10  
ACT CH3  C N N 11  
ACT H1   H N N 12  
ACT H2   H N N 13  
ACT H3   H N N 14  
ALA N    N N N 15  
ALA CA   C N S 16  
ALA C    C N N 17  
ALA O    O N N 18  
ALA CB   C N N 19  
ALA OXT  O N N 20  
ALA H    H N N 21  
ALA H2   H N N 22  
ALA HA   H N N 23  
ALA HB1  H N N 24  
ALA HB2  H N N 25  
ALA HB3  H N N 26  
ALA HXT  H N N 27  
ARG N    N N N 28  
ARG CA   C N S 29  
ARG C    C N N 30  
ARG O    O N N 31  
ARG CB   C N N 32  
ARG CG   C N N 33  
ARG CD   C N N 34  
ARG NE   N N N 35  
ARG CZ   C N N 36  
ARG NH1  N N N 37  
ARG NH2  N N N 38  
ARG OXT  O N N 39  
ARG H    H N N 40  
ARG H2   H N N 41  
ARG HA   H N N 42  
ARG HB2  H N N 43  
ARG HB3  H N N 44  
ARG HG2  H N N 45  
ARG HG3  H N N 46  
ARG HD2  H N N 47  
ARG HD3  H N N 48  
ARG HE   H N N 49  
ARG HH11 H N N 50  
ARG HH12 H N N 51  
ARG HH21 H N N 52  
ARG HH22 H N N 53  
ARG HXT  H N N 54  
ASN N    N N N 55  
ASN CA   C N S 56  
ASN C    C N N 57  
ASN O    O N N 58  
ASN CB   C N N 59  
ASN CG   C N N 60  
ASN OD1  O N N 61  
ASN ND2  N N N 62  
ASN OXT  O N N 63  
ASN H    H N N 64  
ASN H2   H N N 65  
ASN HA   H N N 66  
ASN HB2  H N N 67  
ASN HB3  H N N 68  
ASN HD21 H N N 69  
ASN HD22 H N N 70  
ASN HXT  H N N 71  
GLN N    N N N 72  
GLN CA   C N S 73  
GLN C    C N N 74  
GLN O    O N N 75  
GLN CB   C N N 76  
GLN CG   C N N 77  
GLN CD   C N N 78  
GLN OE1  O N N 79  
GLN NE2  N N N 80  
GLN OXT  O N N 81  
GLN H    H N N 82  
GLN H2   H N N 83  
GLN HA   H N N 84  
GLN HB2  H N N 85  
GLN HB3  H N N 86  
GLN HG2  H N N 87  
GLN HG3  H N N 88  
GLN HE21 H N N 89  
GLN HE22 H N N 90  
GLN HXT  H N N 91  
GLU N    N N N 92  
GLU CA   C N S 93  
GLU C    C N N 94  
GLU O    O N N 95  
GLU CB   C N N 96  
GLU CG   C N N 97  
GLU CD   C N N 98  
GLU OE1  O N N 99  
GLU OE2  O N N 100 
GLU OXT  O N N 101 
GLU H    H N N 102 
GLU H2   H N N 103 
GLU HA   H N N 104 
GLU HB2  H N N 105 
GLU HB3  H N N 106 
GLU HG2  H N N 107 
GLU HG3  H N N 108 
GLU HE2  H N N 109 
GLU HXT  H N N 110 
GLY N    N N N 111 
GLY CA   C N N 112 
GLY C    C N N 113 
GLY O    O N N 114 
GLY OXT  O N N 115 
GLY H    H N N 116 
GLY H2   H N N 117 
GLY HA2  H N N 118 
GLY HA3  H N N 119 
GLY HXT  H N N 120 
HOH O    O N N 121 
HOH H1   H N N 122 
HOH H2   H N N 123 
ILE N    N N N 124 
ILE CA   C N S 125 
ILE C    C N N 126 
ILE O    O N N 127 
ILE CB   C N S 128 
ILE CG1  C N N 129 
ILE CG2  C N N 130 
ILE CD1  C N N 131 
ILE OXT  O N N 132 
ILE H    H N N 133 
ILE H2   H N N 134 
ILE HA   H N N 135 
ILE HB   H N N 136 
ILE HG12 H N N 137 
ILE HG13 H N N 138 
ILE HG21 H N N 139 
ILE HG22 H N N 140 
ILE HG23 H N N 141 
ILE HD11 H N N 142 
ILE HD12 H N N 143 
ILE HD13 H N N 144 
ILE HXT  H N N 145 
LEU N    N N N 146 
LEU CA   C N S 147 
LEU C    C N N 148 
LEU O    O N N 149 
LEU CB   C N N 150 
LEU CG   C N N 151 
LEU CD1  C N N 152 
LEU CD2  C N N 153 
LEU OXT  O N N 154 
LEU H    H N N 155 
LEU H2   H N N 156 
LEU HA   H N N 157 
LEU HB2  H N N 158 
LEU HB3  H N N 159 
LEU HG   H N N 160 
LEU HD11 H N N 161 
LEU HD12 H N N 162 
LEU HD13 H N N 163 
LEU HD21 H N N 164 
LEU HD22 H N N 165 
LEU HD23 H N N 166 
LEU HXT  H N N 167 
LYS N    N N N 168 
LYS CA   C N S 169 
LYS C    C N N 170 
LYS O    O N N 171 
LYS CB   C N N 172 
LYS CG   C N N 173 
LYS CD   C N N 174 
LYS CE   C N N 175 
LYS NZ   N N N 176 
LYS OXT  O N N 177 
LYS H    H N N 178 
LYS H2   H N N 179 
LYS HA   H N N 180 
LYS HB2  H N N 181 
LYS HB3  H N N 182 
LYS HG2  H N N 183 
LYS HG3  H N N 184 
LYS HD2  H N N 185 
LYS HD3  H N N 186 
LYS HE2  H N N 187 
LYS HE3  H N N 188 
LYS HZ1  H N N 189 
LYS HZ2  H N N 190 
LYS HZ3  H N N 191 
LYS HXT  H N N 192 
NH2 N    N N N 193 
NH2 HN1  H N N 194 
NH2 HN2  H N N 195 
SER N    N N N 196 
SER CA   C N S 197 
SER C    C N N 198 
SER O    O N N 199 
SER CB   C N N 200 
SER OG   O N N 201 
SER OXT  O N N 202 
SER H    H N N 203 
SER H2   H N N 204 
SER HA   H N N 205 
SER HB2  H N N 206 
SER HB3  H N N 207 
SER HG   H N N 208 
SER HXT  H N N 209 
TRP N    N N N 210 
TRP CA   C N S 211 
TRP C    C N N 212 
TRP O    O N N 213 
TRP CB   C N N 214 
TRP CG   C Y N 215 
TRP CD1  C Y N 216 
TRP CD2  C Y N 217 
TRP NE1  N Y N 218 
TRP CE2  C Y N 219 
TRP CE3  C Y N 220 
TRP CZ2  C Y N 221 
TRP CZ3  C Y N 222 
TRP CH2  C Y N 223 
TRP OXT  O N N 224 
TRP H    H N N 225 
TRP H2   H N N 226 
TRP HA   H N N 227 
TRP HB2  H N N 228 
TRP HB3  H N N 229 
TRP HD1  H N N 230 
TRP HE1  H N N 231 
TRP HE3  H N N 232 
TRP HZ2  H N N 233 
TRP HZ3  H N N 234 
TRP HH2  H N N 235 
TRP HXT  H N N 236 
# 
loop_
_chem_comp_bond.comp_id 
_chem_comp_bond.atom_id_1 
_chem_comp_bond.atom_id_2 
_chem_comp_bond.value_order 
_chem_comp_bond.pdbx_aromatic_flag 
_chem_comp_bond.pdbx_stereo_config 
_chem_comp_bond.pdbx_ordinal 
ACE C   O    doub N N 1   
ACE C   CH3  sing N N 2   
ACE C   H    sing N N 3   
ACE CH3 H1   sing N N 4   
ACE CH3 H2   sing N N 5   
ACE CH3 H3   sing N N 6   
ACT C   O    doub N N 7   
ACT C   OXT  sing N N 8   
ACT C   CH3  sing N N 9   
ACT CH3 H1   sing N N 10  
ACT CH3 H2   sing N N 11  
ACT CH3 H3   sing N N 12  
ALA N   CA   sing N N 13  
ALA N   H    sing N N 14  
ALA N   H2   sing N N 15  
ALA CA  C    sing N N 16  
ALA CA  CB   sing N N 17  
ALA CA  HA   sing N N 18  
ALA C   O    doub N N 19  
ALA C   OXT  sing N N 20  
ALA CB  HB1  sing N N 21  
ALA CB  HB2  sing N N 22  
ALA CB  HB3  sing N N 23  
ALA OXT HXT  sing N N 24  
ARG N   CA   sing N N 25  
ARG N   H    sing N N 26  
ARG N   H2   sing N N 27  
ARG CA  C    sing N N 28  
ARG CA  CB   sing N N 29  
ARG CA  HA   sing N N 30  
ARG C   O    doub N N 31  
ARG C   OXT  sing N N 32  
ARG CB  CG   sing N N 33  
ARG CB  HB2  sing N N 34  
ARG CB  HB3  sing N N 35  
ARG CG  CD   sing N N 36  
ARG CG  HG2  sing N N 37  
ARG CG  HG3  sing N N 38  
ARG CD  NE   sing N N 39  
ARG CD  HD2  sing N N 40  
ARG CD  HD3  sing N N 41  
ARG NE  CZ   sing N N 42  
ARG NE  HE   sing N N 43  
ARG CZ  NH1  sing N N 44  
ARG CZ  NH2  doub N N 45  
ARG NH1 HH11 sing N N 46  
ARG NH1 HH12 sing N N 47  
ARG NH2 HH21 sing N N 48  
ARG NH2 HH22 sing N N 49  
ARG OXT HXT  sing N N 50  
ASN N   CA   sing N N 51  
ASN N   H    sing N N 52  
ASN N   H2   sing N N 53  
ASN CA  C    sing N N 54  
ASN CA  CB   sing N N 55  
ASN CA  HA   sing N N 56  
ASN C   O    doub N N 57  
ASN C   OXT  sing N N 58  
ASN CB  CG   sing N N 59  
ASN CB  HB2  sing N N 60  
ASN CB  HB3  sing N N 61  
ASN CG  OD1  doub N N 62  
ASN CG  ND2  sing N N 63  
ASN ND2 HD21 sing N N 64  
ASN ND2 HD22 sing N N 65  
ASN OXT HXT  sing N N 66  
GLN N   CA   sing N N 67  
GLN N   H    sing N N 68  
GLN N   H2   sing N N 69  
GLN CA  C    sing N N 70  
GLN CA  CB   sing N N 71  
GLN CA  HA   sing N N 72  
GLN C   O    doub N N 73  
GLN C   OXT  sing N N 74  
GLN CB  CG   sing N N 75  
GLN CB  HB2  sing N N 76  
GLN CB  HB3  sing N N 77  
GLN CG  CD   sing N N 78  
GLN CG  HG2  sing N N 79  
GLN CG  HG3  sing N N 80  
GLN CD  OE1  doub N N 81  
GLN CD  NE2  sing N N 82  
GLN NE2 HE21 sing N N 83  
GLN NE2 HE22 sing N N 84  
GLN OXT HXT  sing N N 85  
GLU N   CA   sing N N 86  
GLU N   H    sing N N 87  
GLU N   H2   sing N N 88  
GLU CA  C    sing N N 89  
GLU CA  CB   sing N N 90  
GLU CA  HA   sing N N 91  
GLU C   O    doub N N 92  
GLU C   OXT  sing N N 93  
GLU CB  CG   sing N N 94  
GLU CB  HB2  sing N N 95  
GLU CB  HB3  sing N N 96  
GLU CG  CD   sing N N 97  
GLU CG  HG2  sing N N 98  
GLU CG  HG3  sing N N 99  
GLU CD  OE1  doub N N 100 
GLU CD  OE2  sing N N 101 
GLU OE2 HE2  sing N N 102 
GLU OXT HXT  sing N N 103 
GLY N   CA   sing N N 104 
GLY N   H    sing N N 105 
GLY N   H2   sing N N 106 
GLY CA  C    sing N N 107 
GLY CA  HA2  sing N N 108 
GLY CA  HA3  sing N N 109 
GLY C   O    doub N N 110 
GLY C   OXT  sing N N 111 
GLY OXT HXT  sing N N 112 
HOH O   H1   sing N N 113 
HOH O   H2   sing N N 114 
ILE N   CA   sing N N 115 
ILE N   H    sing N N 116 
ILE N   H2   sing N N 117 
ILE CA  C    sing N N 118 
ILE CA  CB   sing N N 119 
ILE CA  HA   sing N N 120 
ILE C   O    doub N N 121 
ILE C   OXT  sing N N 122 
ILE CB  CG1  sing N N 123 
ILE CB  CG2  sing N N 124 
ILE CB  HB   sing N N 125 
ILE CG1 CD1  sing N N 126 
ILE CG1 HG12 sing N N 127 
ILE CG1 HG13 sing N N 128 
ILE CG2 HG21 sing N N 129 
ILE CG2 HG22 sing N N 130 
ILE CG2 HG23 sing N N 131 
ILE CD1 HD11 sing N N 132 
ILE CD1 HD12 sing N N 133 
ILE CD1 HD13 sing N N 134 
ILE OXT HXT  sing N N 135 
LEU N   CA   sing N N 136 
LEU N   H    sing N N 137 
LEU N   H2   sing N N 138 
LEU CA  C    sing N N 139 
LEU CA  CB   sing N N 140 
LEU CA  HA   sing N N 141 
LEU C   O    doub N N 142 
LEU C   OXT  sing N N 143 
LEU CB  CG   sing N N 144 
LEU CB  HB2  sing N N 145 
LEU CB  HB3  sing N N 146 
LEU CG  CD1  sing N N 147 
LEU CG  CD2  sing N N 148 
LEU CG  HG   sing N N 149 
LEU CD1 HD11 sing N N 150 
LEU CD1 HD12 sing N N 151 
LEU CD1 HD13 sing N N 152 
LEU CD2 HD21 sing N N 153 
LEU CD2 HD22 sing N N 154 
LEU CD2 HD23 sing N N 155 
LEU OXT HXT  sing N N 156 
LYS N   CA   sing N N 157 
LYS N   H    sing N N 158 
LYS N   H2   sing N N 159 
LYS CA  C    sing N N 160 
LYS CA  CB   sing N N 161 
LYS CA  HA   sing N N 162 
LYS C   O    doub N N 163 
LYS C   OXT  sing N N 164 
LYS CB  CG   sing N N 165 
LYS CB  HB2  sing N N 166 
LYS CB  HB3  sing N N 167 
LYS CG  CD   sing N N 168 
LYS CG  HG2  sing N N 169 
LYS CG  HG3  sing N N 170 
LYS CD  CE   sing N N 171 
LYS CD  HD2  sing N N 172 
LYS CD  HD3  sing N N 173 
LYS CE  NZ   sing N N 174 
LYS CE  HE2  sing N N 175 
LYS CE  HE3  sing N N 176 
LYS NZ  HZ1  sing N N 177 
LYS NZ  HZ2  sing N N 178 
LYS NZ  HZ3  sing N N 179 
LYS OXT HXT  sing N N 180 
NH2 N   HN1  sing N N 181 
NH2 N   HN2  sing N N 182 
SER N   CA   sing N N 183 
SER N   H    sing N N 184 
SER N   H2   sing N N 185 
SER CA  C    sing N N 186 
SER CA  CB   sing N N 187 
SER CA  HA   sing N N 188 
SER C   O    doub N N 189 
SER C   OXT  sing N N 190 
SER CB  OG   sing N N 191 
SER CB  HB2  sing N N 192 
SER CB  HB3  sing N N 193 
SER OG  HG   sing N N 194 
SER OXT HXT  sing N N 195 
TRP N   CA   sing N N 196 
TRP N   H    sing N N 197 
TRP N   H2   sing N N 198 
TRP CA  C    sing N N 199 
TRP CA  CB   sing N N 200 
TRP CA  HA   sing N N 201 
TRP C   O    doub N N 202 
TRP C   OXT  sing N N 203 
TRP CB  CG   sing N N 204 
TRP CB  HB2  sing N N 205 
TRP CB  HB3  sing N N 206 
TRP CG  CD1  doub Y N 207 
TRP CG  CD2  sing Y N 208 
TRP CD1 NE1  sing Y N 209 
TRP CD1 HD1  sing N N 210 
TRP CD2 CE2  doub Y N 211 
TRP CD2 CE3  sing Y N 212 
TRP NE1 CE2  sing Y N 213 
TRP NE1 HE1  sing N N 214 
TRP CE2 CZ2  sing Y N 215 
TRP CE3 CZ3  doub Y N 216 
TRP CE3 HE3  sing N N 217 
TRP CZ2 CH2  doub Y N 218 
TRP CZ2 HZ2  sing N N 219 
TRP CZ3 CH2  sing Y N 220 
TRP CZ3 HZ3  sing N N 221 
TRP CH2 HH2  sing N N 222 
TRP OXT HXT  sing N N 223 
# 
_pdbx_audit_support.funding_organization   'H2020 Marie Curie Actions of the European Commission' 
_pdbx_audit_support.country                'European Union' 
_pdbx_audit_support.grant_number           888993 
_pdbx_audit_support.ordinal                1 
# 
_pdbx_initial_refinement_model.accession_code   ? 
_pdbx_initial_refinement_model.id               1 
_pdbx_initial_refinement_model.entity_id_list   ? 
_pdbx_initial_refinement_model.type             other 
_pdbx_initial_refinement_model.source_name      ? 
_pdbx_initial_refinement_model.details          'Poly-Alanine coiled-coil' 
# 
_atom_sites.entry_id                    7Q1Q 
_atom_sites.Cartn_transf_matrix[1][1]   ? 
_atom_sites.Cartn_transf_matrix[1][2]   ? 
_atom_sites.Cartn_transf_matrix[1][3]   ? 
_atom_sites.Cartn_transf_matrix[2][1]   ? 
_atom_sites.Cartn_transf_matrix[2][2]   ? 
_atom_sites.Cartn_transf_matrix[2][3]   ? 
_atom_sites.Cartn_transf_matrix[3][1]   ? 
_atom_sites.Cartn_transf_matrix[3][2]   ? 
_atom_sites.Cartn_transf_matrix[3][3]   ? 
_atom_sites.Cartn_transf_vector[1]      ? 
_atom_sites.Cartn_transf_vector[2]      ? 
_atom_sites.Cartn_transf_vector[3]      ? 
_atom_sites.fract_transf_matrix[1][1]   0.05030223 
_atom_sites.fract_transf_matrix[1][2]   -0.00861012 
_atom_sites.fract_transf_matrix[1][3]   0.00759030 
_atom_sites.fract_transf_matrix[2][1]   0.01679620 
_atom_sites.fract_transf_matrix[2][2]   0.03661352 
_atom_sites.fract_transf_matrix[2][3]   -0.02482494 
_atom_sites.fract_transf_matrix[3][1]   0.00119303 
_atom_sites.fract_transf_matrix[3][2]   0.02450352 
_atom_sites.fract_transf_matrix[3][3]   0.03028797 
_atom_sites.fract_transf_vector[1]      0.126374 
_atom_sites.fract_transf_vector[2]      0.033488 
_atom_sites.fract_transf_vector[3]      0.327820 
_atom_sites.solution_primary            ? 
_atom_sites.solution_secondary          ? 
_atom_sites.solution_hydrogens          ? 
_atom_sites.special_details             ? 
# 
loop_
_atom_type.symbol 
C 
H 
N 
O 
# 
loop_
_atom_site.group_PDB 
_atom_site.id 
_atom_site.type_symbol 
_atom_site.label_atom_id 
_atom_site.label_alt_id 
_atom_site.label_comp_id 
_atom_site.label_asym_id 
_atom_site.label_entity_id 
_atom_site.label_seq_id 
_atom_site.pdbx_PDB_ins_code 
_atom_site.Cartn_x 
_atom_site.Cartn_y 
_atom_site.Cartn_z 
_atom_site.occupancy 
_atom_site.B_iso_or_equiv 
_atom_site.pdbx_formal_charge 
_atom_site.auth_seq_id 
_atom_site.auth_comp_id 
_atom_site.auth_asym_id 
_atom_site.auth_atom_id 
_atom_site.pdbx_PDB_model_num 
HETATM 1    C C    . ACE A 1 1  ? -13.260 -19.187 -0.603  1.00 13.34 ? 0   ACE A C    1 
HETATM 2    O O    . ACE A 1 1  ? -14.126 -19.283 0.213   1.00 15.14 ? 0   ACE A O    1 
HETATM 3    C CH3  . ACE A 1 1  ? -13.581 -18.917 -2.054  1.00 13.46 ? 0   ACE A CH3  1 
HETATM 4    H H1   . ACE A 1 1  ? -14.139 -19.632 -2.402  1.00 16.15 ? 0   ACE A H1   1 
HETATM 5    H H2   . ACE A 1 1  ? -14.056 -18.073 -2.131  1.00 16.15 ? 0   ACE A H2   1 
HETATM 6    H H3   . ACE A 1 1  ? -12.758 -18.872 -2.566  1.00 16.15 ? 0   ACE A H3   1 
ATOM   7    N N    . GLY A 1 2  ? -11.951 -19.341 -0.302  1.00 13.17 ? 1   GLY A N    1 
ATOM   8    C CA   . GLY A 1 2  ? -11.479 -19.614 1.053   1.00 12.89 ? 1   GLY A CA   1 
ATOM   9    C C    . GLY A 1 2  ? -10.825 -18.417 1.709   1.00 11.11 ? 1   GLY A C    1 
ATOM   10   O O    . GLY A 1 2  ? -10.940 -17.283 1.242   1.00 11.88 ? 1   GLY A O    1 
ATOM   11   H H    . GLY A 1 2  ? -11.293 -19.284 -0.881  1.00 15.80 ? 1   GLY A H    1 
ATOM   12   H HA2  . GLY A 1 2  ? -12.219 -19.901 1.614   1.00 15.46 ? 1   GLY A HA2  1 
ATOM   13   H HA3  . GLY A 1 2  ? -10.828 -20.332 1.023   1.00 15.46 ? 1   GLY A HA3  1 
ATOM   14   N N    . GLN A 1 3  ? -10.111 -18.693 2.800   1.00 10.70 ? 2   GLN A N    1 
ATOM   15   C CA   . GLN A 1 3  ? -9.438  -17.638 3.544   1.00 11.05 ? 2   GLN A CA   1 
ATOM   16   C C    . GLN A 1 3  ? -8.422  -16.918 2.669   1.00 9.79  ? 2   GLN A C    1 
ATOM   17   O O    . GLN A 1 3  ? -8.295  -15.690 2.728   1.00 10.53 ? 2   GLN A O    1 
ATOM   18   C CB   . GLN A 1 3  ? -8.753  -18.248 4.766   1.00 12.36 ? 2   GLN A CB   1 
ATOM   19   C CG   . GLN A 1 3  ? -8.038  -17.249 5.652   1.00 12.84 ? 2   GLN A CG   1 
ATOM   20   C CD   . GLN A 1 3  ? -8.992  -16.297 6.338   1.00 13.27 ? 2   GLN A CD   1 
ATOM   21   O OE1  . GLN A 1 3  ? -10.144 -16.638 6.601   1.00 14.76 ? 2   GLN A OE1  1 
ATOM   22   N NE2  . GLN A 1 3  ? -8.518  -15.090 6.627   1.00 13.40 ? 2   GLN A NE2  1 
ATOM   23   H H    . GLN A 1 3  ? -9.976  -19.464 3.108   1.00 12.84 ? 2   GLN A H    1 
ATOM   24   H HA   . GLN A 1 3  ? -10.092 -16.991 3.849   1.00 13.26 ? 2   GLN A HA   1 
ATOM   25   H HB2  . GLN A 1 3  ? -9.424  -18.694 5.306   1.00 14.83 ? 2   GLN A HB2  1 
ATOM   26   H HB3  . GLN A 1 3  ? -8.096  -18.894 4.462   1.00 14.83 ? 2   GLN A HB3  1 
ATOM   27   H HG2  . GLN A 1 3  ? -7.554  -17.730 6.341   1.00 15.41 ? 2   GLN A HG2  1 
ATOM   28   H HG3  . GLN A 1 3  ? -7.421  -16.726 5.119   1.00 15.41 ? 2   GLN A HG3  1 
ATOM   29   H HE21 . GLN A 1 3  ? -7.706  -14.887 6.426   1.00 16.08 ? 2   GLN A HE21 1 
ATOM   30   H HE22 . GLN A 1 3  ? -9.021  -14.512 7.017   1.00 16.08 ? 2   GLN A HE22 1 
ATOM   31   N N    . LEU A 1 4  ? -7.691  -17.671 1.845   1.00 9.98  ? 3   LEU A N    1 
ATOM   32   C CA   . LEU A 1 4  ? -6.657  -17.076 1.007   1.00 9.78  ? 3   LEU A CA   1 
ATOM   33   C C    . LEU A 1 4  ? -7.251  -16.038 0.060   1.00 9.52  ? 3   LEU A C    1 
ATOM   34   O O    . LEU A 1 4  ? -6.726  -14.925 -0.073  1.00 9.94  ? 3   LEU A O    1 
ATOM   35   C CB   . LEU A 1 4  ? -5.948  -18.185 0.233   1.00 10.77 ? 3   LEU A CB   1 
ATOM   36   C CG   . LEU A 1 4  ? -4.813  -17.793 -0.707  1.00 12.29 ? 3   LEU A CG   1 
ATOM   37   C CD1  . LEU A 1 4  ? -3.751  -16.985 0.018   1.00 13.45 ? 3   LEU A CD1  1 
ATOM   38   C CD2  . LEU A 1 4  ? -4.213  -19.046 -1.318  1.00 13.76 ? 3   LEU A CD2  1 
ATOM   39   H H    . LEU A 1 4  ? -7.775  -18.521 1.756   1.00 11.97 ? 3   LEU A H    1 
ATOM   40   H HA   . LEU A 1 4  ? -6.005  -16.634 1.572   1.00 11.74 ? 3   LEU A HA   1 
ATOM   41   H HB2  . LEU A 1 4  ? -5.577  -18.808 0.877   1.00 12.92 ? 3   LEU A HB2  1 
ATOM   42   H HB3  . LEU A 1 4  ? -6.612  -18.645 -0.305  1.00 12.92 ? 3   LEU A HB3  1 
ATOM   43   H HG   . LEU A 1 4  ? -5.169  -17.247 -1.427  1.00 14.75 ? 3   LEU A HG   1 
ATOM   44   H HD11 . LEU A 1 4  ? -4.133  -16.137 0.294   1.00 16.14 ? 3   LEU A HD11 1 
ATOM   45   H HD12 . LEU A 1 4  ? -3.451  -17.482 0.795   1.00 16.14 ? 3   LEU A HD12 1 
ATOM   46   H HD13 . LEU A 1 4  ? -3.007  -16.830 -0.584  1.00 16.14 ? 3   LEU A HD13 1 
ATOM   47   H HD21 . LEU A 1 4  ? -3.874  -19.612 -0.607  1.00 16.51 ? 3   LEU A HD21 1 
ATOM   48   H HD22 . LEU A 1 4  ? -4.900  -19.515 -1.816  1.00 16.51 ? 3   LEU A HD22 1 
ATOM   49   H HD23 . LEU A 1 4  ? -3.489  -18.792 -1.911  1.00 16.51 ? 3   LEU A HD23 1 
ATOM   50   N N    . GLU A 1 5  ? -8.358  -16.384 -0.600  1.00 9.49  ? 4   GLU A N    1 
ATOM   51   C CA   . GLU A 1 5  ? -9.012  -15.443 -1.502  1.00 9.45  ? 4   GLU A CA   1 
ATOM   52   C C    . GLU A 1 5  ? -9.451  -14.185 -0.763  1.00 8.33  ? 4   GLU A C    1 
ATOM   53   O O    . GLU A 1 5  ? -9.335  -13.072 -1.292  1.00 9.48  ? 4   GLU A O    1 
ATOM   54   C CB   . GLU A 1 5  ? -10.207 -16.118 -2.174  1.00 10.22 ? 4   GLU A CB   1 
ATOM   55   C CG   . GLU A 1 5  ? -9.841  -17.162 -3.234  1.00 11.42 ? 4   GLU A CG   1 
ATOM   56   C CD   . GLU A 1 5  ? -9.316  -18.475 -2.664  1.00 11.31 ? 4   GLU A CD   1 
ATOM   57   O OE1  . GLU A 1 5  ? -9.543  -18.763 -1.469  1.00 10.86 ? 4   GLU A OE1  1 
ATOM   58   O OE2  . GLU A 1 5  ? -8.675  -19.230 -3.426  1.00 14.22 ? 4   GLU A OE2  1 
ATOM   59   H H    . GLU A 1 5  ? -8.746  -17.149 -0.539  1.00 11.38 ? 4   GLU A H    1 
ATOM   60   H HA   . GLU A 1 5  ? -8.386  -15.181 -2.195  1.00 11.34 ? 4   GLU A HA   1 
ATOM   61   H HB2  . GLU A 1 5  ? -10.735 -16.563 -1.493  1.00 12.27 ? 4   GLU A HB2  1 
ATOM   62   H HB3  . GLU A 1 5  ? -10.744 -15.436 -2.607  1.00 12.27 ? 4   GLU A HB3  1 
ATOM   63   H HG2  . GLU A 1 5  ? -10.632 -17.363 -3.758  1.00 13.71 ? 4   GLU A HG2  1 
ATOM   64   H HG3  . GLU A 1 5  ? -9.152  -16.793 -3.809  1.00 13.71 ? 4   GLU A HG3  1 
ATOM   65   N N    A GLN A 1 6  ? -9.977  -14.345 0.453   0.49 9.32  ? 5   GLN A N    1 
ATOM   66   N N    B GLN A 1 6  ? -9.944  -14.335 0.469   0.51 8.62  ? 5   GLN A N    1 
ATOM   67   C CA   A GLN A 1 6  ? -10.341 -13.186 1.262   0.49 9.70  ? 5   GLN A CA   1 
ATOM   68   C CA   B GLN A 1 6  ? -10.349 -13.161 1.236   0.51 8.41  ? 5   GLN A CA   1 
ATOM   69   C C    A GLN A 1 6  ? -9.123  -12.312 1.525   0.49 9.15  ? 5   GLN A C    1 
ATOM   70   C C    B GLN A 1 6  ? -9.146  -12.301 1.601   0.51 8.51  ? 5   GLN A C    1 
ATOM   71   O O    A GLN A 1 6  ? -9.169  -11.087 1.360   0.49 10.69 ? 5   GLN A O    1 
ATOM   72   O O    B GLN A 1 6  ? -9.230  -11.066 1.590   0.51 8.83  ? 5   GLN A O    1 
ATOM   73   C CB   A GLN A 1 6  ? -10.948 -13.659 2.584   0.49 11.53 ? 5   GLN A CB   1 
ATOM   74   C CB   B GLN A 1 6  ? -11.106 -13.582 2.496   0.51 8.91  ? 5   GLN A CB   1 
ATOM   75   C CG   A GLN A 1 6  ? -11.266 -12.538 3.568   0.49 12.99 ? 5   GLN A CG   1 
ATOM   76   C CG   B GLN A 1 6  ? -11.772 -12.418 3.219   0.51 11.05 ? 5   GLN A CG   1 
ATOM   77   C CD   A GLN A 1 6  ? -12.391 -11.652 3.084   0.49 16.30 ? 5   GLN A CD   1 
ATOM   78   C CD   B GLN A 1 6  ? -12.212 -12.771 4.625   0.51 16.96 ? 5   GLN A CD   1 
ATOM   79   O OE1  A GLN A 1 6  ? -13.267 -12.101 2.348   0.49 17.97 ? 5   GLN A OE1  1 
ATOM   80   O OE1  B GLN A 1 6  ? -12.002 -13.889 5.092   0.51 20.04 ? 5   GLN A OE1  1 
ATOM   81   N NE2  A GLN A 1 6  ? -12.374 -10.388 3.490   0.49 17.35 ? 5   GLN A NE2  1 
ATOM   82   N NE2  B GLN A 1 6  ? -12.825 -11.812 5.310   0.51 18.68 ? 5   GLN A NE2  1 
ATOM   83   H H    A GLN A 1 6  ? -10.130 -15.104 0.826   0.49 11.18 ? 5   GLN A H    1 
ATOM   84   H H    B GLN A 1 6  ? -10.051 -15.086 0.873   0.51 10.34 ? 5   GLN A H    1 
ATOM   85   H HA   A GLN A 1 6  ? -11.004 -12.657 0.791   0.49 11.64 ? 5   GLN A HA   1 
ATOM   86   H HA   B GLN A 1 6  ? -10.947 -12.623 0.694   0.51 10.09 ? 5   GLN A HA   1 
ATOM   87   H HB2  A GLN A 1 6  ? -11.775 -14.130 2.396   0.49 13.83 ? 5   GLN A HB2  1 
ATOM   88   H HB2  B GLN A 1 6  ? -11.799 -14.216 2.249   0.51 10.69 ? 5   GLN A HB2  1 
ATOM   89   H HB3  A GLN A 1 6  ? -10.321 -14.260 3.016   0.49 13.83 ? 5   GLN A HB3  1 
ATOM   90   H HB3  B GLN A 1 6  ? -10.483 -13.999 3.111   0.51 10.69 ? 5   GLN A HB3  1 
ATOM   91   H HG2  A GLN A 1 6  ? -11.541 -12.932 4.411   0.49 15.59 ? 5   GLN A HG2  1 
ATOM   92   H HG2  B GLN A 1 6  ? -11.146 -11.680 3.281   0.51 13.26 ? 5   GLN A HG2  1 
ATOM   93   H HG3  A GLN A 1 6  ? -10.482 -11.986 3.705   0.49 15.59 ? 5   GLN A HG3  1 
ATOM   94   H HG3  B GLN A 1 6  ? -12.559 -12.145 2.721   0.51 13.26 ? 5   GLN A HG3  1 
ATOM   95   H HE21 A GLN A 1 6  ? -11.748 -10.105 4.007   0.49 20.82 ? 5   GLN A HE21 1 
ATOM   96   H HE21 B GLN A 1 6  ? -12.954 -11.041 4.951   0.51 22.41 ? 5   GLN A HE21 1 
ATOM   97   H HE22 A GLN A 1 6  ? -13.000 -9.863  3.237   0.49 20.82 ? 5   GLN A HE22 1 
ATOM   98   H HE22 B GLN A 1 6  ? -13.094 -11.962 6.113   0.51 22.41 ? 5   GLN A HE22 1 
ATOM   99   N N    . GLU A 1 7  ? -8.019  -12.932 1.937   1.00 8.90  ? 6   GLU A N    1 
ATOM   100  C CA   . GLU A 1 7  ? -6.838  -12.165 2.314   1.00 9.03  ? 6   GLU A CA   1 
ATOM   101  C C    . GLU A 1 7  ? -6.213  -11.462 1.118   1.00 8.99  ? 6   GLU A C    1 
ATOM   102  O O    . GLU A 1 7  ? -5.698  -10.347 1.257   1.00 9.71  ? 6   GLU A O    1 
ATOM   103  C CB   . GLU A 1 7  ? -5.837  -13.061 3.033   1.00 9.86  ? 6   GLU A CB   1 
ATOM   104  C CG   . GLU A 1 7  ? -6.336  -13.495 4.395   1.00 10.87 ? 6   GLU A CG   1 
ATOM   105  C CD   . GLU A 1 7  ? -5.316  -14.273 5.182   1.00 11.88 ? 6   GLU A CD   1 
ATOM   106  O OE1  . GLU A 1 7  ? -4.104  -14.102 4.932   1.00 14.56 ? 6   GLU A OE1  1 
ATOM   107  O OE2  . GLU A 1 7  ? -5.726  -15.050 6.066   1.00 13.29 ? 6   GLU A OE2  1 
ATOM   108  H H    A GLU A 1 7  ? -7.929  -13.784 2.005   0.49 10.68 ? 6   GLU A H    1 
ATOM   109  H H    B GLU A 1 7  ? -7.915  -13.786 1.953   0.51 10.68 ? 6   GLU A H    1 
ATOM   110  H HA   . GLU A 1 7  ? -7.111  -11.477 2.941   1.00 10.84 ? 6   GLU A HA   1 
ATOM   111  H HB2  . GLU A 1 7  ? -5.683  -13.857 2.501   1.00 11.84 ? 6   GLU A HB2  1 
ATOM   112  H HB3  . GLU A 1 7  ? -5.006  -12.575 3.157   1.00 11.84 ? 6   GLU A HB3  1 
ATOM   113  H HG2  . GLU A 1 7  ? -6.571  -12.706 4.909   1.00 13.05 ? 6   GLU A HG2  1 
ATOM   114  H HG3  . GLU A 1 7  ? -7.117  -14.059 4.278   1.00 13.05 ? 6   GLU A HG3  1 
ATOM   115  N N    A ILE A 1 8  ? -6.234  -12.094 -0.056  0.40 9.64  ? 7   ILE A N    1 
ATOM   116  N N    B ILE A 1 8  ? -6.257  -12.074 -0.064  0.60 7.65  ? 7   ILE A N    1 
ATOM   117  C CA   A ILE A 1 8  ? -5.779  -11.417 -1.268  0.40 9.61  ? 7   ILE A CA   1 
ATOM   118  C CA   B ILE A 1 8  ? -5.747  -11.381 -1.242  0.60 8.46  ? 7   ILE A CA   1 
ATOM   119  C C    A ILE A 1 8  ? -6.663  -10.213 -1.556  0.40 8.47  ? 7   ILE A C    1 
ATOM   120  C C    B ILE A 1 8  ? -6.668  -10.233 -1.633  0.60 8.82  ? 7   ILE A C    1 
ATOM   121  O O    A ILE A 1 8  ? -6.177  -9.120  -1.873  0.40 7.32  ? 7   ILE A O    1 
ATOM   122  O O    B ILE A 1 8  ? -6.202  -9.186  -2.100  0.60 9.84  ? 7   ILE A O    1 
ATOM   123  C CB   A ILE A 1 8  ? -5.744  -12.397 -2.455  0.40 12.44 ? 7   ILE A CB   1 
ATOM   124  C CB   B ILE A 1 8  ? -5.509  -12.371 -2.395  0.60 9.50  ? 7   ILE A CB   1 
ATOM   125  C CG1  A ILE A 1 8  ? -4.736  -13.525 -2.205  0.40 12.77 ? 7   ILE A CG1  1 
ATOM   126  C CG1  B ILE A 1 8  ? -4.343  -13.299 -2.046  0.60 11.02 ? 7   ILE A CG1  1 
ATOM   127  C CG2  A ILE A 1 8  ? -5.415  -11.660 -3.745  0.40 12.77 ? 7   ILE A CG2  1 
ATOM   128  C CG2  B ILE A 1 8  ? -5.237  -11.620 -3.685  0.60 8.94  ? 7   ILE A CG2  1 
ATOM   129  C CD1  A ILE A 1 8  ? -3.317  -13.053 -1.979  0.40 12.67 ? 7   ILE A CD1  1 
ATOM   130  C CD1  B ILE A 1 8  ? -4.237  -14.507 -2.934  0.60 12.37 ? 7   ILE A CD1  1 
ATOM   131  H H    A ILE A 1 8  ? -6.502  -12.902 -0.175  0.40 11.57 ? 7   ILE A H    1 
ATOM   132  H H    B ILE A 1 8  ? -6.565  -12.863 -0.207  0.60 9.18  ? 7   ILE A H    1 
ATOM   133  H HA   A ILE A 1 8  ? -4.879  -11.086 -1.122  0.40 11.53 ? 7   ILE A HA   1 
ATOM   134  H HA   B ILE A 1 8  ? -4.886  -10.994 -1.016  0.60 10.15 ? 7   ILE A HA   1 
ATOM   135  H HB   A ILE A 1 8  ? -6.625  -12.793 -2.548  0.40 14.93 ? 7   ILE A HB   1 
ATOM   136  H HB   B ILE A 1 8  ? -6.308  -12.908 -2.511  0.60 11.40 ? 7   ILE A HB   1 
ATOM   137  H HG12 A ILE A 1 8  ? -5.008  -14.018 -1.416  0.40 15.32 ? 7   ILE A HG12 1 
ATOM   138  H HG12 B ILE A 1 8  ? -3.514  -12.801 -2.125  0.60 13.22 ? 7   ILE A HG12 1 
ATOM   139  H HG13 A ILE A 1 8  ? -4.731  -14.115 -2.974  0.40 15.32 ? 7   ILE A HG13 1 
ATOM   140  H HG13 B ILE A 1 8  ? -4.452  -13.612 -1.135  0.60 13.22 ? 7   ILE A HG13 1 
ATOM   141  H HG21 A ILE A 1 8  ? -5.145  -12.306 -4.416  0.40 15.32 ? 7   ILE A HG21 1 
ATOM   142  H HG21 B ILE A 1 8  ? -6.073  -11.271 -4.030  0.60 10.73 ? 7   ILE A HG21 1 
ATOM   143  H HG22 A ILE A 1 8  ? -6.203  -11.180 -4.046  0.40 15.32 ? 7   ILE A HG22 1 
ATOM   144  H HG22 B ILE A 1 8  ? -4.623  -10.891 -3.502  0.60 10.73 ? 7   ILE A HG22 1 
ATOM   145  H HG23 A ILE A 1 8  ? -4.691  -11.038 -3.576  0.40 15.32 ? 7   ILE A HG23 1 
ATOM   146  H HG23 B ILE A 1 8  ? -4.846  -12.228 -4.331  0.60 10.73 ? 7   ILE A HG23 1 
ATOM   147  H HD11 A ILE A 1 8  ? -3.262  -12.606 -1.120  0.40 15.20 ? 7   ILE A HD11 1 
ATOM   148  H HD11 B ILE A 1 8  ? -5.095  -14.960 -2.944  0.60 14.84 ? 7   ILE A HD11 1 
ATOM   149  H HD12 A ILE A 1 8  ? -2.728  -13.824 -1.985  0.40 15.20 ? 7   ILE A HD12 1 
ATOM   150  H HD12 B ILE A 1 8  ? -4.001  -14.225 -3.831  0.60 14.84 ? 7   ILE A HD12 1 
ATOM   151  H HD13 A ILE A 1 8  ? -3.065  -12.442 -2.689  0.40 15.20 ? 7   ILE A HD13 1 
ATOM   152  H HD13 B ILE A 1 8  ? -3.554  -15.098 -2.582  0.60 14.84 ? 7   ILE A HD13 1 
ATOM   153  N N    . ALA A 1 9  ? -7.979  -10.395 -1.446  1.00 8.60  ? 8   ALA A N    1 
ATOM   154  C CA   . ALA A 1 9  ? -8.891  -9.281  -1.668  1.00 9.43  ? 8   ALA A CA   1 
ATOM   155  C C    . ALA A 1 9  ? -8.599  -8.141  -0.700  1.00 9.09  ? 8   ALA A C    1 
ATOM   156  O O    . ALA A 1 9  ? -8.580  -6.968  -1.094  1.00 9.53  ? 8   ALA A O    1 
ATOM   157  C CB   . ALA A 1 9  ? -10.336 -9.758  -1.530  1.00 11.76 ? 8   ALA A CB   1 
ATOM   158  H H    A ALA A 1 9  ? -8.360  -11.139 -1.247  0.40 10.32 ? 8   ALA A H    1 
ATOM   159  H H    B ALA A 1 9  ? -8.356  -11.127 -1.195  0.60 10.32 ? 8   ALA A H    1 
ATOM   160  H HA   . ALA A 1 9  ? -8.770  -8.948  -2.571  1.00 11.31 ? 8   ALA A HA   1 
ATOM   161  H HB1  . ALA A 1 9  ? -10.508 -10.443 -2.195  1.00 14.11 ? 8   ALA A HB1  1 
ATOM   162  H HB2  . ALA A 1 9  ? -10.464 -10.122 -0.640  1.00 14.11 ? 8   ALA A HB2  1 
ATOM   163  H HB3  . ALA A 1 9  ? -10.931 -9.005  -1.669  1.00 14.11 ? 8   ALA A HB3  1 
ATOM   164  N N    . ALA A 1 10 ? -8.373  -8.468  0.577   1.00 9.68  ? 9   ALA A N    1 
ATOM   165  C CA   . ALA A 1 10 ? -8.070  -7.439  1.566   1.00 9.82  ? 9   ALA A CA   1 
ATOM   166  C C    . ALA A 1 10 ? -6.752  -6.740  1.248   1.00 9.22  ? 9   ALA A C    1 
ATOM   167  O O    . ALA A 1 10 ? -6.645  -5.514  1.374   1.00 10.00 ? 9   ALA A O    1 
ATOM   168  C CB   . ALA A 1 10 ? -8.034  -8.056  2.965   1.00 11.95 ? 9   ALA A CB   1 
ATOM   169  H H    . ALA A 1 10 ? -8.389  -9.269  0.888   1.00 11.61 ? 9   ALA A H    1 
ATOM   170  H HA   . ALA A 1 10 ? -8.773  -6.771  1.552   1.00 11.79 ? 9   ALA A HA   1 
ATOM   171  H HB1  . ALA A 1 10 ? -7.831  -7.362  3.612   1.00 14.34 ? 9   ALA A HB1  1 
ATOM   172  H HB2  . ALA A 1 10 ? -8.900  -8.447  3.160   1.00 14.34 ? 9   ALA A HB2  1 
ATOM   173  H HB3  . ALA A 1 10 ? -7.348  -8.742  2.990   1.00 14.34 ? 9   ALA A HB3  1 
ATOM   174  N N    . LEU A 1 11 ? -5.742  -7.503  0.827   1.00 8.53  ? 10  LEU A N    1 
ATOM   175  C CA   . LEU A 1 11 ? -4.468  -6.912  0.433   1.00 8.96  ? 10  LEU A CA   1 
ATOM   176  C C    . LEU A 1 11 ? -4.667  -5.915  -0.698  1.00 8.21  ? 10  LEU A C    1 
ATOM   177  O O    . LEU A 1 11 ? -4.156  -4.789  -0.652  1.00 8.41  ? 10  LEU A O    1 
ATOM   178  C CB   . LEU A 1 11 ? -3.506  -8.023  0.010   1.00 8.93  ? 10  LEU A CB   1 
ATOM   179  C CG   . LEU A 1 11 ? -2.174  -7.584  -0.602  1.00 9.75  ? 10  LEU A CG   1 
ATOM   180  C CD1  . LEU A 1 11 ? -1.381  -6.733  0.372   1.00 10.38 ? 10  LEU A CD1  1 
ATOM   181  C CD2  . LEU A 1 11 ? -1.365  -8.789  -1.043  1.00 11.44 ? 10  LEU A CD2  1 
ATOM   182  H H    . LEU A 1 11 ? -5.771  -8.360  0.763   1.00 10.23 ? 10  LEU A H    1 
ATOM   183  H HA   . LEU A 1 11 ? -4.082  -6.444  1.190   1.00 10.76 ? 10  LEU A HA   1 
ATOM   184  H HB2  . LEU A 1 11 ? -3.299  -8.559  0.792   1.00 10.71 ? 10  LEU A HB2  1 
ATOM   185  H HB3  . LEU A 1 11 ? -3.955  -8.577  -0.648  1.00 10.71 ? 10  LEU A HB3  1 
ATOM   186  H HG   . LEU A 1 11 ? -2.349  -7.047  -1.389  1.00 11.70 ? 10  LEU A HG   1 
ATOM   187  H HD11 . LEU A 1 11 ? -0.521  -6.521  -0.022  1.00 12.46 ? 10  LEU A HD11 1 
ATOM   188  H HD12 . LEU A 1 11 ? -1.873  -5.916  0.552   1.00 12.46 ? 10  LEU A HD12 1 
ATOM   189  H HD13 . LEU A 1 11 ? -1.254  -7.231  1.195   1.00 12.46 ? 10  LEU A HD13 1 
ATOM   190  H HD21 . LEU A 1 11 ? -0.528  -8.484  -1.426  1.00 13.73 ? 10  LEU A HD21 1 
ATOM   191  H HD22 . LEU A 1 11 ? -1.191  -9.352  -0.272  1.00 13.73 ? 10  LEU A HD22 1 
ATOM   192  H HD23 . LEU A 1 11 ? -1.873  -9.283  -1.705  1.00 13.73 ? 10  LEU A HD23 1 
ATOM   193  N N    . ASN A 1 12 ? -5.420  -6.311  -1.725  1.00 8.21  ? 11  ASN A N    1 
ATOM   194  C CA   . ASN A 1 12 ? -5.657  -5.412  -2.848  1.00 8.66  ? 11  ASN A CA   1 
ATOM   195  C C    . ASN A 1 12 ? -6.453  -4.186  -2.413  1.00 8.50  ? 11  ASN A C    1 
ATOM   196  O O    . ASN A 1 12 ? -6.197  -3.070  -2.884  1.00 8.44  ? 11  ASN A O    1 
ATOM   197  C CB   . ASN A 1 12 ? -6.359  -6.168  -3.973  1.00 8.82  ? 11  ASN A CB   1 
ATOM   198  C CG   . ASN A 1 12 ? -5.443  -7.158  -4.671  1.00 9.52  ? 11  ASN A CG   1 
ATOM   199  O OD1  . ASN A 1 12 ? -4.223  -7.003  -4.661  1.00 10.24 ? 11  ASN A OD1  1 
ATOM   200  N ND2  . ASN A 1 12 ? -6.029  -8.178  -5.286  1.00 10.80 ? 11  ASN A ND2  1 
ATOM   201  H H    . ASN A 1 12 ? -5.797  -7.081  -1.793  1.00 9.86  ? 11  ASN A H    1 
ATOM   202  H HA   . ASN A 1 12 ? -4.802  -5.103  -3.187  1.00 10.39 ? 11  ASN A HA   1 
ATOM   203  H HB2  . ASN A 1 12 ? -7.109  -6.660  -3.605  1.00 10.58 ? 11  ASN A HB2  1 
ATOM   204  H HB3  . ASN A 1 12 ? -6.673  -5.531  -4.634  1.00 10.58 ? 11  ASN A HB3  1 
ATOM   205  H HD21 . ASN A 1 12 ? -5.552  -8.765  -5.696  1.00 12.96 ? 11  ASN A HD21 1 
ATOM   206  H HD22 . ASN A 1 12 ? -6.886  -8.253  -5.273  1.00 12.96 ? 11  ASN A HD22 1 
ATOM   207  N N    A GLN A 1 13 ? -7.421  -4.369  -1.512  0.58 8.95  ? 12  GLN A N    1 
ATOM   208  N N    B GLN A 1 13 ? -7.421  -4.377  -1.513  0.42 8.86  ? 12  GLN A N    1 
ATOM   209  C CA   A GLN A 1 13 ? -8.180  -3.229  -1.003  0.58 10.08 ? 12  GLN A CA   1 
ATOM   210  C CA   B GLN A 1 13 ? -8.186  -3.254  -0.982  0.42 8.47  ? 12  GLN A CA   1 
ATOM   211  C C    A GLN A 1 13 ? -7.277  -2.261  -0.250  0.58 9.68  ? 12  GLN A C    1 
ATOM   212  C C    B GLN A 1 13 ? -7.281  -2.273  -0.250  0.42 8.64  ? 12  GLN A C    1 
ATOM   213  O O    A GLN A 1 13 ? -7.398  -1.039  -0.403  0.58 9.87  ? 12  GLN A O    1 
ATOM   214  O O    B GLN A 1 13 ? -7.401  -1.053  -0.419  0.42 10.01 ? 12  GLN A O    1 
ATOM   215  C CB   A GLN A 1 13 ? -9.301  -3.718  -0.087  0.58 11.96 ? 12  GLN A CB   1 
ATOM   216  C CB   B GLN A 1 13 ? -9.263  -3.793  -0.037  0.42 9.27  ? 12  GLN A CB   1 
ATOM   217  C CG   A GLN A 1 13 ? -10.405 -4.465  -0.811  0.58 14.02 ? 12  GLN A CG   1 
ATOM   218  C CG   B GLN A 1 13 ? -10.049 -2.738  0.723   0.42 11.38 ? 12  GLN A CG   1 
ATOM   219  C CD   A GLN A 1 13 ? -11.369 -5.154  0.132   0.58 18.47 ? 12  GLN A CD   1 
ATOM   220  C CD   B GLN A 1 13 ? -11.000 -3.350  1.734   0.42 16.73 ? 12  GLN A CD   1 
ATOM   221  O OE1  A GLN A 1 13 ? -11.201 -5.118  1.351   0.58 20.20 ? 12  GLN A OE1  1 
ATOM   222  O OE1  B GLN A 1 13 ? -11.053 -4.569  1.892   0.42 18.84 ? 12  GLN A OE1  1 
ATOM   223  N NE2  A GLN A 1 13 ? -12.390 -5.787  -0.433  0.58 20.74 ? 12  GLN A NE2  1 
ATOM   224  N NE2  B GLN A 1 13 ? -11.754 -2.505  2.424   0.42 19.14 ? 12  GLN A NE2  1 
ATOM   225  H H    A GLN A 1 13 ? -7.654  -5.130  -1.186  0.58 10.74 ? 12  GLN A H    1 
ATOM   226  H H    B GLN A 1 13 ? -7.651  -5.144  -1.198  0.42 10.63 ? 12  GLN A H    1 
ATOM   227  H HA   A GLN A 1 13 ? -8.580  -2.754  -1.747  0.58 12.10 ? 12  GLN A HA   1 
ATOM   228  H HA   B GLN A 1 13 ? -8.623  -2.785  -1.711  0.42 10.16 ? 12  GLN A HA   1 
ATOM   229  H HB2  A GLN A 1 13 ? -8.924  -4.317  0.577   0.58 14.36 ? 12  GLN A HB2  1 
ATOM   230  H HB2  B GLN A 1 13 ? -9.897  -4.311  -0.557  0.42 11.13 ? 12  GLN A HB2  1 
ATOM   231  H HB3  A GLN A 1 13 ? -9.702  -2.952  0.353   0.58 14.36 ? 12  GLN A HB3  1 
ATOM   232  H HB3  B GLN A 1 13 ? -8.837  -4.367  0.619   0.42 11.13 ? 12  GLN A HB3  1 
ATOM   233  H HG2  A GLN A 1 13 ? -10.916 -3.832  -1.335  0.58 16.83 ? 12  GLN A HG2  1 
ATOM   234  H HG2  B GLN A 1 13 ? -9.438  -2.162  1.206   0.42 13.66 ? 12  GLN A HG2  1 
ATOM   235  H HG3  A GLN A 1 13 ? -10.014 -5.135  -1.391  0.58 16.83 ? 12  GLN A HG3  1 
ATOM   236  H HG3  B GLN A 1 13 ? -10.572 -2.218  0.093   0.42 13.66 ? 12  GLN A HG3  1 
ATOM   237  H HE21 A GLN A 1 13 ? -12.473 -5.789  -1.289  0.58 24.89 ? 12  GLN A HE21 1 
ATOM   238  H HE21 B GLN A 1 13 ? -11.688 -1.659  2.287   0.42 22.97 ? 12  GLN A HE21 1 
ATOM   239  H HE22 A GLN A 1 13 ? -12.967 -6.193  0.055   0.58 24.89 ? 12  GLN A HE22 1 
ATOM   240  H HE22 B GLN A 1 13 ? -12.309 -2.804  3.010   0.42 22.97 ? 12  GLN A HE22 1 
ATOM   241  N N    . GLN A 1 14 ? -6.369  -2.792  0.573   1.00 8.67  ? 13  GLN A N    1 
ATOM   242  C CA   . GLN A 1 14 ? -5.491  -1.938  1.365   1.00 9.26  ? 13  GLN A CA   1 
ATOM   243  C C    . GLN A 1 14 ? -4.498  -1.187  0.487   1.00 7.83  ? 13  GLN A C    1 
ATOM   244  O O    . GLN A 1 14 ? -4.217  -0.009  0.731   1.00 9.78  ? 13  GLN A O    1 
ATOM   245  C CB   . GLN A 1 14 ? -4.755  -2.791  2.398   1.00 10.49 ? 13  GLN A CB   1 
ATOM   246  C CG   . GLN A 1 14 ? -5.671  -3.403  3.444   1.00 12.77 ? 13  GLN A CG   1 
ATOM   247  C CD   . GLN A 1 14 ? -5.063  -4.614  4.130   1.00 14.77 ? 13  GLN A CD   1 
ATOM   248  O OE1  . GLN A 1 14 ? -3.897  -4.949  3.920   1.00 16.50 ? 13  GLN A OE1  1 
ATOM   249  N NE2  . GLN A 1 14 ? -5.860  -5.285  4.952   1.00 16.89 ? 13  GLN A NE2  1 
ATOM   250  H H    A GLN A 1 14 ? -6.245  -3.635  0.688   0.58 10.41 ? 13  GLN A H    1 
ATOM   251  H H    B GLN A 1 14 ? -6.241  -3.634  0.690   0.42 10.41 ? 13  GLN A H    1 
ATOM   252  H HA   . GLN A 1 14 ? -6.027  -1.284  1.841   1.00 11.11 ? 13  GLN A HA   1 
ATOM   253  H HB2  . GLN A 1 14 ? -4.301  -3.515  1.939   1.00 12.59 ? 13  GLN A HB2  1 
ATOM   254  H HB3  . GLN A 1 14 ? -4.107  -2.235  2.858   1.00 12.59 ? 13  GLN A HB3  1 
ATOM   255  H HG2  . GLN A 1 14 ? -5.859  -2.738  4.125   1.00 15.33 ? 13  GLN A HG2  1 
ATOM   256  H HG3  . GLN A 1 14 ? -6.496  -3.683  3.019   1.00 15.33 ? 13  GLN A HG3  1 
ATOM   257  H HE21 . GLN A 1 14 ? -6.670  -5.023  5.074   1.00 20.27 ? 13  GLN A HE21 1 
ATOM   258  H HE22 . GLN A 1 14 ? -5.565  -5.979  5.366   1.00 20.27 ? 13  GLN A HE22 1 
ATOM   259  N N    . ILE A 1 15 ? -3.939  -1.855  -0.526  1.00 7.70  ? 14  ILE A N    1 
ATOM   260  C CA   . ILE A 1 15 ? -3.049  -1.175  -1.464  1.00 8.42  ? 14  ILE A CA   1 
ATOM   261  C C    . ILE A 1 15 ? -3.765  0.005   -2.103  1.00 9.19  ? 14  ILE A C    1 
ATOM   262  O O    . ILE A 1 15 ? -3.235  1.120   -2.172  1.00 8.97  ? 14  ILE A O    1 
ATOM   263  C CB   . ILE A 1 15 ? -2.538  -2.159  -2.531  1.00 8.02  ? 14  ILE A CB   1 
ATOM   264  C CG1  . ILE A 1 15 ? -1.562  -3.153  -1.905  1.00 8.91  ? 14  ILE A CG1  1 
ATOM   265  C CG2  . ILE A 1 15 ? -1.892  -1.398  -3.678  1.00 9.18  ? 14  ILE A CG2  1 
ATOM   266  C CD1  . ILE A 1 15 ? -1.229  -4.337  -2.783  1.00 9.69  ? 14  ILE A CD1  1 
ATOM   267  H H    . ILE A 1 15 ? -4.058  -2.691  -0.689  1.00 9.24  ? 14  ILE A H    1 
ATOM   268  H HA   . ILE A 1 15 ? -2.282  -0.832  -0.980  1.00 10.11 ? 14  ILE A HA   1 
ATOM   269  H HB   . ILE A 1 15 ? -3.296  -2.653  -2.880  1.00 9.62  ? 14  ILE A HB   1 
ATOM   270  H HG12 . ILE A 1 15 ? -0.732  -2.691  -1.707  1.00 10.69 ? 14  ILE A HG12 1 
ATOM   271  H HG13 . ILE A 1 15 ? -1.948  -3.495  -1.084  1.00 10.69 ? 14  ILE A HG13 1 
ATOM   272  H HG21 . ILE A 1 15 ? -1.328  -2.003  -4.183  1.00 11.01 ? 14  ILE A HG21 1 
ATOM   273  H HG22 . ILE A 1 15 ? -2.586  -1.040  -4.254  1.00 11.01 ? 14  ILE A HG22 1 
ATOM   274  H HG23 . ILE A 1 15 ? -1.355  -0.677  -3.315  1.00 11.01 ? 14  ILE A HG23 1 
ATOM   275  H HD11 . ILE A 1 15 ? -0.683  -4.038  -3.527  1.00 11.63 ? 14  ILE A HD11 1 
ATOM   276  H HD12 . ILE A 1 15 ? -0.741  -4.990  -2.257  1.00 11.63 ? 14  ILE A HD12 1 
ATOM   277  H HD13 . ILE A 1 15 ? -2.054  -4.727  -3.112  1.00 11.63 ? 14  ILE A HD13 1 
ATOM   278  N N    . ALA A 1 16 ? -4.974  -0.230  -2.603  1.00 8.80  ? 15  ALA A N    1 
ATOM   279  C CA   . ALA A 1 16 ? -5.704  0.838   -3.273  1.00 9.42  ? 15  ALA A CA   1 
ATOM   280  C C    . ALA A 1 16 ? -5.983  1.992   -2.323  1.00 9.09  ? 15  ALA A C    1 
ATOM   281  O O    . ALA A 1 16 ? -5.840  3.164   -2.696  1.00 9.94  ? 15  ALA A O    1 
ATOM   282  C CB   . ALA A 1 16 ? -7.006  0.288   -3.844  1.00 10.13 ? 15  ALA A CB   1 
ATOM   283  H H    . ALA A 1 16 ? -5.387  -0.984  -2.568  1.00 10.56 ? 15  ALA A H    1 
ATOM   284  H HA   . ALA A 1 16 ? -5.170  1.175   -4.010  1.00 11.31 ? 15  ALA A HA   1 
ATOM   285  H HB1  . ALA A 1 16 ? -6.800  -0.419  -4.476  1.00 12.15 ? 15  ALA A HB1  1 
ATOM   286  H HB2  . ALA A 1 16 ? -7.541  -0.064  -3.116  1.00 12.15 ? 15  ALA A HB2  1 
ATOM   287  H HB3  . ALA A 1 16 ? -7.482  1.004   -4.290  1.00 12.15 ? 15  ALA A HB3  1 
ATOM   288  N N    . ALA A 1 17 ? -6.369  1.683   -1.083  1.00 9.33  ? 16  ALA A N    1 
ATOM   289  C CA   . ALA A 1 17 ? -6.718  2.733   -0.135  1.00 9.27  ? 16  ALA A CA   1 
ATOM   290  C C    . ALA A 1 17 ? -5.509  3.589   0.212   1.00 9.22  ? 16  ALA A C    1 
ATOM   291  O O    . ALA A 1 17 ? -5.611  4.821   0.267   1.00 9.70  ? 16  ALA A O    1 
ATOM   292  C CB   . ALA A 1 17 ? -7.309  2.116   1.131   1.00 10.13 ? 16  ALA A CB   1 
ATOM   293  H H    . ALA A 1 17 ? -6.436  0.884   -0.774  1.00 11.20 ? 16  ALA A H    1 
ATOM   294  H HA   . ALA A 1 17 ? -7.391  3.307   -0.532  1.00 11.12 ? 16  ALA A HA   1 
ATOM   295  H HB1  . ALA A 1 17 ? -7.536  2.826   1.752   1.00 12.15 ? 16  ALA A HB1  1 
ATOM   296  H HB2  . ALA A 1 17 ? -8.105  1.615   0.896   1.00 12.15 ? 16  ALA A HB2  1 
ATOM   297  H HB3  . ALA A 1 17 ? -6.651  1.525   1.530   1.00 12.15 ? 16  ALA A HB3  1 
ATOM   298  N N    . LEU A 1 18 ? -4.357  2.962   0.462   1.00 9.35  ? 17  LEU A N    1 
ATOM   299  C CA   . LEU A 1 18 ? -3.177  3.736   0.825   1.00 10.03 ? 17  LEU A CA   1 
ATOM   300  C C    . LEU A 1 18 ? -2.636  4.509   -0.369  1.00 9.85  ? 17  LEU A C    1 
ATOM   301  O O    . LEU A 1 18 ? -2.150  5.636   -0.213  1.00 10.13 ? 17  LEU A O    1 
ATOM   302  C CB   . LEU A 1 18 ? -2.103  2.832   1.429   1.00 12.49 ? 17  LEU A CB   1 
ATOM   303  C CG   . LEU A 1 18 ? -2.459  2.203   2.779   1.00 17.24 ? 17  LEU A CG   1 
ATOM   304  C CD1  . LEU A 1 18 ? -1.277  1.424   3.316   1.00 20.06 ? 17  LEU A CD1  1 
ATOM   305  C CD2  . LEU A 1 18 ? -2.899  3.255   3.790   1.00 18.66 ? 17  LEU A CD2  1 
ATOM   306  H H    . LEU A 1 18 ? -4.237  2.111   0.429   1.00 11.22 ? 17  LEU A H    1 
ATOM   307  H HA   . LEU A 1 18 ? -3.432  4.390   1.494   1.00 12.04 ? 17  LEU A HA   1 
ATOM   308  H HB2  . LEU A 1 18 ? -1.925  2.108   0.808   1.00 14.99 ? 17  LEU A HB2  1 
ATOM   309  H HB3  . LEU A 1 18 ? -1.296  3.356   1.556   1.00 14.99 ? 17  LEU A HB3  1 
ATOM   310  H HG   . LEU A 1 18 ? -3.195  1.583   2.653   1.00 20.69 ? 17  LEU A HG   1 
ATOM   311  H HD11 . LEU A 1 18 ? -0.955  0.824   2.626   1.00 24.07 ? 17  LEU A HD11 1 
ATOM   312  H HD12 . LEU A 1 18 ? -0.577  2.048   3.566   1.00 24.07 ? 17  LEU A HD12 1 
ATOM   313  H HD13 . LEU A 1 18 ? -1.560  0.917   4.093   1.00 24.07 ? 17  LEU A HD13 1 
ATOM   314  H HD21 . LEU A 1 18 ? -2.904  2.859   4.675   1.00 22.39 ? 17  LEU A HD21 1 
ATOM   315  H HD22 . LEU A 1 18 ? -2.276  3.997   3.763   1.00 22.39 ? 17  LEU A HD22 1 
ATOM   316  H HD23 . LEU A 1 18 ? -3.790  3.562   3.560   1.00 22.39 ? 17  LEU A HD23 1 
ATOM   317  N N    . LYS A 1 19 ? -2.724  3.937   -1.572  1.00 9.82  ? 18  LYS A N    1 
ATOM   318  C CA   . LYS A 1 19 ? -2.291  4.676   -2.754  1.00 10.43 ? 18  LYS A CA   1 
ATOM   319  C C    . LYS A 1 19 ? -3.180  5.889   -3.001  1.00 11.23 ? 18  LYS A C    1 
ATOM   320  O O    . LYS A 1 19 ? -2.685  6.963   -3.362  1.00 11.89 ? 18  LYS A O    1 
ATOM   321  C CB   . LYS A 1 19 ? -2.251  3.764   -3.982  1.00 11.37 ? 18  LYS A CB   1 
ATOM   322  C CG   . LYS A 1 19 ? -1.076  2.791   -4.008  1.00 13.22 ? 18  LYS A CG   1 
ATOM   323  C CD   . LYS A 1 19 ? 0.277   3.489   -4.120  1.00 15.89 ? 18  LYS A CD   1 
ATOM   324  C CE   . LYS A 1 19 ? 0.487   4.116   -5.484  1.00 19.18 ? 18  LYS A CE   1 
ATOM   325  N NZ   . LYS A 1 19 ? 1.800   4.809   -5.588  1.00 21.20 ? 18  LYS A NZ   1 
ATOM   326  H H    . LYS A 1 19 ? -3.023  3.146   -1.725  1.00 11.79 ? 18  LYS A H    1 
ATOM   327  H HA   . LYS A 1 19 ? -1.396  5.009   -2.594  1.00 12.51 ? 18  LYS A HA   1 
ATOM   328  H HB2  . LYS A 1 19 ? -3.066  3.239   -4.002  1.00 13.64 ? 18  LYS A HB2  1 
ATOM   329  H HB3  . LYS A 1 19 ? -2.201  4.316   -4.778  1.00 13.64 ? 18  LYS A HB3  1 
ATOM   330  H HG2  . LYS A 1 19 ? -1.078  2.273   -3.187  1.00 15.87 ? 18  LYS A HG2  1 
ATOM   331  H HG3  . LYS A 1 19 ? -1.172  2.201   -4.771  1.00 15.87 ? 18  LYS A HG3  1 
ATOM   332  H HD2  . LYS A 1 19 ? 0.347   4.187   -3.452  1.00 19.07 ? 18  LYS A HD2  1 
ATOM   333  H HD3  . LYS A 1 19 ? 0.979   2.833   -3.984  1.00 19.07 ? 18  LYS A HD3  1 
ATOM   334  H HE2  . LYS A 1 19 ? 0.462   3.420   -6.159  1.00 23.01 ? 18  LYS A HE2  1 
ATOM   335  H HE3  . LYS A 1 19 ? -0.211  4.768   -5.650  1.00 23.01 ? 18  LYS A HE3  1 
ATOM   336  H HZ1  . LYS A 1 19 ? 1.893   5.166   -6.398  1.00 25.44 ? 18  LYS A HZ1  1 
ATOM   337  H HZ2  . LYS A 1 19 ? 1.851   5.456   -4.980  1.00 25.44 ? 18  LYS A HZ2  1 
ATOM   338  H HZ3  . LYS A 1 19 ? 2.462   4.230   -5.449  1.00 25.44 ? 18  LYS A HZ3  1 
ATOM   339  N N    A GLN A 1 20 ? -4.494  5.732   -2.830  0.58 11.52 ? 19  GLN A N    1 
ATOM   340  N N    B GLN A 1 20 ? -4.489  5.745   -2.810  0.42 11.61 ? 19  GLN A N    1 
ATOM   341  C CA   A GLN A 1 20 ? -5.401  6.872   -2.920  0.58 11.80 ? 19  GLN A CA   1 
ATOM   342  C CA   B GLN A 1 20 ? -5.363  6.901   -2.952  0.42 11.98 ? 19  GLN A CA   1 
ATOM   343  C C    A GLN A 1 20 ? -5.039  7.929   -1.888  0.58 10.84 ? 19  GLN A C    1 
ATOM   344  C C    B GLN A 1 20 ? -5.065  7.942   -1.881  0.42 11.60 ? 19  GLN A C    1 
ATOM   345  O O    A GLN A 1 20 ? -4.973  9.125   -2.198  0.58 11.98 ? 19  GLN A O    1 
ATOM   346  O O    B GLN A 1 20 ? -5.060  9.147   -2.165  0.42 12.04 ? 19  GLN A O    1 
ATOM   347  C CB   A GLN A 1 20 ? -6.841  6.396   -2.714  0.58 13.85 ? 19  GLN A CB   1 
ATOM   348  C CB   B GLN A 1 20 ? -6.824  6.460   -2.903  0.42 12.31 ? 19  GLN A CB   1 
ATOM   349  C CG   A GLN A 1 20 ? -7.851  7.490   -2.342  0.58 15.29 ? 19  GLN A CG   1 
ATOM   350  C CG   B GLN A 1 20 ? -7.806  7.552   -3.290  0.42 12.09 ? 19  GLN A CG   1 
ATOM   351  C CD   A GLN A 1 20 ? -8.022  8.539   -3.423  0.58 17.63 ? 19  GLN A CD   1 
ATOM   352  C CD   B GLN A 1 20 ? -8.077  8.524   -2.159  0.42 13.87 ? 19  GLN A CD   1 
ATOM   353  O OE1  A GLN A 1 20 ? -7.874  8.252   -4.610  0.58 18.28 ? 19  GLN A OE1  1 
ATOM   354  O OE1  B GLN A 1 20 ? -7.756  8.249   -1.003  0.42 16.04 ? 19  GLN A OE1  1 
ATOM   355  N NE2  A GLN A 1 20 ? -8.338  9.764   -3.016  0.58 19.35 ? 19  GLN A NE2  1 
ATOM   356  N NE2  B GLN A 1 20 ? -8.666  9.669   -2.487  0.42 13.33 ? 19  GLN A NE2  1 
ATOM   357  H H    A GLN A 1 20 ? -4.881  4.982   -2.664  0.58 13.82 ? 19  GLN A H    1 
ATOM   358  H H    B GLN A 1 20 ? -4.886  5.009   -2.604  0.42 13.94 ? 19  GLN A H    1 
ATOM   359  H HA   A GLN A 1 20 ? -5.334  7.270   -3.802  0.58 14.16 ? 19  GLN A HA   1 
ATOM   360  H HA   B GLN A 1 20 ? -5.205  7.310   -3.817  0.42 14.38 ? 19  GLN A HA   1 
ATOM   361  H HB2  A GLN A 1 20 ? -7.148  5.983   -3.537  0.58 16.62 ? 19  GLN A HB2  1 
ATOM   362  H HB2  B GLN A 1 20 ? -6.947  5.721   -3.519  0.42 14.77 ? 19  GLN A HB2  1 
ATOM   363  H HB3  A GLN A 1 20 ? -6.848  5.738   -2.000  0.58 16.62 ? 19  GLN A HB3  1 
ATOM   364  H HB3  B GLN A 1 20 ? -7.036  6.172   -2.002  0.42 14.77 ? 19  GLN A HB3  1 
ATOM   365  H HG2  A GLN A 1 20 ? -8.717  7.073   -2.204  0.58 18.35 ? 19  GLN A HG2  1 
ATOM   366  H HG2  B GLN A 1 20 ? -7.440  8.054   -4.035  0.42 14.51 ? 19  GLN A HG2  1 
ATOM   367  H HG3  A GLN A 1 20 ? -7.575  7.934   -1.526  0.58 18.35 ? 19  GLN A HG3  1 
ATOM   368  H HG3  B GLN A 1 20 ? -8.647  7.145   -3.545  0.42 14.51 ? 19  GLN A HG3  1 
ATOM   369  H HE21 A GLN A 1 20 ? -8.433  9.927   -2.177  0.58 23.22 ? 19  GLN A HE21 1 
ATOM   370  H HE21 B GLN A 1 20 ? -8.875  9.827   -3.306  0.42 15.99 ? 19  GLN A HE21 1 
ATOM   371  H HE22 A GLN A 1 20 ? -8.446  10.394  -3.592  0.58 23.22 ? 19  GLN A HE22 1 
ATOM   372  H HE22 B GLN A 1 20 ? -8.840  10.253  -1.879  0.42 15.99 ? 19  GLN A HE22 1 
ATOM   373  N N    . ARG A 1 21 ? -4.810  7.502   -0.646  1.00 10.54 ? 20  ARG A N    1 
ATOM   374  C CA   . ARG A 1 21 ? -4.470  8.446   0.410   1.00 10.46 ? 20  ARG A CA   1 
ATOM   375  C C    . ARG A 1 21 ? -3.199  9.207   0.065   1.00 10.37 ? 20  ARG A C    1 
ATOM   376  O O    . ARG A 1 21 ? -3.128  10.429  0.231   1.00 10.46 ? 20  ARG A O    1 
ATOM   377  C CB   . ARG A 1 21 ? -4.303  7.717   1.743   1.00 10.45 ? 20  ARG A CB   1 
ATOM   378  C CG   . ARG A 1 21 ? -4.182  8.676   2.900   1.00 11.02 ? 20  ARG A CG   1 
ATOM   379  C CD   . ARG A 1 21 ? -3.836  8.020   4.210   1.00 12.11 ? 20  ARG A CD   1 
ATOM   380  N NE   . ARG A 1 21 ? -4.028  8.978   5.288   1.00 11.55 ? 20  ARG A NE   1 
ATOM   381  C CZ   . ARG A 1 21 ? -3.740  8.757   6.564   1.00 11.66 ? 20  ARG A CZ   1 
ATOM   382  N NH1  . ARG A 1 21 ? -3.219  7.596   6.946   1.00 13.26 ? 20  ARG A NH1  1 
ATOM   383  N NH2  . ARG A 1 21 ? -3.976  9.711   7.454   1.00 13.10 ? 20  ARG A NH2  1 
ATOM   384  H H    A ARG A 1 21 ? -4.844  6.680   -0.393  0.58 12.65 ? 20  ARG A H    1 
ATOM   385  H H    B ARG A 1 21 ? -4.826  6.677   -0.401  0.42 12.65 ? 20  ARG A H    1 
ATOM   386  H HA   . ARG A 1 21 ? -5.191  9.088   0.505   1.00 12.55 ? 20  ARG A HA   1 
ATOM   387  H HB2  . ARG A 1 21 ? -5.078  7.154   1.897   1.00 12.54 ? 20  ARG A HB2  1 
ATOM   388  H HB3  . ARG A 1 21 ? -3.497  7.178   1.712   1.00 12.54 ? 20  ARG A HB3  1 
ATOM   389  H HG2  . ARG A 1 21 ? -3.485  9.322   2.705   1.00 13.22 ? 20  ARG A HG2  1 
ATOM   390  H HG3  . ARG A 1 21 ? -5.029  9.134   3.015   1.00 13.22 ? 20  ARG A HG3  1 
ATOM   391  H HD2  . ARG A 1 21 ? -4.421  7.261   4.360   1.00 14.53 ? 20  ARG A HD2  1 
ATOM   392  H HD3  . ARG A 1 21 ? -2.906  7.741   4.201   1.00 14.53 ? 20  ARG A HD3  1 
ATOM   393  H HE   . ARG A 1 21 ? -4.353  9.748   5.083   1.00 13.86 ? 20  ARG A HE   1 
ATOM   394  H HH11 . ARG A 1 21 ? -3.070  6.978   6.367   1.00 15.92 ? 20  ARG A HH11 1 
ATOM   395  H HH12 . ARG A 1 21 ? -3.033  7.462   7.774   1.00 15.92 ? 20  ARG A HH12 1 
ATOM   396  H HH21 . ARG A 1 21 ? -4.310  10.462  7.201   1.00 15.73 ? 20  ARG A HH21 1 
ATOM   397  H HH22 . ARG A 1 21 ? -3.787  9.582   8.283   1.00 15.73 ? 20  ARG A HH22 1 
ATOM   398  N N    A SER A 1 22 ? -2.182  8.490   -0.412  0.73 10.80 ? 21  SER A N    1 
ATOM   399  N N    B SER A 1 22 ? -2.181  8.500   -0.432  0.27 11.12 ? 21  SER A N    1 
ATOM   400  C CA   A SER A 1 22 ? -0.920  9.125   -0.765  0.73 11.54 ? 21  SER A CA   1 
ATOM   401  C CA   B SER A 1 22 ? -0.916  9.154   -0.750  0.27 12.05 ? 21  SER A CA   1 
ATOM   402  C C    A SER A 1 22 ? -1.118  10.160  -1.865  0.73 10.76 ? 21  SER A C    1 
ATOM   403  C C    B SER A 1 22 ? -1.079  10.153  -1.889  0.27 11.58 ? 21  SER A C    1 
ATOM   404  O O    A SER A 1 22 ? -0.627  11.290  -1.767  0.73 12.22 ? 21  SER A O    1 
ATOM   405  O O    B SER A 1 22 ? -0.515  11.252  -1.842  0.27 12.02 ? 21  SER A O    1 
ATOM   406  C CB   A SER A 1 22 ? 0.072   8.052   -1.207  0.73 13.27 ? 21  SER A CB   1 
ATOM   407  C CB   B SER A 1 22 ? 0.142   8.109   -1.097  0.27 13.80 ? 21  SER A CB   1 
ATOM   408  O OG   A SER A 1 22 ? 1.240   8.636   -1.737  0.73 13.85 ? 21  SER A OG   1 
ATOM   409  O OG   B SER A 1 22 ? -0.199  7.409   -2.281  0.27 15.24 ? 21  SER A OG   1 
ATOM   410  H H    A SER A 1 22 ? -2.199  7.640   -0.539  0.73 12.96 ? 21  SER A H    1 
ATOM   411  H H    B SER A 1 22 ? -2.198  7.655   -0.590  0.27 13.34 ? 21  SER A H    1 
ATOM   412  H HA   A SER A 1 22 ? -0.557  9.574   0.015   0.73 13.85 ? 21  SER A HA   1 
ATOM   413  H HA   B SER A 1 22 ? -0.609  9.640   0.031   0.27 14.46 ? 21  SER A HA   1 
ATOM   414  H HB2  A SER A 1 22 ? 0.310   7.508   -0.440  0.73 15.92 ? 21  SER A HB2  1 
ATOM   415  H HB2  B SER A 1 22 ? 0.993   8.555   -1.231  0.27 16.56 ? 21  SER A HB2  1 
ATOM   416  H HB3  A SER A 1 22 ? -0.343  7.501   -1.888  0.73 15.92 ? 21  SER A HB3  1 
ATOM   417  H HB3  B SER A 1 22 ? 0.212   7.475   -0.366  0.27 16.56 ? 21  SER A HB3  1 
ATOM   418  H HG   A SER A 1 22 ? 1.610   9.118   -1.157  0.73 16.62 ? 21  SER A HG   1 
ATOM   419  H HG   B SER A 1 22 ? -0.196  7.933   -2.936  0.27 18.29 ? 21  SER A HG   1 
ATOM   420  N N    . ALA A 1 23 ? -1.841  9.790   -2.925  1.00 11.01 ? 22  ALA A N    1 
ATOM   421  C CA   . ALA A 1 23 ? -2.048  10.717  -4.032  1.00 12.04 ? 22  ALA A CA   1 
ATOM   422  C C    . ALA A 1 23 ? -2.755  11.982  -3.562  1.00 11.35 ? 22  ALA A C    1 
ATOM   423  O O    . ALA A 1 23 ? -2.373  13.095  -3.945  1.00 11.35 ? 22  ALA A O    1 
ATOM   424  C CB   . ALA A 1 23 ? -2.850  10.036  -5.140  1.00 13.23 ? 22  ALA A CB   1 
ATOM   425  H H    A ALA A 1 23 ? -2.215  9.022   -3.023  0.73 13.21 ? 22  ALA A H    1 
ATOM   426  H H    B ALA A 1 23 ? -2.239  9.031   -3.007  0.27 13.21 ? 22  ALA A H    1 
ATOM   427  H HA   . ALA A 1 23 ? -1.187  10.972  -4.397  1.00 14.44 ? 22  ALA A HA   1 
ATOM   428  H HB1  . ALA A 1 23 ? -2.358  9.261   -5.455  1.00 15.87 ? 22  ALA A HB1  1 
ATOM   429  H HB2  . ALA A 1 23 ? -3.709  9.760   -4.784  1.00 15.87 ? 22  ALA A HB2  1 
ATOM   430  H HB3  . ALA A 1 23 ? -2.980  10.664  -5.868  1.00 15.87 ? 22  ALA A HB3  1 
ATOM   431  N N    . ALA A 1 24 ? -3.784  11.833  -2.726  1.00 10.62 ? 23  ALA A N    1 
ATOM   432  C CA   . ALA A 1 24 ? -4.508  13.001  -2.238  1.00 10.90 ? 23  ALA A CA   1 
ATOM   433  C C    . ALA A 1 24 ? -3.628  13.853  -1.333  1.00 10.61 ? 23  ALA A C    1 
ATOM   434  O O    . ALA A 1 24 ? -3.666  15.087  -1.405  1.00 11.27 ? 23  ALA A O    1 
ATOM   435  C CB   . ALA A 1 24 ? -5.773  12.563  -1.502  1.00 11.34 ? 23  ALA A CB   1 
ATOM   436  H H    . ALA A 1 24 ? -4.076  11.079  -2.434  1.00 12.74 ? 23  ALA A H    1 
ATOM   437  H HA   . ALA A 1 24 ? -4.775  13.545  -2.994  1.00 13.08 ? 23  ALA A HA   1 
ATOM   438  H HB1  . ALA A 1 24 ? -6.241  13.351  -1.184  1.00 13.61 ? 23  ALA A HB1  1 
ATOM   439  H HB2  . ALA A 1 24 ? -6.337  12.067  -2.114  1.00 13.61 ? 23  ALA A HB2  1 
ATOM   440  H HB3  . ALA A 1 24 ? -5.522  12.001  -0.752  1.00 13.61 ? 23  ALA A HB3  1 
ATOM   441  N N    . LEU A 1 25 ? -2.824  13.210  -0.478  1.00 10.54 ? 24  LEU A N    1 
ATOM   442  C CA   . LEU A 1 25 ? -1.933  13.947  0.414   1.00 11.39 ? 24  LEU A CA   1 
ATOM   443  C C    . LEU A 1 25 ? -0.895  14.732  -0.373  1.00 11.34 ? 24  LEU A C    1 
ATOM   444  O O    . LEU A 1 25 ? -0.605  15.891  -0.051  1.00 11.39 ? 24  LEU A O    1 
ATOM   445  C CB   . LEU A 1 25 ? -1.232  12.977  1.365   1.00 12.81 ? 24  LEU A CB   1 
ATOM   446  C CG   . LEU A 1 25 ? -1.992  12.552  2.619   1.00 16.34 ? 24  LEU A CG   1 
ATOM   447  C CD1  . LEU A 1 25 ? -1.346  11.329  3.257   1.00 18.50 ? 24  LEU A CD1  1 
ATOM   448  C CD2  . LEU A 1 25 ? -2.057  13.706  3.605   1.00 17.15 ? 24  LEU A CD2  1 
ATOM   449  H H    . LEU A 1 25 ? -2.779  12.355  -0.397  1.00 12.64 ? 24  LEU A H    1 
ATOM   450  H HA   . LEU A 1 25 ? -2.452  14.573  0.940   1.00 13.67 ? 24  LEU A HA   1 
ATOM   451  H HB2  . LEU A 1 25 ? -1.024  12.168  0.871   1.00 15.37 ? 24  LEU A HB2  1 
ATOM   452  H HB3  . LEU A 1 25 ? -0.405  13.390  1.660   1.00 15.37 ? 24  LEU A HB3  1 
ATOM   453  H HG   . LEU A 1 25 ? -2.896  12.317  2.374   1.00 19.61 ? 24  LEU A HG   1 
ATOM   454  H HD11 . LEU A 1 25 ? -1.334  10.606  2.612   1.00 22.21 ? 24  LEU A HD11 1 
ATOM   455  H HD12 . LEU A 1 25 ? -0.439  11.553  3.521   1.00 22.21 ? 24  LEU A HD12 1 
ATOM   456  H HD13 . LEU A 1 25 ? -1.863  11.070  4.036   1.00 22.21 ? 24  LEU A HD13 1 
ATOM   457  H HD21 . LEU A 1 25 ? -2.542  13.419  4.395   1.00 20.58 ? 24  LEU A HD21 1 
ATOM   458  H HD22 . LEU A 1 25 ? -1.153  13.960  3.846   1.00 20.58 ? 24  LEU A HD22 1 
ATOM   459  H HD23 . LEU A 1 25 ? -2.514  14.454  3.191   1.00 20.58 ? 24  LEU A HD23 1 
ATOM   460  N N    A LYS A 1 26 ? -0.318  14.121  -1.408  0.66 11.23 ? 25  LYS A N    1 
ATOM   461  N N    B LYS A 1 26 ? -0.311  14.107  -1.397  0.34 13.06 ? 25  LYS A N    1 
ATOM   462  C CA   A LYS A 1 26 ? 0.676   14.831  -2.204  0.66 11.56 ? 25  LYS A CA   1 
ATOM   463  C CA   B LYS A 1 26 ? 0.663   14.788  -2.244  0.34 14.34 ? 25  LYS A CA   1 
ATOM   464  C C    A LYS A 1 26 ? 0.083   16.100  -2.798  0.66 11.15 ? 25  LYS A C    1 
ATOM   465  C C    B LYS A 1 26 ? 0.085   16.081  -2.800  0.34 12.73 ? 25  LYS A C    1 
ATOM   466  O O    A LYS A 1 26 ? 0.715   17.163  -2.775  0.66 12.10 ? 25  LYS A O    1 
ATOM   467  O O    B LYS A 1 26 ? 0.725   17.138  -2.753  0.34 12.30 ? 25  LYS A O    1 
ATOM   468  C CB   A LYS A 1 26 ? 1.210   13.924  -3.312  0.66 13.04 ? 25  LYS A CB   1 
ATOM   469  C CB   B LYS A 1 26 ? 1.076   13.844  -3.375  0.34 16.63 ? 25  LYS A CB   1 
ATOM   470  C CG   A LYS A 1 26 ? 2.006   12.731  -2.808  0.66 15.35 ? 25  LYS A CG   1 
ATOM   471  C CG   B LYS A 1 26 ? 1.779   14.503  -4.552  0.34 18.82 ? 25  LYS A CG   1 
ATOM   472  C CD   A LYS A 1 26 ? 2.463   11.845  -3.960  0.66 17.44 ? 25  LYS A CD   1 
ATOM   473  C CD   B LYS A 1 26 ? 2.236   13.455  -5.556  0.34 21.25 ? 25  LYS A CD   1 
ATOM   474  C CE   A LYS A 1 26 ? 3.249   10.639  -3.470  0.66 20.51 ? 25  LYS A CE   1 
ATOM   475  C CE   B LYS A 1 26 ? 3.077   14.057  -6.669  0.34 23.10 ? 25  LYS A CE   1 
ATOM   476  N NZ   A LYS A 1 26 ? 4.562   11.016  -2.878  0.66 24.28 ? 25  LYS A NZ   1 
ATOM   477  N NZ   B LYS A 1 26 ? 3.518   13.022  -7.640  0.34 24.30 ? 25  LYS A NZ   1 
ATOM   478  H H    A LYS A 1 26 ? -0.479  13.316  -1.663  0.66 13.48 ? 25  LYS A H    1 
ATOM   479  H H    B LYS A 1 26 ? -0.462  13.290  -1.620  0.34 15.67 ? 25  LYS A H    1 
ATOM   480  H HA   A LYS A 1 26 ? 1.419   15.082  -1.634  0.66 13.87 ? 25  LYS A HA   1 
ATOM   481  H HA   B LYS A 1 26 ? 1.451   15.003  -1.721  0.34 17.20 ? 25  LYS A HA   1 
ATOM   482  H HB2  A LYS A 1 26 ? 0.461   13.585  -3.826  0.66 15.65 ? 25  LYS A HB2  1 
ATOM   483  H HB2  B LYS A 1 26 ? 1.679   13.176  -3.013  0.34 19.96 ? 25  LYS A HB2  1 
ATOM   484  H HB3  A LYS A 1 26 ? 1.792   14.445  -3.886  0.66 15.65 ? 25  LYS A HB3  1 
ATOM   485  H HB3  B LYS A 1 26 ? 0.280   13.410  -3.718  0.34 19.96 ? 25  LYS A HB3  1 
ATOM   486  H HG2  A LYS A 1 26 ? 2.788   13.045  -2.330  0.66 18.41 ? 25  LYS A HG2  1 
ATOM   487  H HG2  B LYS A 1 26 ? 1.165   15.101  -5.005  0.34 22.59 ? 25  LYS A HG2  1 
ATOM   488  H HG3  A LYS A 1 26 ? 1.451   12.200  -2.219  0.66 18.41 ? 25  LYS A HG3  1 
ATOM   489  H HG3  B LYS A 1 26 ? 2.554   14.989  -4.238  0.34 22.59 ? 25  LYS A HG3  1 
ATOM   490  H HD2  A LYS A 1 26 ? 1.686   11.522  -4.442  0.66 20.93 ? 25  LYS A HD2  1 
ATOM   491  H HD2  B LYS A 1 26 ? 2.773   12.788  -5.099  0.34 25.50 ? 25  LYS A HD2  1 
ATOM   492  H HD3  A LYS A 1 26 ? 3.033   12.358  -4.553  0.66 20.93 ? 25  LYS A HD3  1 
ATOM   493  H HD3  B LYS A 1 26 ? 1.458   13.038  -5.958  0.34 25.50 ? 25  LYS A HD3  1 
ATOM   494  H HE2  A LYS A 1 26 ? 2.734   10.182  -2.788  0.66 24.61 ? 25  LYS A HE2  1 
ATOM   495  H HE2  B LYS A 1 26 ? 2.552   14.716  -7.148  0.34 27.72 ? 25  LYS A HE2  1 
ATOM   496  H HE3  A LYS A 1 26 ? 3.415   10.043  -4.217  0.66 24.61 ? 25  LYS A HE3  1 
ATOM   497  H HE3  B LYS A 1 26 ? 3.867   14.470  -6.289  0.34 27.72 ? 25  LYS A HE3  1 
ATOM   498  H HZ1  A LYS A 1 26 ? 4.992   10.288  -2.605  0.66 29.14 ? 25  LYS A HZ1  1 
ATOM   499  H HZ1  B LYS A 1 26 ? 2.815   12.696  -8.077  0.34 29.16 ? 25  LYS A HZ1  1 
ATOM   500  H HZ2  A LYS A 1 26 ? 5.060   11.435  -3.485  0.66 29.14 ? 25  LYS A HZ2  1 
ATOM   501  H HZ2  B LYS A 1 26 ? 4.084   13.378  -8.227  0.34 29.16 ? 25  LYS A HZ2  1 
ATOM   502  H HZ3  A LYS A 1 26 ? 4.438   11.557  -2.183  0.66 29.14 ? 25  LYS A HZ3  1 
ATOM   503  H HZ3  B LYS A 1 26 ? 3.927   12.359  -7.212  0.34 29.16 ? 25  LYS A HZ3  1 
ATOM   504  N N    . TRP A 1 27 ? -1.137  16.011  -3.327  1.00 11.35 ? 26  TRP A N    1 
ATOM   505  C CA   . TRP A 1 27 ? -1.779  17.191  -3.890  1.00 10.80 ? 26  TRP A CA   1 
ATOM   506  C C    . TRP A 1 27 ? -2.093  18.217  -2.808  1.00 9.30  ? 26  TRP A C    1 
ATOM   507  O O    . TRP A 1 27 ? -1.894  19.420  -3.008  1.00 10.65 ? 26  TRP A O    1 
ATOM   508  C CB   . TRP A 1 27 ? -3.052  16.765  -4.617  1.00 11.50 ? 26  TRP A CB   1 
ATOM   509  C CG   . TRP A 1 27 ? -3.754  17.868  -5.335  1.00 11.77 ? 26  TRP A CG   1 
ATOM   510  C CD1  . TRP A 1 27 ? -4.977  18.389  -5.036  1.00 12.14 ? 26  TRP A CD1  1 
ATOM   511  C CD2  . TRP A 1 27 ? -3.283  18.579  -6.484  1.00 11.67 ? 26  TRP A CD2  1 
ATOM   512  N NE1  . TRP A 1 27 ? -5.295  19.385  -5.924  1.00 13.07 ? 26  TRP A NE1  1 
ATOM   513  C CE2  . TRP A 1 27 ? -4.272  19.524  -6.823  1.00 12.25 ? 26  TRP A CE2  1 
ATOM   514  C CE3  . TRP A 1 27 ? -2.119  18.515  -7.256  1.00 13.85 ? 26  TRP A CE3  1 
ATOM   515  C CZ2  . TRP A 1 27 ? -4.134  20.396  -7.903  1.00 13.92 ? 26  TRP A CZ2  1 
ATOM   516  C CZ3  . TRP A 1 27 ? -1.984  19.381  -8.329  1.00 15.79 ? 26  TRP A CZ3  1 
ATOM   517  C CH2  . TRP A 1 27 ? -2.987  20.308  -8.640  1.00 15.41 ? 26  TRP A CH2  1 
ATOM   518  H H    . TRP A 1 27 ? -1.606  15.291  -3.369  1.00 13.62 ? 26  TRP A H    1 
ATOM   519  H HA   . TRP A 1 27 ? -1.183  17.603  -4.535  1.00 12.96 ? 26  TRP A HA   1 
ATOM   520  H HB2  . TRP A 1 27 ? -2.822  16.088  -5.272  1.00 13.80 ? 26  TRP A HB2  1 
ATOM   521  H HB3  . TRP A 1 27 ? -3.671  16.396  -3.969  1.00 13.80 ? 26  TRP A HB3  1 
ATOM   522  H HD1  . TRP A 1 27 ? -5.516  18.110  -4.332  1.00 14.57 ? 26  TRP A HD1  1 
ATOM   523  H HE1  . TRP A 1 27 ? -6.020  19.849  -5.917  1.00 15.68 ? 26  TRP A HE1  1 
ATOM   524  H HE3  . TRP A 1 27 ? -1.449  17.901  -7.055  1.00 16.62 ? 26  TRP A HE3  1 
ATOM   525  H HZ2  . TRP A 1 27 ? -4.798  21.012  -8.113  1.00 16.71 ? 26  TRP A HZ2  1 
ATOM   526  H HZ3  . TRP A 1 27 ? -1.215  19.348  -8.851  1.00 18.94 ? 26  TRP A HZ3  1 
ATOM   527  H HH2  . TRP A 1 27 ? -2.869  20.878  -9.366  1.00 18.50 ? 26  TRP A HH2  1 
ATOM   528  N N    . GLN A 1 28 ? -2.573  17.759  -1.650  1.00 9.29  ? 27  GLN A N    1 
ATOM   529  C CA   . GLN A 1 28 ? -2.890  18.680  -0.564  1.00 8.52  ? 27  GLN A CA   1 
ATOM   530  C C    . GLN A 1 28 ? -1.642  19.414  -0.094  1.00 8.61  ? 27  GLN A C    1 
ATOM   531  O O    . GLN A 1 28 ? -1.673  20.627  0.146   1.00 9.04  ? 27  GLN A O    1 
ATOM   532  C CB   . GLN A 1 28 ? -3.514  17.905  0.594   1.00 9.62  ? 27  GLN A CB   1 
ATOM   533  C CG   . GLN A 1 28 ? -4.118  18.782  1.666   1.00 10.51 ? 27  GLN A CG   1 
ATOM   534  C CD   . GLN A 1 28 ? -4.552  18.008  2.891   1.00 11.32 ? 27  GLN A CD   1 
ATOM   535  O OE1  . GLN A 1 28 ? -4.376  16.793  2.974   1.00 12.48 ? 27  GLN A OE1  1 
ATOM   536  N NE2  . GLN A 1 28 ? -5.117  18.716  3.859   1.00 13.19 ? 27  GLN A NE2  1 
ATOM   537  H H    . GLN A 1 28 ? -2.722  16.931  -1.473  1.00 11.14 ? 27  GLN A H    1 
ATOM   538  H HA   . GLN A 1 28 ? -3.533  19.336  -0.875  1.00 10.22 ? 27  GLN A HA   1 
ATOM   539  H HB2  . GLN A 1 28 ? -4.219  17.336  0.246   1.00 11.54 ? 27  GLN A HB2  1 
ATOM   540  H HB3  . GLN A 1 28 ? -2.827  17.359  1.010   1.00 11.54 ? 27  GLN A HB3  1 
ATOM   541  H HG2  . GLN A 1 28 ? -3.461  19.438  1.946   1.00 12.62 ? 27  GLN A HG2  1 
ATOM   542  H HG3  . GLN A 1 28 ? -4.898  19.230  1.304   1.00 12.62 ? 27  GLN A HG3  1 
ATOM   543  H HE21 . GLN A 1 28 ? -5.223  19.564  3.767   1.00 15.83 ? 27  GLN A HE21 1 
ATOM   544  H HE22 . GLN A 1 28 ? -5.382  18.325  4.578   1.00 15.83 ? 27  GLN A HE22 1 
ATOM   545  N N    . ILE A 1 29 ? -0.530  18.690  0.039   1.00 9.22  ? 28  ILE A N    1 
ATOM   546  C CA   . ILE A 1 29 ? 0.732   19.305  0.440   1.00 9.24  ? 28  ILE A CA   1 
ATOM   547  C C    . ILE A 1 29 ? 1.168   20.341  -0.587  1.00 9.35  ? 28  ILE A C    1 
ATOM   548  O O    . ILE A 1 29 ? 1.612   21.441  -0.235  1.00 10.67 ? 28  ILE A O    1 
ATOM   549  C CB   . ILE A 1 29 ? 1.798   18.208  0.638   1.00 9.42  ? 28  ILE A CB   1 
ATOM   550  C CG1  . ILE A 1 29 ? 1.467   17.349  1.859   1.00 9.52  ? 28  ILE A CG1  1 
ATOM   551  C CG2  . ILE A 1 29 ? 3.173   18.827  0.787   1.00 11.11 ? 28  ILE A CG2  1 
ATOM   552  C CD1  . ILE A 1 29 ? 2.232   16.036  1.917   1.00 10.92 ? 28  ILE A CD1  1 
ATOM   553  H H    . ILE A 1 29 ? -0.482  17.842  -0.096  1.00 11.06 ? 28  ILE A H    1 
ATOM   554  H HA   . ILE A 1 29 ? 0.608   19.757  1.288   1.00 11.08 ? 28  ILE A HA   1 
ATOM   555  H HB   . ILE A 1 29 ? 1.802   17.638  -0.147  1.00 11.31 ? 28  ILE A HB   1 
ATOM   556  H HG12 . ILE A 1 29 ? 1.682   17.851  2.661   1.00 11.42 ? 28  ILE A HG12 1 
ATOM   557  H HG13 . ILE A 1 29 ? 0.520   17.139  1.848   1.00 11.42 ? 28  ILE A HG13 1 
ATOM   558  H HG21 . ILE A 1 29 ? 3.495   19.097  -0.087  1.00 13.34 ? 28  ILE A HG21 1 
ATOM   559  H HG22 . ILE A 1 29 ? 3.110   19.599  1.370   1.00 13.34 ? 28  ILE A HG22 1 
ATOM   560  H HG23 . ILE A 1 29 ? 3.778   18.172  1.168   1.00 13.34 ? 28  ILE A HG23 1 
ATOM   561  H HD11 . ILE A 1 29 ? 3.174   16.221  2.054   1.00 13.10 ? 28  ILE A HD11 1 
ATOM   562  H HD12 . ILE A 1 29 ? 1.889   15.505  2.654   1.00 13.10 ? 28  ILE A HD12 1 
ATOM   563  H HD13 . ILE A 1 29 ? 2.105   15.561  1.081   1.00 13.10 ? 28  ILE A HD13 1 
ATOM   564  N N    . GLN A 1 30 ? 1.048   20.009  -1.872  1.00 10.43 ? 29  GLN A N    1 
ATOM   565  C CA   . GLN A 1 30 ? 1.492   20.909  -2.964  1.00 11.96 ? 29  GLN A CA   1 
ATOM   566  C C    . GLN A 1 30 ? 0.670   22.198  -2.969  1.00 11.51 ? 29  GLN A C    1 
ATOM   567  O O    . GLN A 1 30 ? 1.219   23.220  -3.390  1.00 12.07 ? 29  GLN A O    1 
ATOM   568  C CB   . GLN A 1 30 ? 1.396   20.180  -4.286  1.00 14.99 ? 29  GLN A CB   1 
ATOM   569  C CG   . GLN A 1 30 ? 2.542   19.188  -4.480  1.00 17.34 ? 29  GLN A CG   1 
ATOM   570  C CD   . GLN A 1 30 ? 2.256   18.062  -5.444  1.00 21.16 ? 29  GLN A CD   1 
ATOM   571  O OE1  . GLN A 1 30 ? 1.164   17.924  -5.980  1.00 23.36 ? 29  GLN A OE1  1 
ATOM   572  N NE2  . GLN A 1 30 ? 3.261   17.233  -5.678  1.00 24.57 ? 29  GLN A NE2  1 
ATOM   573  H H    . GLN A 1 30 ? 0.712   19.267  -2.149  1.00 12.52 ? 29  GLN A H    1 
ATOM   574  H HA   . GLN A 1 30 ? 2.422   21.147  -2.820  1.00 14.36 ? 29  GLN A HA   1 
ATOM   575  H HB2  . GLN A 1 30 ? 0.560   19.687  -4.317  1.00 17.99 ? 29  GLN A HB2  1 
ATOM   576  H HB3  . GLN A 1 30 ? 1.430   20.825  -5.009  1.00 17.99 ? 29  GLN A HB3  1 
ATOM   577  H HG2  . GLN A 1 30 ? 3.315   19.669  -4.812  1.00 20.81 ? 29  GLN A HG2  1 
ATOM   578  H HG3  . GLN A 1 30 ? 2.753   18.789  -3.620  1.00 20.81 ? 29  GLN A HG3  1 
ATOM   579  H HE21 . GLN A 1 30 ? 4.017   17.354  -5.289  1.00 29.49 ? 29  GLN A HE21 1 
ATOM   580  H HE22 . GLN A 1 30 ? 3.156   16.574  -6.219  1.00 29.49 ? 29  GLN A HE22 1 
ATOM   581  N N    . GLY A 1 31 ? -0.564  22.173  -2.503  1.00 10.55 ? 30  GLY A N    1 
ATOM   582  C CA   . GLY A 1 31 ? -1.403  23.383  -2.441  1.00 11.37 ? 30  GLY A CA   1 
ATOM   583  C C    . GLY A 1 31 ? -0.884  24.377  -1.421  1.00 10.83 ? 30  GLY A C    1 
ATOM   584  O O    . GLY A 1 31 ? -0.136  24.010  -0.489  1.00 13.86 ? 30  GLY A O    1 
ATOM   585  H H    . GLY A 1 31 ? -0.955  21.465  -2.210  1.00 12.66 ? 30  GLY A H    1 
ATOM   586  H HA2  . GLY A 1 31 ? -1.419  23.812  -3.310  1.00 13.64 ? 30  GLY A HA2  1 
ATOM   587  H HA3  . GLY A 1 31 ? -2.310  23.138  -2.201  1.00 13.64 ? 30  GLY A HA3  1 
HETATM 588  N N    . NH2 A 1 32 ? -1.402  25.666  -1.500  1.00 12.36 ? 31  NH2 A N    1 
HETATM 589  H HN1  . NH2 A 1 32 ? -2.284  25.561  -1.849  1.00 14.84 ? 31  NH2 A HN1  1 
HETATM 590  H HN2  . NH2 A 1 32 ? -1.269  25.769  -0.561  1.00 14.84 ? 31  NH2 A HN2  1 
HETATM 591  C C    . ACE B 1 1  ? 9.475   16.993  14.973  1.00 27.83 ? 0   ACE B C    1 
HETATM 592  O O    . ACE B 1 1  ? 9.994   15.986  15.357  1.00 29.41 ? 0   ACE B O    1 
HETATM 593  C CH3  . ACE B 1 1  ? 9.122   18.107  15.936  1.00 28.19 ? 0   ACE B CH3  1 
HETATM 594  H H1   . ACE B 1 1  ? 8.701   18.836  15.450  1.00 33.82 ? 0   ACE B H1   1 
HETATM 595  H H2   . ACE B 1 1  ? 9.929   18.432  16.368  1.00 33.82 ? 0   ACE B H2   1 
HETATM 596  H H3   . ACE B 1 1  ? 8.509   17.772  16.610  1.00 33.82 ? 0   ACE B H3   1 
ATOM   597  N N    . GLY B 1 2  ? 9.171   17.199  13.667  1.00 24.62 ? 1   GLY B N    1 
ATOM   598  C CA   . GLY B 1 2  ? 9.457   16.216  12.620  1.00 21.28 ? 1   GLY B CA   1 
ATOM   599  C C    . GLY B 1 2  ? 8.455   15.080  12.525  1.00 18.81 ? 1   GLY B C    1 
ATOM   600  O O    . GLY B 1 2  ? 8.676   14.111  11.793  1.00 15.96 ? 1   GLY B O    1 
ATOM   601  H H    . GLY B 1 2  ? 8.791   17.925  13.352  1.00 29.54 ? 1   GLY B H    1 
ATOM   602  H HA2  . GLY B 1 2  ? 9.485   16.670  11.765  1.00 25.54 ? 1   GLY B HA2  1 
ATOM   603  H HA3  . GLY B 1 2  ? 10.333  15.826  12.775  1.00 25.54 ? 1   GLY B HA3  1 
ATOM   604  N N    . GLN B 1 3  ? 7.346   15.201  13.261  1.00 18.85 ? 2   GLN B N    1 
ATOM   605  C CA   . GLN B 1 3  ? 6.351   14.134  13.278  1.00 17.96 ? 2   GLN B CA   1 
ATOM   606  C C    . GLN B 1 3  ? 5.613   14.033  11.949  1.00 15.74 ? 2   GLN B C    1 
ATOM   607  O O    . GLN B 1 3  ? 5.290   12.928  11.502  1.00 16.57 ? 2   GLN B O    1 
ATOM   608  C CB   . GLN B 1 3  ? 5.365   14.339  14.430  1.00 18.85 ? 2   GLN B CB   1 
ATOM   609  C CG   . GLN B 1 3  ? 5.940   14.046  15.809  1.00 20.93 ? 2   GLN B CG   1 
ATOM   610  C CD   . GLN B 1 3  ? 6.665   15.231  16.412  1.00 23.91 ? 2   GLN B CD   1 
ATOM   611  O OE1  . GLN B 1 3  ? 6.709   16.313  15.828  1.00 25.98 ? 2   GLN B OE1  1 
ATOM   612  N NE2  . GLN B 1 3  ? 7.236   15.032  17.594  1.00 24.72 ? 2   GLN B NE2  1 
ATOM   613  H H    . GLN B 1 3  ? 7.151   15.880  13.750  1.00 22.61 ? 2   GLN B H    1 
ATOM   614  H HA   . GLN B 1 3  ? 6.805   13.290  13.426  1.00 21.55 ? 2   GLN B HA   1 
ATOM   615  H HB2  . GLN B 1 3  ? 5.064   15.261  14.422  1.00 22.62 ? 2   GLN B HB2  1 
ATOM   616  H HB3  . GLN B 1 3  ? 4.608   13.748  14.296  1.00 22.62 ? 2   GLN B HB3  1 
ATOM   617  H HG2  . GLN B 1 3  ? 5.216   13.803  16.407  1.00 25.11 ? 2   GLN B HG2  1 
ATOM   618  H HG3  . GLN B 1 3  ? 6.571   13.313  15.739  1.00 25.11 ? 2   GLN B HG3  1 
ATOM   619  H HE21 . GLN B 1 3  ? 7.184   14.263  17.973  1.00 29.67 ? 2   GLN B HE21 1 
ATOM   620  H HE22 . GLN B 1 3  ? 7.660   15.674  17.979  1.00 29.67 ? 2   GLN B HE22 1 
ATOM   621  N N    . LEU B 1 4  ? 5.325   15.167  11.302  1.00 15.61 ? 3   LEU B N    1 
ATOM   622  C CA   . LEU B 1 4  ? 4.648   15.110  10.009  1.00 14.28 ? 3   LEU B CA   1 
ATOM   623  C C    . LEU B 1 4  ? 5.483   14.341  8.996   1.00 12.27 ? 3   LEU B C    1 
ATOM   624  O O    . LEU B 1 4  ? 4.983   13.441  8.314   1.00 12.24 ? 3   LEU B O    1 
ATOM   625  C CB   . LEU B 1 4  ? 4.341   16.518  9.499   1.00 15.94 ? 3   LEU B CB   1 
ATOM   626  C CG   . LEU B 1 4  ? 3.129   17.214  10.114  1.00 17.46 ? 3   LEU B CG   1 
ATOM   627  C CD1  . LEU B 1 4  ? 2.944   18.599  9.511   1.00 18.45 ? 3   LEU B CD1  1 
ATOM   628  C CD2  . LEU B 1 4  ? 1.873   16.385  9.920   1.00 18.23 ? 3   LEU B CD2  1 
ATOM   629  H H    . LEU B 1 4  ? 5.505   15.959  11.583  1.00 18.73 ? 3   LEU B H    1 
ATOM   630  H HA   . LEU B 1 4  ? 3.812   14.632  10.117  1.00 17.13 ? 3   LEU B HA   1 
ATOM   631  H HB2  . LEU B 1 4  ? 5.113   17.078  9.670   1.00 19.13 ? 3   LEU B HB2  1 
ATOM   632  H HB3  . LEU B 1 4  ? 4.187   16.466  8.543   1.00 19.13 ? 3   LEU B HB3  1 
ATOM   633  H HG   . LEU B 1 4  ? 3.275   17.319  11.068  1.00 20.95 ? 3   LEU B HG   1 
ATOM   634  H HD11 . LEU B 1 4  ? 2.182   19.027  9.931   1.00 22.13 ? 3   LEU B HD11 1 
ATOM   635  H HD12 . LEU B 1 4  ? 3.746   19.121  9.670   1.00 22.13 ? 3   LEU B HD12 1 
ATOM   636  H HD13 . LEU B 1 4  ? 2.790   18.509  8.558   1.00 22.13 ? 3   LEU B HD13 1 
ATOM   637  H HD21 . LEU B 1 4  ? 1.096   16.946  10.071  1.00 21.88 ? 3   LEU B HD21 1 
ATOM   638  H HD22 . LEU B 1 4  ? 1.860   16.041  9.013   1.00 21.88 ? 3   LEU B HD22 1 
ATOM   639  H HD23 . LEU B 1 4  ? 1.877   15.649  10.553  1.00 21.88 ? 3   LEU B HD23 1 
ATOM   640  N N    A GLU B 1 5  ? 6.766   14.695  8.885   0.66 11.25 ? 4   GLU B N    1 
ATOM   641  N N    B GLU B 1 5  ? 6.768   14.680  8.884   0.34 12.02 ? 4   GLU B N    1 
ATOM   642  C CA   A GLU B 1 5  ? 7.662   13.968  7.993   0.66 11.69 ? 4   GLU B CA   1 
ATOM   643  C CA   B GLU B 1 5  ? 7.635   13.943  7.971   0.34 12.04 ? 4   GLU B CA   1 
ATOM   644  C C    A GLU B 1 5  ? 7.698   12.488  8.346   0.66 10.78 ? 4   GLU B C    1 
ATOM   645  C C    B GLU B 1 5  ? 7.695   12.470  8.344   0.34 11.10 ? 4   GLU B C    1 
ATOM   646  O O    A GLU B 1 5  ? 7.667   11.627  7.457   0.66 12.26 ? 4   GLU B O    1 
ATOM   647  O O    B GLU B 1 5  ? 7.689   11.598  7.467   0.34 11.49 ? 4   GLU B O    1 
ATOM   648  C CB   A GLU B 1 5  ? 9.070   14.565  8.074   0.66 14.18 ? 4   GLU B CB   1 
ATOM   649  C CB   B GLU B 1 5  ? 9.036   14.544  7.984   0.34 13.42 ? 4   GLU B CB   1 
ATOM   650  C CG   A GLU B 1 5  ? 9.173   16.034  7.654   0.66 15.39 ? 4   GLU B CG   1 
ATOM   651  C CG   B GLU B 1 5  ? 9.222   15.665  6.996   0.34 13.87 ? 4   GLU B CG   1 
ATOM   652  C CD   A GLU B 1 5  ? 9.052   17.009  8.819   0.66 14.34 ? 4   GLU B CD   1 
ATOM   653  C CD   B GLU B 1 5  ? 10.551  16.351  7.168   0.34 14.26 ? 4   GLU B CD   1 
ATOM   654  O OE1  A GLU B 1 5  ? 8.309   16.717  9.780   0.66 15.31 ? 4   GLU B OE1  1 
ATOM   655  O OE1  B GLU B 1 5  ? 10.669  17.184  8.090   0.34 14.01 ? 4   GLU B OE1  1 
ATOM   656  O OE2  A GLU B 1 5  ? 9.706   18.075  8.772   0.66 14.68 ? 4   GLU B OE2  1 
ATOM   657  O OE2  B GLU B 1 5  ? 11.481  16.045  6.393   0.34 16.54 ? 4   GLU B OE2  1 
ATOM   658  H H    A GLU B 1 5  ? 7.136   15.343  9.312   0.66 13.49 ? 4   GLU B H    1 
ATOM   659  H H    B GLU B 1 5  ? 7.151   15.319  9.314   0.34 14.42 ? 4   GLU B H    1 
ATOM   660  H HA   A GLU B 1 5  ? 7.346   14.055  7.080   0.66 14.03 ? 4   GLU B HA   1 
ATOM   661  H HA   B GLU B 1 5  ? 7.283   14.013  7.070   0.34 14.45 ? 4   GLU B HA   1 
ATOM   662  H HB2  A GLU B 1 5  ? 9.379   14.500  8.991   0.66 17.01 ? 4   GLU B HB2  1 
ATOM   663  H HB2  B GLU B 1 5  ? 9.217   14.896  8.870   0.34 16.10 ? 4   GLU B HB2  1 
ATOM   664  H HB3  A GLU B 1 5  ? 9.657   14.053  7.496   0.66 17.01 ? 4   GLU B HB3  1 
ATOM   665  H HB3  B GLU B 1 5  ? 9.677   13.849  7.769   0.34 16.10 ? 4   GLU B HB3  1 
ATOM   666  H HG2  A GLU B 1 5  ? 10.034  16.179  7.232   0.66 18.47 ? 4   GLU B HG2  1 
ATOM   667  H HG2  B GLU B 1 5  ? 9.181   15.306  6.096   0.34 16.64 ? 4   GLU B HG2  1 
ATOM   668  H HG3  A GLU B 1 5  ? 8.461   16.231  7.026   0.66 18.47 ? 4   GLU B HG3  1 
ATOM   669  H HG3  B GLU B 1 5  ? 8.522   16.324  7.125   0.34 16.64 ? 4   GLU B HG3  1 
ATOM   670  N N    . GLN B 1 6  ? 7.761   12.173  9.641   1.00 10.08 ? 5   GLN B N    1 
ATOM   671  C CA   . GLN B 1 6  ? 7.799   10.782  10.072  1.00 10.41 ? 5   GLN B CA   1 
ATOM   672  C C    . GLN B 1 6  ? 6.541   10.041  9.641   1.00 11.16 ? 5   GLN B C    1 
ATOM   673  O O    . GLN B 1 6  ? 6.608   8.882   9.220   1.00 12.34 ? 5   GLN B O    1 
ATOM   674  C CB   . GLN B 1 6  ? 7.954   10.731  11.590  1.00 10.62 ? 5   GLN B CB   1 
ATOM   675  C CG   . GLN B 1 6  ? 8.033   9.339   12.183  1.00 11.28 ? 5   GLN B CG   1 
ATOM   676  C CD   . GLN B 1 6  ? 8.003   9.366   13.699  1.00 12.09 ? 5   GLN B CD   1 
ATOM   677  O OE1  . GLN B 1 6  ? 7.160   10.028  14.305  1.00 14.73 ? 5   GLN B OE1  1 
ATOM   678  N NE2  . GLN B 1 6  ? 8.935   8.661   14.319  1.00 14.73 ? 5   GLN B NE2  1 
ATOM   679  H H    A GLN B 1 6  ? 7.781   12.745  10.283  0.66 12.10 ? 5   GLN B H    1 
ATOM   680  H H    B GLN B 1 6  ? 7.783   12.749  10.280  0.34 12.10 ? 5   GLN B H    1 
ATOM   681  H HA   . GLN B 1 6  ? 8.565   10.342  9.671   1.00 12.49 ? 5   GLN B HA   1 
ATOM   682  H HB2  . GLN B 1 6  ? 8.770   11.198  11.833  1.00 12.74 ? 5   GLN B HB2  1 
ATOM   683  H HB3  . GLN B 1 6  ? 7.193   11.178  11.993  1.00 12.74 ? 5   GLN B HB3  1 
ATOM   684  H HG2  . GLN B 1 6  ? 7.275   8.814   11.880  1.00 13.53 ? 5   GLN B HG2  1 
ATOM   685  H HG3  . GLN B 1 6  ? 8.862   8.921   11.905  1.00 13.53 ? 5   GLN B HG3  1 
ATOM   686  H HE21 . GLN B 1 6  ? 9.509   8.213   13.863  1.00 17.68 ? 5   GLN B HE21 1 
ATOM   687  H HE22 . GLN B 1 6  ? 8.962   8.645   15.179  1.00 17.68 ? 5   GLN B HE22 1 
ATOM   688  N N    A GLU B 1 7  ? 5.381   10.693  9.750   0.43 11.90 ? 6   GLU B N    1 
ATOM   689  N N    B GLU B 1 7  ? 5.383   10.698  9.718   0.57 11.98 ? 6   GLU B N    1 
ATOM   690  C CA   A GLU B 1 7  ? 4.131   10.041  9.381   0.43 13.16 ? 6   GLU B CA   1 
ATOM   691  C CA   B GLU B 1 7  ? 4.143   10.010  9.378   0.57 13.49 ? 6   GLU B CA   1 
ATOM   692  C C    A GLU B 1 7  ? 4.085   9.741   7.889   0.43 13.55 ? 6   GLU B C    1 
ATOM   693  C C    B GLU B 1 7  ? 4.042   9.754   7.879   0.57 13.74 ? 6   GLU B C    1 
ATOM   694  O O    A GLU B 1 7  ? 3.639   8.663   7.481   0.43 14.98 ? 6   GLU B O    1 
ATOM   695  O O    B GLU B 1 7  ? 3.507   8.724   7.456   0.57 14.94 ? 6   GLU B O    1 
ATOM   696  C CB   A GLU B 1 7  ? 2.947   10.918  9.788   0.43 14.34 ? 6   GLU B CB   1 
ATOM   697  C CB   B GLU B 1 7  ? 2.938   10.802  9.876   0.57 14.84 ? 6   GLU B CB   1 
ATOM   698  C CG   A GLU B 1 7  ? 2.771   11.064  11.293  0.43 16.28 ? 6   GLU B CG   1 
ATOM   699  C CG   B GLU B 1 7  ? 1.645   10.016  9.777   0.57 15.97 ? 6   GLU B CG   1 
ATOM   700  C CD   A GLU B 1 7  ? 1.662   12.033  11.658  0.43 18.36 ? 6   GLU B CD   1 
ATOM   701  C CD   B GLU B 1 7  ? 0.487   10.689  10.477  0.57 16.42 ? 6   GLU B CD   1 
ATOM   702  O OE1  A GLU B 1 7  ? 0.614   12.019  10.980  0.43 19.80 ? 6   GLU B OE1  1 
ATOM   703  O OE1  B GLU B 1 7  ? 0.679   11.784  11.045  0.57 17.40 ? 6   GLU B OE1  1 
ATOM   704  O OE2  A GLU B 1 7  ? 1.844   12.813  12.618  0.43 19.31 ? 6   GLU B OE2  1 
ATOM   705  O OE2  B GLU B 1 7  ? -0.622  10.112  10.468  0.57 18.36 ? 6   GLU B OE2  1 
ATOM   706  H H    A GLU B 1 7  ? 5.296   11.502  10.030  0.43 14.28 ? 6   GLU B H    1 
ATOM   707  H H    B GLU B 1 7  ? 5.291   11.519  9.957   0.57 14.37 ? 6   GLU B H    1 
ATOM   708  H HA   A GLU B 1 7  ? 4.060   9.200   9.858   0.43 15.80 ? 6   GLU B HA   1 
ATOM   709  H HA   B GLU B 1 7  ? 4.134   9.149   9.824   0.57 16.18 ? 6   GLU B HA   1 
ATOM   710  H HB2  A GLU B 1 7  ? 3.075   11.806  9.419   0.43 17.21 ? 6   GLU B HB2  1 
ATOM   711  H HB2  B GLU B 1 7  ? 3.076   11.037  10.807  0.57 17.81 ? 6   GLU B HB2  1 
ATOM   712  H HB3  A GLU B 1 7  ? 2.133   10.528  9.432   0.43 17.21 ? 6   GLU B HB3  1 
ATOM   713  H HB3  B GLU B 1 7  ? 2.843   11.606  9.340   0.57 17.81 ? 6   GLU B HB3  1 
ATOM   714  H HG2  A GLU B 1 7  ? 2.545   10.198  11.667  0.43 19.53 ? 6   GLU B HG2  1 
ATOM   715  H HG2  B GLU B 1 7  ? 1.409   9.912   8.842   0.57 19.16 ? 6   GLU B HG2  1 
ATOM   716  H HG3  A GLU B 1 7  ? 3.596   11.386  11.681  0.43 19.53 ? 6   GLU B HG3  1 
ATOM   717  H HG3  B GLU B 1 7  ? 1.775   9.145   10.184  0.57 19.16 ? 6   GLU B HG3  1 
ATOM   718  N N    . ILE B 1 8  ? 4.535   10.683  7.058   1.00 13.04 ? 7   ILE B N    1 
ATOM   719  C CA   . ILE B 1 8  ? 4.563   10.442  5.620   1.00 14.06 ? 7   ILE B CA   1 
ATOM   720  C C    . ILE B 1 8  ? 5.513   9.298   5.299   1.00 12.94 ? 7   ILE B C    1 
ATOM   721  O O    . ILE B 1 8  ? 5.212   8.431   4.470   1.00 13.79 ? 7   ILE B O    1 
ATOM   722  C CB   . ILE B 1 8  ? 4.933   11.732  4.863   1.00 16.61 ? 7   ILE B CB   1 
ATOM   723  C CG1  . ILE B 1 8  ? 3.819   12.775  4.985   1.00 18.21 ? 7   ILE B CG1  1 
ATOM   724  C CG2  . ILE B 1 8  ? 5.225   11.420  3.402   1.00 17.88 ? 7   ILE B CG2  1 
ATOM   725  C CD1  . ILE B 1 8  ? 2.568   12.444  4.203   1.00 19.73 ? 7   ILE B CD1  1 
ATOM   726  H H    A ILE B 1 8  ? 4.825   11.456  7.299   0.43 15.65 ? 7   ILE B H    1 
ATOM   727  H H    B ILE B 1 8  ? 4.853   11.443  7.305   0.57 15.65 ? 7   ILE B H    1 
ATOM   728  H HA   . ILE B 1 8  ? 3.677   10.172  5.334   1.00 16.87 ? 7   ILE B HA   1 
ATOM   729  H HB   . ILE B 1 8  ? 5.736   12.095  5.268   1.00 19.94 ? 7   ILE B HB   1 
ATOM   730  H HG12 . ILE B 1 8  ? 3.570   12.858  5.919   1.00 21.85 ? 7   ILE B HG12 1 
ATOM   731  H HG13 . ILE B 1 8  ? 4.153   13.626  4.660   1.00 21.85 ? 7   ILE B HG13 1 
ATOM   732  H HG21 . ILE B 1 8  ? 4.541   10.821  3.065   1.00 21.46 ? 7   ILE B HG21 1 
ATOM   733  H HG22 . ILE B 1 8  ? 5.219   12.247  2.896   1.00 21.46 ? 7   ILE B HG22 1 
ATOM   734  H HG23 . ILE B 1 8  ? 6.095   10.997  3.332   1.00 21.46 ? 7   ILE B HG23 1 
ATOM   735  H HD11 . ILE B 1 8  ? 2.255   11.563  4.457   1.00 23.68 ? 7   ILE B HD11 1 
ATOM   736  H HD12 . ILE B 1 8  ? 1.888   13.106  4.406   1.00 23.68 ? 7   ILE B HD12 1 
ATOM   737  H HD13 . ILE B 1 8  ? 2.771   12.463  3.254   1.00 23.68 ? 7   ILE B HD13 1 
ATOM   738  N N    . ALA B 1 9  ? 6.674   9.271   5.954   1.00 12.62 ? 8   ALA B N    1 
ATOM   739  C CA   . ALA B 1 9  ? 7.600   8.163   5.756   1.00 12.71 ? 8   ALA B CA   1 
ATOM   740  C C    . ALA B 1 9  ? 6.945   6.836   6.113   1.00 13.27 ? 8   ALA B C    1 
ATOM   741  O O    . ALA B 1 9  ? 7.120   5.838   5.404   1.00 13.31 ? 8   ALA B O    1 
ATOM   742  C CB   . ALA B 1 9  ? 8.862   8.380   6.590   1.00 13.05 ? 8   ALA B CB   1 
ATOM   743  H H    . ALA B 1 9  ? 6.943   9.873   6.507   1.00 15.15 ? 8   ALA B H    1 
ATOM   744  H HA   . ALA B 1 9  ? 7.859   8.129   4.823   1.00 15.25 ? 8   ALA B HA   1 
ATOM   745  H HB1  . ALA B 1 9  ? 9.284   9.207   6.312   1.00 15.67 ? 8   ALA B HB1  1 
ATOM   746  H HB2  . ALA B 1 9  ? 8.615   8.432   7.527   1.00 15.67 ? 8   ALA B HB2  1 
ATOM   747  H HB3  . ALA B 1 9  ? 9.466   7.635   6.447   1.00 15.67 ? 8   ALA B HB3  1 
ATOM   748  N N    . ALA B 1 10 ? 6.183   6.806   7.210   1.00 13.29 ? 9   ALA B N    1 
ATOM   749  C CA   . ALA B 1 10 ? 5.496   5.580   7.603   1.00 14.44 ? 9   ALA B CA   1 
ATOM   750  C C    . ALA B 1 10 ? 4.483   5.155   6.548   1.00 14.02 ? 9   ALA B C    1 
ATOM   751  O O    . ALA B 1 10 ? 4.391   3.970   6.207   1.00 14.63 ? 9   ALA B O    1 
ATOM   752  C CB   . ALA B 1 10 ? 4.809   5.781   8.952   1.00 16.14 ? 9   ALA B CB   1 
ATOM   753  H H    . ALA B 1 10 ? 6.050   7.474   7.735   1.00 15.95 ? 9   ALA B H    1 
ATOM   754  H HA   . ALA B 1 10 ? 6.148   4.868   7.699   1.00 17.33 ? 9   ALA B HA   1 
ATOM   755  H HB1  . ALA B 1 10 ? 4.165   6.502   8.873   1.00 19.37 ? 9   ALA B HB1  1 
ATOM   756  H HB2  . ALA B 1 10 ? 4.357   4.959   9.200   1.00 19.37 ? 9   ALA B HB2  1 
ATOM   757  H HB3  . ALA B 1 10 ? 5.479   6.005   9.616   1.00 19.37 ? 9   ALA B HB3  1 
ATOM   758  N N    . LEU B 1 11 ? 3.705   6.106   6.028   1.00 14.36 ? 10  LEU B N    1 
ATOM   759  C CA   . LEU B 1 11 ? 2.750   5.789   4.971   1.00 13.54 ? 10  LEU B CA   1 
ATOM   760  C C    . LEU B 1 11 ? 3.458   5.178   3.768   1.00 13.85 ? 10  LEU B C    1 
ATOM   761  O O    . LEU B 1 11 ? 3.028   4.148   3.236   1.00 14.73 ? 10  LEU B O    1 
ATOM   762  C CB   . LEU B 1 11 ? 1.987   7.053   4.570   1.00 13.54 ? 10  LEU B CB   1 
ATOM   763  C CG   . LEU B 1 11 ? 1.041   6.926   3.373   1.00 14.73 ? 10  LEU B CG   1 
ATOM   764  C CD1  . LEU B 1 11 ? -0.010  5.852   3.613   1.00 15.27 ? 10  LEU B CD1  1 
ATOM   765  C CD2  . LEU B 1 11 ? 0.379   8.263   3.085   1.00 15.70 ? 10  LEU B CD2  1 
ATOM   766  H H    . LEU B 1 11 ? 3.713   6.932   6.267   1.00 17.24 ? 10  LEU B H    1 
ATOM   767  H HA   . LEU B 1 11 ? 2.109   5.142   5.306   1.00 16.25 ? 10  LEU B HA   1 
ATOM   768  H HB2  . LEU B 1 11 ? 1.454   7.340   5.328   1.00 16.25 ? 10  LEU B HB2  1 
ATOM   769  H HB3  . LEU B 1 11 ? 2.634   7.742   4.352   1.00 16.25 ? 10  LEU B HB3  1 
ATOM   770  H HG   . LEU B 1 11 ? 1.552   6.675   2.589   1.00 17.68 ? 10  LEU B HG   1 
ATOM   771  H HD11 . LEU B 1 11 ? -0.635  5.852   2.871   1.00 18.33 ? 10  LEU B HD11 1 
ATOM   772  H HD12 . LEU B 1 11 ? 0.429   4.990   3.676   1.00 18.33 ? 10  LEU B HD12 1 
ATOM   773  H HD13 . LEU B 1 11 ? -0.477  6.048   4.440   1.00 18.33 ? 10  LEU B HD13 1 
ATOM   774  H HD21 . LEU B 1 11 ? -0.216  8.163   2.325   1.00 18.84 ? 10  LEU B HD21 1 
ATOM   775  H HD22 . LEU B 1 11 ? -0.125  8.540   3.866   1.00 18.84 ? 10  LEU B HD22 1 
ATOM   776  H HD23 . LEU B 1 11 ? 1.066   8.918   2.885   1.00 18.84 ? 10  LEU B HD23 1 
ATOM   777  N N    . ASN B 1 12 ? 4.561   5.793   3.336   1.00 14.01 ? 11  ASN B N    1 
ATOM   778  C CA   . ASN B 1 12 ? 5.296   5.265   2.192   1.00 14.42 ? 11  ASN B CA   1 
ATOM   779  C C    . ASN B 1 12 ? 5.883   3.891   2.493   1.00 14.23 ? 11  ASN B C    1 
ATOM   780  O O    . ASN B 1 12 ? 5.923   3.023   1.615   1.00 13.36 ? 11  ASN B O    1 
ATOM   781  C CB   . ASN B 1 12 ? 6.396   6.239   1.776   1.00 15.71 ? 11  ASN B CB   1 
ATOM   782  C CG   . ASN B 1 12 ? 5.845   7.489   1.125   1.00 17.67 ? 11  ASN B CG   1 
ATOM   783  O OD1  . ASN B 1 12 ? 4.760   7.473   0.542   1.00 19.42 ? 11  ASN B OD1  1 
ATOM   784  N ND2  . ASN B 1 12 ? 6.591   8.581   1.220   1.00 17.23 ? 11  ASN B ND2  1 
ATOM   785  H H    . ASN B 1 12 ? 4.897   6.505   3.682   1.00 16.81 ? 11  ASN B H    1 
ATOM   786  H HA   . ASN B 1 12 ? 4.685   5.169   1.445   1.00 17.30 ? 11  ASN B HA   1 
ATOM   787  H HB2  . ASN B 1 12 ? 6.897   6.506   2.563   1.00 18.85 ? 11  ASN B HB2  1 
ATOM   788  H HB3  . ASN B 1 12 ? 6.982   5.801   1.140   1.00 18.85 ? 11  ASN B HB3  1 
ATOM   789  H HD21 . ASN B 1 12 ? 6.323   9.318   0.866   1.00 20.68 ? 11  ASN B HD21 1 
ATOM   790  H HD22 . ASN B 1 12 ? 7.344   8.553   1.635   1.00 20.68 ? 11  ASN B HD22 1 
ATOM   791  N N    . GLN B 1 13 ? 6.361   3.678   3.721   1.00 14.13 ? 12  GLN B N    1 
ATOM   792  C CA   . GLN B 1 13 ? 6.844   2.352   4.095   1.00 15.48 ? 12  GLN B CA   1 
ATOM   793  C C    . GLN B 1 13 ? 5.726   1.321   4.030   1.00 13.85 ? 12  GLN B C    1 
ATOM   794  O O    . GLN B 1 13 ? 5.931   0.201   3.547   1.00 13.95 ? 12  GLN B O    1 
ATOM   795  C CB   . GLN B 1 13 ? 7.437   2.383   5.500   1.00 17.77 ? 12  GLN B CB   1 
ATOM   796  C CG   . GLN B 1 13 ? 8.800   3.021   5.584   1.00 21.15 ? 12  GLN B CG   1 
ATOM   797  C CD   . GLN B 1 13 ? 9.467   2.783   6.919   1.00 23.52 ? 12  GLN B CD   1 
ATOM   798  O OE1  . GLN B 1 13 ? 8.952   2.049   7.763   1.00 25.30 ? 12  GLN B OE1  1 
ATOM   799  N NE2  . GLN B 1 13 ? 10.625  3.398   7.115   1.00 24.69 ? 12  GLN B NE2  1 
ATOM   800  H H    . GLN B 1 13 ? 6.415   4.271   4.342   1.00 16.96 ? 12  GLN B H    1 
ATOM   801  H HA   . GLN B 1 13 ? 7.542   2.082   3.478   1.00 18.58 ? 12  GLN B HA   1 
ATOM   802  H HB2  . GLN B 1 13 ? 6.839   2.877   6.082   1.00 21.32 ? 12  GLN B HB2  1 
ATOM   803  H HB3  . GLN B 1 13 ? 7.522   1.472   5.814   1.00 21.32 ? 12  GLN B HB3  1 
ATOM   804  H HG2  . GLN B 1 13 ? 9.367   2.641   4.897   1.00 25.38 ? 12  GLN B HG2  1 
ATOM   805  H HG3  . GLN B 1 13 ? 8.713   3.978   5.455   1.00 25.38 ? 12  GLN B HG3  1 
ATOM   806  H HE21 . GLN B 1 13 ? 10.954  3.901   6.501   1.00 29.63 ? 12  GLN B HE21 1 
ATOM   807  H HE22 . GLN B 1 13 ? 11.047  3.295   7.856   1.00 29.63 ? 12  GLN B HE22 1 
ATOM   808  N N    A GLN B 1 14 ? 4.537   1.678   4.523   0.62 14.20 ? 13  GLN B N    1 
ATOM   809  N N    B GLN B 1 14 ? 4.537   1.677   4.521   0.38 14.93 ? 13  GLN B N    1 
ATOM   810  C CA   A GLN B 1 14 ? 3.420   0.741   4.506   0.62 14.19 ? 13  GLN B CA   1 
ATOM   811  C CA   B GLN B 1 14 ? 3.419   0.738   4.507   0.38 15.05 ? 13  GLN B CA   1 
ATOM   812  C C    A GLN B 1 14 ? 2.988   0.428   3.080   0.62 12.74 ? 13  GLN B C    1 
ATOM   813  C C    B GLN B 1 14 ? 2.975   0.431   3.084   0.38 14.41 ? 13  GLN B C    1 
ATOM   814  O O    A GLN B 1 14 ? 2.695   -0.727  2.752   0.62 12.67 ? 13  GLN B O    1 
ATOM   815  O O    B GLN B 1 14 ? 2.663   -0.721  2.760   0.38 15.54 ? 13  GLN B O    1 
ATOM   816  C CB   A GLN B 1 14 ? 2.251   1.314   5.306   0.62 16.05 ? 13  GLN B CB   1 
ATOM   817  C CB   B GLN B 1 14 ? 2.262   1.306   5.328   0.38 16.10 ? 13  GLN B CB   1 
ATOM   818  C CG   A GLN B 1 14 ? 1.095   0.345   5.481   0.62 17.91 ? 13  GLN B CG   1 
ATOM   819  C CG   B GLN B 1 14 ? 2.556   1.392   6.818   0.38 17.35 ? 13  GLN B CG   1 
ATOM   820  C CD   A GLN B 1 14 ? 1.503   -0.923  6.206   0.62 22.32 ? 13  GLN B CD   1 
ATOM   821  C CD   B GLN B 1 14 ? 1.744   2.463   7.518   0.38 20.71 ? 13  GLN B CD   1 
ATOM   822  O OE1  A GLN B 1 14 ? 1.146   -2.028  5.797   0.62 24.64 ? 13  GLN B OE1  1 
ATOM   823  O OE1  B GLN B 1 14 ? 0.853   3.072   6.926   0.38 22.74 ? 13  GLN B OE1  1 
ATOM   824  N NE2  A GLN B 1 14 ? 2.258   -0.769  7.287   0.62 25.55 ? 13  GLN B NE2  1 
ATOM   825  N NE2  B GLN B 1 14 ? 2.055   2.704   8.786   0.38 21.86 ? 13  GLN B NE2  1 
ATOM   826  H H    A GLN B 1 14 ? 4.356   2.445   4.867   0.62 17.04 ? 13  GLN B H    1 
ATOM   827  H H    B GLN B 1 14 ? 4.356   2.445   4.863   0.38 17.91 ? 13  GLN B H    1 
ATOM   828  H HA   A GLN B 1 14 ? 3.699   -0.088  4.925   0.62 17.03 ? 13  GLN B HA   1 
ATOM   829  H HA   B GLN B 1 14 ? 3.700   -0.094  4.920   0.38 18.06 ? 13  GLN B HA   1 
ATOM   830  H HB2  A GLN B 1 14 ? 2.566   1.568   6.186   0.62 19.26 ? 13  GLN B HB2  1 
ATOM   831  H HB2  B GLN B 1 14 ? 2.065   2.201   5.010   0.38 19.32 ? 13  GLN B HB2  1 
ATOM   832  H HB3  A GLN B 1 14 ? 1.911   2.095   4.841   0.62 19.26 ? 13  GLN B HB3  1 
ATOM   833  H HB3  B GLN B 1 14 ? 1.485   0.736   5.211   0.38 19.32 ? 13  GLN B HB3  1 
ATOM   834  H HG2  A GLN B 1 14 ? 0.399   0.777   5.997   0.62 21.49 ? 13  GLN B HG2  1 
ATOM   835  H HG2  B GLN B 1 14 ? 2.347   0.540   7.231   0.38 20.82 ? 13  GLN B HG2  1 
ATOM   836  H HG3  A GLN B 1 14 ? 0.754   0.094   4.609   0.62 21.49 ? 13  GLN B HG3  1 
ATOM   837  H HG3  B GLN B 1 14 ? 3.496   1.598   6.944   0.38 20.82 ? 13  GLN B HG3  1 
ATOM   838  H HE21 A GLN B 1 14 ? 2.489   0.017   7.544   0.62 30.66 ? 13  GLN B HE21 1 
ATOM   839  H HE21 B GLN B 1 14 ? 2.686   2.259   9.167   0.38 26.23 ? 13  GLN B HE21 1 
ATOM   840  H HE22 A GLN B 1 14 ? 2.515   -1.458  7.733   0.62 30.66 ? 13  GLN B HE22 1 
ATOM   841  H HE22 B GLN B 1 14 ? 1.625   3.304   9.228   0.38 26.23 ? 13  GLN B HE22 1 
ATOM   842  N N    . ILE B 1 15 ? 2.936   1.447   2.221   1.00 12.78 ? 14  ILE B N    1 
ATOM   843  C CA   . ILE B 1 15 ? 2.610   1.218   0.817   1.00 12.54 ? 14  ILE B CA   1 
ATOM   844  C C    . ILE B 1 15 ? 3.619   0.264   0.194   1.00 11.76 ? 14  ILE B C    1 
ATOM   845  O O    . ILE B 1 15 ? 3.253   -0.706  -0.479  1.00 12.40 ? 14  ILE B O    1 
ATOM   846  C CB   . ILE B 1 15 ? 2.557   2.556   0.059   1.00 13.50 ? 14  ILE B CB   1 
ATOM   847  C CG1  . ILE B 1 15 ? 1.356   3.382   0.519   1.00 12.83 ? 14  ILE B CG1  1 
ATOM   848  C CG2  . ILE B 1 15 ? 2.517   2.309   -1.443  1.00 14.76 ? 14  ILE B CG2  1 
ATOM   849  C CD1  . ILE B 1 15 ? 1.384   4.826   0.048   1.00 13.18 ? 14  ILE B CD1  1 
ATOM   850  H H    . ILE B 1 15 ? 3.088   2.268   2.426   1.00 15.34 ? 14  ILE B H    1 
ATOM   851  H HA   . ILE B 1 15 ? 1.734   0.807   0.759   1.00 15.05 ? 14  ILE B HA   1 
ATOM   852  H HB   . ILE B 1 15 ? 3.365   3.053   0.263   1.00 16.20 ? 14  ILE B HB   1 
ATOM   853  H HG12 . ILE B 1 15 ? 0.547   2.974   0.175   1.00 15.40 ? 14  ILE B HG12 1 
ATOM   854  H HG13 . ILE B 1 15 ? 1.333   3.389   1.489   1.00 15.40 ? 14  ILE B HG13 1 
ATOM   855  H HG21 . ILE B 1 15 ? 2.210   3.112   -1.890  1.00 17.72 ? 14  ILE B HG21 1 
ATOM   856  H HG22 . ILE B 1 15 ? 3.408   2.084   -1.753  1.00 17.72 ? 14  ILE B HG22 1 
ATOM   857  H HG23 . ILE B 1 15 ? 1.907   1.578   -1.625  1.00 17.72 ? 14  ILE B HG23 1 
ATOM   858  H HD11 . ILE B 1 15 ? 0.696   5.323   0.517   1.00 15.82 ? 14  ILE B HD11 1 
ATOM   859  H HD12 . ILE B 1 15 ? 2.255   5.204   0.241   1.00 15.82 ? 14  ILE B HD12 1 
ATOM   860  H HD13 . ILE B 1 15 ? 1.218   4.852   -0.908  1.00 15.82 ? 14  ILE B HD13 1 
ATOM   861  N N    . ALA B 1 16 ? 4.908   0.532   0.405   1.00 11.66 ? 15  ALA B N    1 
ATOM   862  C CA   . ALA B 1 16 ? 5.937   -0.324  -0.173  1.00 12.32 ? 15  ALA B CA   1 
ATOM   863  C C    . ALA B 1 16 ? 5.818   -1.752  0.340   1.00 12.28 ? 15  ALA B C    1 
ATOM   864  O O    . ALA B 1 16 ? 6.005   -2.709  -0.422  1.00 12.76 ? 15  ALA B O    1 
ATOM   865  C CB   . ALA B 1 16 ? 7.319   0.242   0.142   1.00 13.90 ? 15  ALA B CB   1 
ATOM   866  H H    . ALA B 1 16 ? 5.207   1.191   0.870   1.00 14.00 ? 15  ALA B H    1 
ATOM   867  H HA   . ALA B 1 16 ? 5.830   -0.341  -1.138  1.00 14.78 ? 15  ALA B HA   1 
ATOM   868  H HB1  . ALA B 1 16 ? 7.993   -0.336  -0.249  1.00 16.68 ? 15  ALA B HB1  1 
ATOM   869  H HB2  . ALA B 1 16 ? 7.388   1.133   -0.235  1.00 16.68 ? 15  ALA B HB2  1 
ATOM   870  H HB3  . ALA B 1 16 ? 7.432   0.281   1.105   1.00 16.68 ? 15  ALA B HB3  1 
ATOM   871  N N    . ALA B 1 17 ? 5.508   -1.919  1.630   1.00 11.56 ? 16  ALA B N    1 
ATOM   872  C CA   . ALA B 1 17 ? 5.386   -3.258  2.200   1.00 11.97 ? 16  ALA B CA   1 
ATOM   873  C C    . ALA B 1 17 ? 4.237   -4.025  1.558   1.00 11.52 ? 16  ALA B C    1 
ATOM   874  O O    . ALA B 1 17 ? 4.391   -5.190  1.177   1.00 11.79 ? 16  ALA B O    1 
ATOM   875  C CB   . ALA B 1 17 ? 5.183   -3.164  3.713   1.00 12.93 ? 16  ALA B CB   1 
ATOM   876  H H    . ALA B 1 17 ? 5.367   -1.280  2.187   1.00 13.88 ? 16  ALA B H    1 
ATOM   877  H HA   . ALA B 1 17 ? 6.206   -3.750  2.035   1.00 14.36 ? 16  ALA B HA   1 
ATOM   878  H HB1  . ALA B 1 17 ? 5.947   -2.714  4.106   1.00 15.51 ? 16  ALA B HB1  1 
ATOM   879  H HB2  . ALA B 1 17 ? 4.373   -2.661  3.892   1.00 15.51 ? 16  ALA B HB2  1 
ATOM   880  H HB3  . ALA B 1 17 ? 5.104   -4.060  4.076   1.00 15.51 ? 16  ALA B HB3  1 
ATOM   881  N N    . LEU B 1 18 ? 3.070   -3.388  1.441   1.00 11.86 ? 17  LEU B N    1 
ATOM   882  C CA   . LEU B 1 18 ? 1.936   -4.053  0.809   1.00 12.74 ? 17  LEU B CA   1 
ATOM   883  C C    . LEU B 1 18 ? 2.234   -4.373  -0.649  1.00 11.47 ? 17  LEU B C    1 
ATOM   884  O O    . LEU B 1 18 ? 1.901   -5.459  -1.137  1.00 11.69 ? 17  LEU B O    1 
ATOM   885  C CB   . LEU B 1 18 ? 0.687   -3.182  0.923   1.00 13.73 ? 17  LEU B CB   1 
ATOM   886  C CG   . LEU B 1 18 ? 0.145   -2.980  2.337   1.00 15.83 ? 17  LEU B CG   1 
ATOM   887  C CD1  . LEU B 1 18 ? -1.026  -2.017  2.308   1.00 17.55 ? 17  LEU B CD1  1 
ATOM   888  C CD2  . LEU B 1 18 ? -0.270  -4.307  2.956   1.00 18.70 ? 17  LEU B CD2  1 
ATOM   889  H H    . LEU B 1 18 ? 2.913   -2.588  1.713   1.00 14.23 ? 17  LEU B H    1 
ATOM   890  H HA   . LEU B 1 18 ? 1.766   -4.891  1.268   1.00 15.28 ? 17  LEU B HA   1 
ATOM   891  H HB2  . LEU B 1 18 ? 0.892   -2.306  0.562   1.00 16.47 ? 17  LEU B HB2  1 
ATOM   892  H HB3  . LEU B 1 18 ? -0.019  -3.590  0.397   1.00 16.47 ? 17  LEU B HB3  1 
ATOM   893  H HG   . LEU B 1 18 ? 0.840   -2.593  2.891   1.00 19.00 ? 17  LEU B HG   1 
ATOM   894  H HD11 . LEU B 1 18 ? -1.243  -1.755  3.217   1.00 21.06 ? 17  LEU B HD11 1 
ATOM   895  H HD12 . LEU B 1 18 ? -0.777  -1.237  1.788   1.00 21.06 ? 17  LEU B HD12 1 
ATOM   896  H HD13 . LEU B 1 18 ? -1.786  -2.458  1.898   1.00 21.06 ? 17  LEU B HD13 1 
ATOM   897  H HD21 . LEU B 1 18 ? -0.247  -4.995  2.274   1.00 22.44 ? 17  LEU B HD21 1 
ATOM   898  H HD22 . LEU B 1 18 ? 0.346   -4.527  3.672   1.00 22.44 ? 17  LEU B HD22 1 
ATOM   899  H HD23 . LEU B 1 18 ? -1.170  -4.223  3.308   1.00 22.44 ? 17  LEU B HD23 1 
ATOM   900  N N    . LYS B 1 19 ? 2.869   -3.438  -1.358  1.00 12.53 ? 18  LYS B N    1 
ATOM   901  C CA   . LYS B 1 19 ? 3.253   -3.700  -2.739  1.00 12.64 ? 18  LYS B CA   1 
ATOM   902  C C    . LYS B 1 19 ? 4.233   -4.862  -2.824  1.00 11.41 ? 18  LYS B C    1 
ATOM   903  O O    . LYS B 1 19 ? 4.192   -5.647  -3.777  1.00 12.08 ? 18  LYS B O    1 
ATOM   904  C CB   . LYS B 1 19 ? 3.854   -2.441  -3.361  1.00 14.72 ? 18  LYS B CB   1 
ATOM   905  C CG   . LYS B 1 19 ? 2.831   -1.396  -3.745  1.00 16.50 ? 18  LYS B CG   1 
ATOM   906  C CD   . LYS B 1 19 ? 2.092   -1.799  -5.004  1.00 17.93 ? 18  LYS B CD   1 
ATOM   907  C CE   . LYS B 1 19 ? 1.193   -0.684  -5.497  1.00 17.00 ? 18  LYS B CE   1 
ATOM   908  N NZ   . LYS B 1 19 ? 0.465   -1.075  -6.734  1.00 17.53 ? 18  LYS B NZ   1 
ATOM   909  H H    . LYS B 1 19 ? 3.084   -2.658  -1.066  1.00 15.04 ? 18  LYS B H    1 
ATOM   910  H HA   . LYS B 1 19 ? 2.462   -3.939  -3.246  1.00 15.17 ? 18  LYS B HA   1 
ATOM   911  H HB2  . LYS B 1 19 ? 4.463   -2.038  -2.723  1.00 17.66 ? 18  LYS B HB2  1 
ATOM   912  H HB3  . LYS B 1 19 ? 4.338   -2.691  -4.164  1.00 17.66 ? 18  LYS B HB3  1 
ATOM   913  H HG2  . LYS B 1 19 ? 2.184   -1.299  -3.028  1.00 19.81 ? 18  LYS B HG2  1 
ATOM   914  H HG3  . LYS B 1 19 ? 3.280   -0.552  -3.911  1.00 19.81 ? 18  LYS B HG3  1 
ATOM   915  H HD2  . LYS B 1 19 ? 2.733   -2.004  -5.702  1.00 21.52 ? 18  LYS B HD2  1 
ATOM   916  H HD3  . LYS B 1 19 ? 1.539   -2.575  -4.818  1.00 21.52 ? 18  LYS B HD3  1 
ATOM   917  H HE2  . LYS B 1 19 ? 0.538   -0.475  -4.813  1.00 20.40 ? 18  LYS B HE2  1 
ATOM   918  H HE3  . LYS B 1 19 ? 1.733   0.097   -5.696  1.00 20.40 ? 18  LYS B HE3  1 
ATOM   919  H HZ1  . LYS B 1 19 ? 0.002   -1.822  -6.592  1.00 21.04 ? 18  LYS B HZ1  1 
ATOM   920  H HZ2  . LYS B 1 19 ? -0.098  -0.428  -6.973  1.00 21.04 ? 18  LYS B HZ2  1 
ATOM   921  H HZ3  . LYS B 1 19 ? 1.042   -1.216  -7.396  1.00 21.04 ? 18  LYS B HZ3  1 
ATOM   922  N N    . GLN B 1 20 ? 5.130   -4.987  -1.839  1.00 11.53 ? 19  GLN B N    1 
ATOM   923  C CA   . GLN B 1 20 ? 6.061   -6.114  -1.838  1.00 11.78 ? 19  GLN B CA   1 
ATOM   924  C C    . GLN B 1 20 ? 5.323   -7.427  -1.630  1.00 11.23 ? 19  GLN B C    1 
ATOM   925  O O    . GLN B 1 20 ? 5.645   -8.432  -2.273  1.00 11.61 ? 19  GLN B O    1 
ATOM   926  C CB   . GLN B 1 20 ? 7.128   -5.934  -0.759  1.00 12.68 ? 19  GLN B CB   1 
ATOM   927  C CG   . GLN B 1 20 ? 8.248   -6.978  -0.821  1.00 13.57 ? 19  GLN B CG   1 
ATOM   928  C CD   . GLN B 1 20 ? 7.884   -8.316  -0.195  1.00 12.61 ? 19  GLN B CD   1 
ATOM   929  O OE1  . GLN B 1 20 ? 6.988   -8.404  0.642   1.00 13.30 ? 19  GLN B OE1  1 
ATOM   930  N NE2  . GLN B 1 20 ? 8.592   -9.366  -0.599  1.00 12.55 ? 19  GLN B NE2  1 
ATOM   931  H H    . GLN B 1 20 ? 5.217   -4.446  -1.176  1.00 13.83 ? 19  GLN B H    1 
ATOM   932  H HA   . GLN B 1 20 ? 6.508   -6.154  -2.698  1.00 14.14 ? 19  GLN B HA   1 
ATOM   933  H HB2  . GLN B 1 20 ? 7.533   -5.058  -0.863  1.00 15.21 ? 19  GLN B HB2  1 
ATOM   934  H HB3  . GLN B 1 20 ? 6.706   -6.000  0.112   1.00 15.21 ? 19  GLN B HB3  1 
ATOM   935  H HG2  . GLN B 1 20 ? 8.477   -7.137  -1.750  1.00 16.29 ? 19  GLN B HG2  1 
ATOM   936  H HG3  . GLN B 1 20 ? 9.018   -6.635  -0.347  1.00 16.29 ? 19  GLN B HG3  1 
ATOM   937  H HE21 . GLN B 1 20 ? 9.213   -9.266  -1.186  1.00 15.06 ? 19  GLN B HE21 1 
ATOM   938  H HE22 . GLN B 1 20 ? 8.427   -10.146 -0.276  1.00 15.06 ? 19  GLN B HE22 1 
ATOM   939  N N    A ARG B 1 21 ? 4.347   -7.453  -0.720  0.72 11.06 ? 20  ARG B N    1 
ATOM   940  N N    B ARG B 1 21 ? 4.349   -7.436  -0.717  0.28 12.30 ? 20  ARG B N    1 
ATOM   941  C CA   A ARG B 1 21 ? 3.563   -8.669  -0.533  0.72 11.08 ? 20  ARG B CA   1 
ATOM   942  C CA   B ARG B 1 21 ? 3.523   -8.620  -0.500  0.28 13.22 ? 20  ARG B CA   1 
ATOM   943  C C    A ARG B 1 21 ? 2.898   -9.076  -1.840  0.72 10.82 ? 20  ARG B C    1 
ATOM   944  C C    B ARG B 1 21 ? 2.873   -9.062  -1.803  0.28 12.44 ? 20  ARG B C    1 
ATOM   945  O O    A ARG B 1 21 ? 2.962   -10.240 -2.251  0.72 11.55 ? 20  ARG B O    1 
ATOM   946  O O    B ARG B 1 21 ? 2.922   -10.241 -2.173  0.28 13.21 ? 20  ARG B O    1 
ATOM   947  C CB   A ARG B 1 21 ? 2.508   -8.470  0.559   0.72 12.57 ? 20  ARG B CB   1 
ATOM   948  C CB   B ARG B 1 21 ? 2.450   -8.287  0.539   0.28 15.14 ? 20  ARG B CB   1 
ATOM   949  C CG   A ARG B 1 21 ? 3.027   -7.983  1.905   0.72 14.09 ? 20  ARG B CG   1 
ATOM   950  C CG   B ARG B 1 21 ? 2.035   -9.438  1.443   0.28 15.92 ? 20  ARG B CG   1 
ATOM   951  C CD   A ARG B 1 21 ? 4.058   -8.913  2.516   0.72 15.58 ? 20  ARG B CD   1 
ATOM   952  C CD   B ARG B 1 21 ? 2.765   -9.391  2.779   0.28 17.23 ? 20  ARG B CD   1 
ATOM   953  N NE   A ARG B 1 21 ? 4.495   -8.431  3.825   0.72 16.71 ? 20  ARG B NE   1 
ATOM   954  N NE   B ARG B 1 21 ? 2.149   -10.269 3.770   0.28 20.34 ? 20  ARG B NE   1 
ATOM   955  C CZ   A ARG B 1 21 ? 5.459   -7.532  4.018   0.72 17.69 ? 20  ARG B CZ   1 
ATOM   956  C CZ   B ARG B 1 21 ? 2.560   -10.381 5.029   0.28 21.15 ? 20  ARG B CZ   1 
ATOM   957  N NH1  A ARG B 1 21 ? 6.112   -7.001  2.989   0.72 15.18 ? 20  ARG B NH1  1 
ATOM   958  N NH1  B ARG B 1 21 ? 3.594   -9.672  5.463   0.28 21.14 ? 20  ARG B NH1  1 
ATOM   959  N NH2  A ARG B 1 21 ? 5.773   -7.162  5.252   0.72 20.58 ? 20  ARG B NH2  1 
ATOM   960  N NH2  B ARG B 1 21 ? 1.935   -11.206 5.858   0.28 21.52 ? 20  ARG B NH2  1 
ATOM   961  H H    A ARG B 1 21 ? 4.124   -6.795  -0.212  0.72 13.27 ? 20  ARG B H    1 
ATOM   962  H H    B ARG B 1 21 ? 4.150   -6.768  -0.213  0.28 14.76 ? 20  ARG B H    1 
ATOM   963  H HA   A ARG B 1 21 ? 4.152   -9.388  -0.257  0.72 13.30 ? 20  ARG B HA   1 
ATOM   964  H HA   B ARG B 1 21 ? 4.071   -9.345  -0.163  0.28 15.86 ? 20  ARG B HA   1 
ATOM   965  H HB2  A ARG B 1 21 ? 1.863   -7.818  0.245   0.72 15.09 ? 20  ARG B HB2  1 
ATOM   966  H HB2  B ARG B 1 21 ? 2.782   -7.575  1.107   0.28 18.17 ? 20  ARG B HB2  1 
ATOM   967  H HB3  A ARG B 1 21 ? 2.062   -9.318  0.710   0.72 15.09 ? 20  ARG B HB3  1 
ATOM   968  H HB3  B ARG B 1 21 ? 1.656   -7.985  0.073   0.28 18.17 ? 20  ARG B HB3  1 
ATOM   969  H HG2  A ARG B 1 21 ? 3.437   -7.116  1.794   0.72 16.91 ? 20  ARG B HG2  1 
ATOM   970  H HG2  B ARG B 1 21 ? 1.084   -9.373  1.619   0.28 19.10 ? 20  ARG B HG2  1 
ATOM   971  H HG3  A ARG B 1 21 ? 2.281   -7.918  2.522   0.72 16.91 ? 20  ARG B HG3  1 
ATOM   972  H HG3  B ARG B 1 21 ? 2.236   -10.276 1.012   0.28 19.10 ? 20  ARG B HG3  1 
ATOM   973  H HD2  A ARG B 1 21 ? 3.664   -9.791  2.634   0.72 18.69 ? 20  ARG B HD2  1 
ATOM   974  H HD2  B ARG B 1 21 ? 3.683   -9.676  2.650   0.28 20.68 ? 20  ARG B HD2  1 
ATOM   975  H HD3  A ARG B 1 21 ? 4.830   -8.969  1.933   0.72 18.69 ? 20  ARG B HD3  1 
ATOM   976  H HD3  B ARG B 1 21 ? 2.741   -8.485  3.126   0.28 20.68 ? 20  ARG B HD3  1 
ATOM   977  H HE   A ARG B 1 21 ? 4.103   -8.751  4.520   0.72 20.05 ? 20  ARG B HE   1 
ATOM   978  H HE   B ARG B 1 21 ? 1.476   -10.745 3.522   0.28 24.41 ? 20  ARG B HE   1 
ATOM   979  H HH11 A ARG B 1 21 ? 5.916   -7.232  2.185   0.72 18.22 ? 20  ARG B HH11 1 
ATOM   980  H HH11 B ARG B 1 21 ? 4.004   -9.135  4.932   0.28 25.37 ? 20  ARG B HH11 1 
ATOM   981  H HH12 A ARG B 1 21 ? 6.732   -6.422  3.129   0.72 18.22 ? 20  ARG B HH12 1 
ATOM   982  H HH12 B ARG B 1 21 ? 3.855   -9.750  6.279   0.28 25.37 ? 20  ARG B HH12 1 
ATOM   983  H HH21 A ARG B 1 21 ? 5.355   -7.503  5.923   0.72 24.70 ? 20  ARG B HH21 1 
ATOM   984  H HH21 B ARG B 1 21 ? 1.265   -11.668 5.581   0.28 25.83 ? 20  ARG B HH21 1 
ATOM   985  H HH22 A ARG B 1 21 ? 6.395   -6.584  5.383   0.72 24.70 ? 20  ARG B HH22 1 
ATOM   986  H HH22 B ARG B 1 21 ? 2.201   -11.280 6.673   0.28 25.83 ? 20  ARG B HH22 1 
ATOM   987  N N    . SER B 1 22 ? 2.257   -8.117  -2.516  1.00 10.33 ? 21  SER B N    1 
ATOM   988  C CA   . SER B 1 22 ? 1.621   -8.419  -3.790  1.00 9.96  ? 21  SER B CA   1 
ATOM   989  C C    . SER B 1 22 ? 2.650   -8.836  -4.835  1.00 9.47  ? 21  SER B C    1 
ATOM   990  O O    . SER B 1 22 ? 2.436   -9.808  -5.570  1.00 10.68 ? 21  SER B O    1 
ATOM   991  C CB   . SER B 1 22 ? 0.843   -7.190  -4.254  1.00 10.51 ? 21  SER B CB   1 
ATOM   992  O OG   . SER B 1 22 ? 0.299   -7.383  -5.542  1.00 11.36 ? 21  SER B OG   1 
ATOM   993  H H    A SER B 1 22 ? 2.181   -7.299  -2.259  0.72 12.39 ? 21  SER B H    1 
ATOM   994  H H    B SER B 1 22 ? 2.197   -7.293  -2.279  0.28 12.39 ? 21  SER B H    1 
ATOM   995  H HA   . SER B 1 22 ? 0.994   -9.150  -3.671  1.00 11.96 ? 21  SER B HA   1 
ATOM   996  H HB2  . SER B 1 22 ? 0.120   -7.022  -3.630  1.00 12.61 ? 21  SER B HB2  1 
ATOM   997  H HB3  . SER B 1 22 ? 1.444   -6.429  -4.278  1.00 12.61 ? 21  SER B HB3  1 
ATOM   998  H HG   . SER B 1 22 ? -0.225  -8.039  -5.537  1.00 13.63 ? 21  SER B HG   1 
ATOM   999  N N    . ALA B 1 23 ? 3.772   -8.114  -4.914  1.00 9.61  ? 22  ALA B N    1 
ATOM   1000 C CA   . ALA B 1 23 ? 4.801   -8.442  -5.895  1.00 10.83 ? 22  ALA B CA   1 
ATOM   1001 C C    . ALA B 1 23 ? 5.363   -9.840  -5.666  1.00 10.60 ? 22  ALA B C    1 
ATOM   1002 O O    . ALA B 1 23 ? 5.631   -10.573 -6.625  1.00 11.48 ? 22  ALA B O    1 
ATOM   1003 C CB   . ALA B 1 23 ? 5.921   -7.402  -5.838  1.00 11.53 ? 22  ALA B CB   1 
ATOM   1004 H H    . ALA B 1 23 ? 3.958   -7.438  -4.415  1.00 11.54 ? 22  ALA B H    1 
ATOM   1005 H HA   . ALA B 1 23 ? 4.411   -8.416  -6.783  1.00 13.00 ? 22  ALA B HA   1 
ATOM   1006 H HB1  . ALA B 1 23 ? 5.551   -6.527  -6.035  1.00 13.84 ? 22  ALA B HB1  1 
ATOM   1007 H HB2  . ALA B 1 23 ? 6.309   -7.404  -4.948  1.00 13.84 ? 22  ALA B HB2  1 
ATOM   1008 H HB3  . ALA B 1 23 ? 6.597   -7.631  -6.494  1.00 13.84 ? 22  ALA B HB3  1 
ATOM   1009 N N    . ALA B 1 24 ? 5.566   -10.222 -4.405  1.00 10.77 ? 23  ALA B N    1 
ATOM   1010 C CA   . ALA B 1 24 ? 6.090   -11.553 -4.120  1.00 11.00 ? 23  ALA B CA   1 
ATOM   1011 C C    . ALA B 1 24 ? 5.110   -12.629 -4.562  1.00 11.10 ? 23  ALA B C    1 
ATOM   1012 O O    . ALA B 1 24 ? 5.518   -13.701 -5.019  1.00 12.91 ? 23  ALA B O    1 
ATOM   1013 C CB   . ALA B 1 24 ? 6.390   -11.685 -2.629  1.00 11.61 ? 23  ALA B CB   1 
ATOM   1014 H H    . ALA B 1 24 ? 5.412   -9.739  -3.710  1.00 12.93 ? 23  ALA B H    1 
ATOM   1015 H HA   . ALA B 1 24 ? 6.919   -11.681 -4.608  1.00 13.20 ? 23  ALA B HA   1 
ATOM   1016 H HB1  . ALA B 1 24 ? 6.855   -12.521 -2.478  1.00 13.93 ? 23  ALA B HB1  1 
ATOM   1017 H HB2  . ALA B 1 24 ? 6.951   -10.942 -2.355  1.00 13.93 ? 23  ALA B HB2  1 
ATOM   1018 H HB3  . ALA B 1 24 ? 5.555   -11.668 -2.135  1.00 13.93 ? 23  ALA B HB3  1 
ATOM   1019 N N    . LEU B 1 25 ? 3.810   -12.361 -4.426  1.00 10.65 ? 24  LEU B N    1 
ATOM   1020 C CA   . LEU B 1 25 ? 2.807   -13.309 -4.899  1.00 11.27 ? 24  LEU B CA   1 
ATOM   1021 C C    . LEU B 1 25 ? 2.759   -13.346 -6.423  1.00 11.51 ? 24  LEU B C    1 
ATOM   1022 O O    . LEU B 1 25 ? 2.610   -14.420 -7.013  1.00 14.19 ? 24  LEU B O    1 
ATOM   1023 C CB   . LEU B 1 25 ? 1.438   -12.945 -4.330  1.00 11.63 ? 24  LEU B CB   1 
ATOM   1024 C CG   . LEU B 1 25 ? 1.303   -13.053 -2.812  1.00 12.41 ? 24  LEU B CG   1 
ATOM   1025 C CD1  . LEU B 1 25 ? -0.033  -12.488 -2.369  1.00 15.51 ? 24  LEU B CD1  1 
ATOM   1026 C CD2  . LEU B 1 25 ? 1.456   -14.496 -2.357  1.00 14.79 ? 24  LEU B CD2  1 
ATOM   1027 H H    . LEU B 1 25 ? 3.489   -11.648 -4.069  1.00 12.79 ? 24  LEU B H    1 
ATOM   1028 H HA   . LEU B 1 25 ? 3.039   -14.197 -4.587  1.00 13.52 ? 24  LEU B HA   1 
ATOM   1029 H HB2  . LEU B 1 25 ? 1.237   -12.028 -4.575  1.00 13.96 ? 24  LEU B HB2  1 
ATOM   1030 H HB3  . LEU B 1 25 ? 0.776   -13.536 -4.723  1.00 13.96 ? 24  LEU B HB3  1 
ATOM   1031 H HG   . LEU B 1 25 ? 2.005   -12.531 -2.394  1.00 14.89 ? 24  LEU B HG   1 
ATOM   1032 H HD11 . LEU B 1 25 ? -0.051  -11.536 -2.558  1.00 18.61 ? 24  LEU B HD11 1 
ATOM   1033 H HD12 . LEU B 1 25 ? -0.740  -12.936 -2.859  1.00 18.61 ? 24  LEU B HD12 1 
ATOM   1034 H HD13 . LEU B 1 25 ? -0.140  -12.638 -1.417  1.00 18.61 ? 24  LEU B HD13 1 
ATOM   1035 H HD21 . LEU B 1 25 ? 2.371   -14.781 -2.509  1.00 17.75 ? 24  LEU B HD21 1 
ATOM   1036 H HD22 . LEU B 1 25 ? 1.247   -14.551 -1.411  1.00 17.75 ? 24  LEU B HD22 1 
ATOM   1037 H HD23 . LEU B 1 25 ? 0.845   -15.052 -2.863  1.00 17.75 ? 24  LEU B HD23 1 
ATOM   1038 N N    . LYS B 1 26 ? 2.885   -12.188 -7.075  1.00 12.27 ? 25  LYS B N    1 
ATOM   1039 C CA   . LYS B 1 26 ? 2.921   -12.164 -8.534  1.00 14.82 ? 25  LYS B CA   1 
ATOM   1040 C C    . LYS B 1 26 ? 4.143   -12.901 -9.064  1.00 16.11 ? 25  LYS B C    1 
ATOM   1041 O O    . LYS B 1 26 ? 4.043   -13.677 -10.023 1.00 18.60 ? 25  LYS B O    1 
ATOM   1042 C CB   . LYS B 1 26 ? 2.913   -10.720 -9.031  1.00 15.70 ? 25  LYS B CB   1 
ATOM   1043 C CG   . LYS B 1 26 ? 1.606   -9.990  -8.777  1.00 15.76 ? 25  LYS B CG   1 
ATOM   1044 C CD   . LYS B 1 26 ? 1.666   -8.551  -9.254  1.00 19.21 ? 25  LYS B CD   1 
ATOM   1045 C CE   . LYS B 1 26 ? 0.394   -7.816  -8.895  1.00 22.90 ? 25  LYS B CE   1 
ATOM   1046 N NZ   . LYS B 1 26 ? 0.419   -6.410  -9.349  1.00 26.39 ? 25  LYS B NZ   1 
ATOM   1047 H H    . LYS B 1 26 ? 2.951   -11.416 -6.701  1.00 14.73 ? 25  LYS B H    1 
ATOM   1048 H HA   . LYS B 1 26 ? 2.129   -12.605 -8.879  1.00 17.78 ? 25  LYS B HA   1 
ATOM   1049 H HB2  . LYS B 1 26 ? 3.618   -10.231 -8.579  1.00 18.84 ? 25  LYS B HB2  1 
ATOM   1050 H HB3  . LYS B 1 26 ? 3.073   -10.717 -9.988  1.00 18.84 ? 25  LYS B HB3  1 
ATOM   1051 H HG2  . LYS B 1 26 ? 0.893   -10.438 -9.257  1.00 18.91 ? 25  LYS B HG2  1 
ATOM   1052 H HG3  . LYS B 1 26 ? 1.420   -9.987  -7.825  1.00 18.91 ? 25  LYS B HG3  1 
ATOM   1053 H HD2  . LYS B 1 26 ? 2.411   -8.101  -8.826  1.00 23.06 ? 25  LYS B HD2  1 
ATOM   1054 H HD3  . LYS B 1 26 ? 1.768   -8.534  -10.219 1.00 23.06 ? 25  LYS B HD3  1 
ATOM   1055 H HE2  . LYS B 1 26 ? -0.359  -8.258  -9.319  1.00 27.48 ? 25  LYS B HE2  1 
ATOM   1056 H HE3  . LYS B 1 26 ? 0.284   -7.821  -7.931  1.00 27.48 ? 25  LYS B HE3  1 
ATOM   1057 H HZ1  . LYS B 1 26 ? 1.127   -5.992  -9.007  1.00 31.66 ? 25  LYS B HZ1  1 
ATOM   1058 H HZ2  . LYS B 1 26 ? 0.465   -6.381  -10.237 1.00 31.66 ? 25  LYS B HZ2  1 
ATOM   1059 H HZ3  . LYS B 1 26 ? -0.321  -5.991  -9.084  1.00 31.66 ? 25  LYS B HZ3  1 
ATOM   1060 N N    . TRP B 1 27 ? 5.309   -12.658 -8.463  1.00 15.13 ? 26  TRP B N    1 
ATOM   1061 C CA   . TRP B 1 27 ? 6.514   -13.390 -8.837  1.00 14.98 ? 26  TRP B CA   1 
ATOM   1062 C C    . TRP B 1 27 ? 6.296   -14.888 -8.698  1.00 15.52 ? 26  TRP B C    1 
ATOM   1063 O O    . TRP B 1 27 ? 6.645   -15.673 -9.587  1.00 15.92 ? 26  TRP B O    1 
ATOM   1064 C CB   . TRP B 1 27 ? 7.666   -12.946 -7.935  1.00 14.07 ? 26  TRP B CB   1 
ATOM   1065 C CG   . TRP B 1 27 ? 8.941   -13.680 -8.182  1.00 13.00 ? 26  TRP B CG   1 
ATOM   1066 C CD1  . TRP B 1 27 ? 9.385   -14.806 -7.543  1.00 13.73 ? 26  TRP B CD1  1 
ATOM   1067 C CD2  . TRP B 1 27 ? 9.950   -13.336 -9.135  1.00 14.13 ? 26  TRP B CD2  1 
ATOM   1068 N NE1  . TRP B 1 27 ? 10.606  -15.183 -8.045  1.00 13.41 ? 26  TRP B NE1  1 
ATOM   1069 C CE2  . TRP B 1 27 ? 10.972  -14.296 -9.023  1.00 13.56 ? 26  TRP B CE2  1 
ATOM   1070 C CE3  . TRP B 1 27 ? 10.087  -12.311 -10.074 1.00 17.17 ? 26  TRP B CE3  1 
ATOM   1071 C CZ2  . TRP B 1 27 ? 12.115  -14.263 -9.814  1.00 15.20 ? 26  TRP B CZ2  1 
ATOM   1072 C CZ3  . TRP B 1 27 ? 11.224  -12.279 -10.858 1.00 18.85 ? 26  TRP B CZ3  1 
ATOM   1073 C CH2  . TRP B 1 27 ? 12.222  -13.249 -10.723 1.00 17.39 ? 26  TRP B CH2  1 
ATOM   1074 H H    . TRP B 1 27 ? 5.427   -12.077 -7.840  1.00 18.15 ? 26  TRP B H    1 
ATOM   1075 H HA   . TRP B 1 27 ? 6.746   -13.193 -9.759  1.00 17.97 ? 26  TRP B HA   1 
ATOM   1076 H HB2  . TRP B 1 27 ? 7.833   -12.002 -8.084  1.00 16.88 ? 26  TRP B HB2  1 
ATOM   1077 H HB3  . TRP B 1 27 ? 7.413   -13.094 -7.011  1.00 16.88 ? 26  TRP B HB3  1 
ATOM   1078 H HD1  . TRP B 1 27 ? 8.925   -15.252 -6.869  1.00 16.48 ? 26  TRP B HD1  1 
ATOM   1079 H HE1  . TRP B 1 27 ? 11.065  -15.864 -7.789  1.00 16.09 ? 26  TRP B HE1  1 
ATOM   1080 H HE3  . TRP B 1 27 ? 9.427   -11.664 -10.170 1.00 20.60 ? 26  TRP B HE3  1 
ATOM   1081 H HZ2  . TRP B 1 27 ? 12.782  -14.905 -9.726  1.00 18.25 ? 26  TRP B HZ2  1 
ATOM   1082 H HZ3  . TRP B 1 27 ? 11.326  -11.602 -11.486 1.00 22.62 ? 26  TRP B HZ3  1 
ATOM   1083 H HH2  . TRP B 1 27 ? 12.978  -13.202 -11.264 1.00 20.86 ? 26  TRP B HH2  1 
ATOM   1084 N N    . GLN B 1 28 ? 5.711   -15.296 -7.575  1.00 16.40 ? 27  GLN B N    1 
ATOM   1085 C CA   . GLN B 1 28 ? 5.464   -16.702 -7.297  1.00 18.57 ? 27  GLN B CA   1 
ATOM   1086 C C    . GLN B 1 28 ? 4.513   -17.342 -8.302  1.00 20.93 ? 27  GLN B C    1 
ATOM   1087 O O    . GLN B 1 28 ? 4.513   -18.571 -8.435  1.00 21.91 ? 27  GLN B O    1 
ATOM   1088 C CB   . GLN B 1 28 ? 4.881   -16.793 -5.891  1.00 18.76 ? 27  GLN B CB   1 
ATOM   1089 C CG   . GLN B 1 28 ? 4.627   -18.178 -5.382  1.00 19.72 ? 27  GLN B CG   1 
ATOM   1090 C CD   . GLN B 1 28 ? 4.065   -18.148 -3.982  1.00 20.80 ? 27  GLN B CD   1 
ATOM   1091 O OE1  . GLN B 1 28 ? 3.229   -17.301 -3.657  1.00 21.67 ? 27  GLN B OE1  1 
ATOM   1092 N NE2  . GLN B 1 28 ? 4.533   -19.055 -3.136  1.00 20.64 ? 27  GLN B NE2  1 
ATOM   1093 H H    . GLN B 1 28 ? 5.444   -14.768 -6.951  1.00 19.68 ? 27  GLN B H    1 
ATOM   1094 H HA   . GLN B 1 28 ? 6.303   -17.188 -7.315  1.00 22.28 ? 27  GLN B HA   1 
ATOM   1095 H HB2  . GLN B 1 28 ? 5.497   -16.366 -5.276  1.00 22.51 ? 27  GLN B HB2  1 
ATOM   1096 H HB3  . GLN B 1 28 ? 4.034   -16.320 -5.880  1.00 22.51 ? 27  GLN B HB3  1 
ATOM   1097 H HG2  . GLN B 1 28 ? 3.984   -18.622 -5.956  1.00 23.66 ? 27  GLN B HG2  1 
ATOM   1098 H HG3  . GLN B 1 28 ? 5.461   -18.672 -5.365  1.00 23.66 ? 27  GLN B HG3  1 
ATOM   1099 H HE21 . GLN B 1 28 ? 5.119   -19.626 -3.400  1.00 24.77 ? 27  GLN B HE21 1 
ATOM   1100 H HE22 . GLN B 1 28 ? 4.245   -19.077 -2.326  1.00 24.77 ? 27  GLN B HE22 1 
ATOM   1101 N N    . ILE B 1 29 ? 3.703   -16.544 -9.010  1.00 21.70 ? 28  ILE B N    1 
ATOM   1102 C CA   . ILE B 1 29 ? 2.733   -17.109 -9.948  1.00 21.35 ? 28  ILE B CA   1 
ATOM   1103 C C    . ILE B 1 29 ? 3.418   -18.043 -10.938 1.00 21.27 ? 28  ILE B C    1 
ATOM   1104 O O    . ILE B 1 29 ? 2.863   -19.081 -11.319 1.00 21.56 ? 28  ILE B O    1 
ATOM   1105 C CB   . ILE B 1 29 ? 1.951   -15.987 -10.660 1.00 23.98 ? 28  ILE B CB   1 
ATOM   1106 C CG1  . ILE B 1 29 ? 1.067   -15.241 -9.659  1.00 24.44 ? 28  ILE B CG1  1 
ATOM   1107 C CG2  . ILE B 1 29 ? 1.092   -16.549 -11.789 1.00 26.84 ? 28  ILE B CG2  1 
ATOM   1108 C CD1  . ILE B 1 29 ? 0.209   -14.153 -10.270 1.00 23.89 ? 28  ILE B CD1  1 
ATOM   1109 H H    . ILE B 1 29 ? 3.698   -15.685 -8.965  1.00 26.04 ? 28  ILE B H    1 
ATOM   1110 H HA   . ILE B 1 29 ? 2.092   -17.637 -9.447  1.00 25.62 ? 28  ILE B HA   1 
ATOM   1111 H HB   . ILE B 1 29 ? 2.587   -15.360 -11.041 1.00 28.77 ? 28  ILE B HB   1 
ATOM   1112 H HG12 . ILE B 1 29 ? 0.476   -15.878 -9.228  1.00 29.32 ? 28  ILE B HG12 1 
ATOM   1113 H HG13 . ILE B 1 29 ? 1.638   -14.823 -9.001  1.00 29.32 ? 28  ILE B HG13 1 
ATOM   1114 H HG21 . ILE B 1 29 ? 1.642   -17.038 -12.418 1.00 32.21 ? 28  ILE B HG21 1 
ATOM   1115 H HG22 . ILE B 1 29 ? 0.427   -17.140 -11.408 1.00 32.21 ? 28  ILE B HG22 1 
ATOM   1116 H HG23 . ILE B 1 29 ? 0.659   -15.814 -12.247 1.00 32.21 ? 28  ILE B HG23 1 
ATOM   1117 H HD11 . ILE B 1 29 ? -0.054  -13.530 -9.574  1.00 28.66 ? 28  ILE B HD11 1 
ATOM   1118 H HD12 . ILE B 1 29 ? 0.724   -13.691 -10.950 1.00 28.66 ? 28  ILE B HD12 1 
ATOM   1119 H HD13 . ILE B 1 29 ? -0.577  -14.555 -10.668 1.00 28.66 ? 28  ILE B HD13 1 
ATOM   1120 N N    . GLN B 1 30 ? 4.625   -17.685 -11.381 1.00 24.86 ? 29  GLN B N    1 
ATOM   1121 C CA   A GLN B 1 30 ? 5.336   -18.533 -12.332 0.53 26.62 ? 29  GLN B CA   1 
ATOM   1122 C CA   B GLN B 1 30 ? 5.339   -18.531 -12.332 0.47 27.48 ? 29  GLN B CA   1 
ATOM   1123 C C    . GLN B 1 30 ? 5.687   -19.881 -11.716 1.00 29.40 ? 29  GLN B C    1 
ATOM   1124 O O    . GLN B 1 30 ? 5.577   -20.920 -12.378 1.00 30.96 ? 29  GLN B O    1 
ATOM   1125 C CB   A GLN B 1 30 ? 6.598   -17.827 -12.821 0.53 25.03 ? 29  GLN B CB   1 
ATOM   1126 C CB   B GLN B 1 30 ? 6.607   -17.825 -12.817 0.47 27.97 ? 29  GLN B CB   1 
ATOM   1127 C CG   A GLN B 1 30 ? 6.330   -16.743 -13.841 0.53 21.68 ? 29  GLN B CG   1 
ATOM   1128 C CG   B GLN B 1 30 ? 6.362   -16.613 -13.708 0.47 27.72 ? 29  GLN B CG   1 
ATOM   1129 C CD   A GLN B 1 30 ? 7.582   -15.994 -14.223 0.53 18.49 ? 29  GLN B CD   1 
ATOM   1130 C CD   B GLN B 1 30 ? 5.919   -15.388 -12.932 0.47 27.50 ? 29  GLN B CD   1 
ATOM   1131 O OE1  A GLN B 1 30 ? 7.785   -14.855 -13.806 0.53 18.79 ? 29  GLN B OE1  1 
ATOM   1132 O OE1  B GLN B 1 30 ? 4.987   -15.449 -12.132 0.47 27.75 ? 29  GLN B OE1  1 
ATOM   1133 N NE2  A GLN B 1 30 ? 8.437   -16.630 -15.019 0.53 16.15 ? 29  GLN B NE2  1 
ATOM   1134 N NE2  B GLN B 1 30 ? 6.593   -14.266 -13.163 0.47 27.50 ? 29  GLN B NE2  1 
ATOM   1135 H H    . GLN B 1 30 ? 5.047   -16.973 -11.151 1.00 29.83 ? 29  GLN B H    1 
ATOM   1136 H HA   . GLN B 1 30 ? 4.769   -18.692 -13.101 1.00 32.98 ? 29  GLN B HA   1 
ATOM   1137 H HB2  A GLN B 1 30 ? 7.041   -17.417 -12.062 0.53 30.03 ? 29  GLN B HB2  1 
ATOM   1138 H HB2  B GLN B 1 30 ? 7.108   -17.523 -12.044 0.47 33.56 ? 29  GLN B HB2  1 
ATOM   1139 H HB3  A GLN B 1 30 ? 7.185   -18.482 -13.230 0.53 30.03 ? 29  GLN B HB3  1 
ATOM   1140 H HB3  B GLN B 1 30 ? 7.139   -18.458 -13.323 0.47 33.56 ? 29  GLN B HB3  1 
ATOM   1141 H HG2  A GLN B 1 30 ? 5.962   -17.147 -14.643 0.53 26.01 ? 29  GLN B HG2  1 
ATOM   1142 H HG2  B GLN B 1 30 ? 7.185   -16.393 -14.172 0.47 33.26 ? 29  GLN B HG2  1 
ATOM   1143 H HG3  A GLN B 1 30 ? 5.699   -16.106 -13.469 0.53 26.01 ? 29  GLN B HG3  1 
ATOM   1144 H HG3  B GLN B 1 30 ? 5.668   -16.829 -14.349 0.47 33.26 ? 29  GLN B HG3  1 
ATOM   1145 H HE21 A GLN B 1 30 ? 8.260   -17.427 -15.290 0.53 19.38 ? 29  GLN B HE21 1 
ATOM   1146 H HE21 B GLN B 1 30 ? 6.381   -13.543 -12.747 0.47 33.00 ? 29  GLN B HE21 1 
ATOM   1147 H HE22 A GLN B 1 30 ? 9.166   -16.244 -15.264 0.53 19.38 ? 29  GLN B HE22 1 
ATOM   1148 H HE22 B GLN B 1 30 ? 7.240   -14.262 -13.730 0.47 33.00 ? 29  GLN B HE22 1 
ATOM   1149 N N    . GLY B 1 31 ? 6.111   -19.885 -10.457 1.00 32.64 ? 30  GLY B N    1 
ATOM   1150 C CA   . GLY B 1 31 ? 6.481   -21.113 -9.779  1.00 35.44 ? 30  GLY B CA   1 
ATOM   1151 C C    . GLY B 1 31 ? 5.857   -21.240 -8.404  1.00 37.34 ? 30  GLY B C    1 
ATOM   1152 O O    . GLY B 1 31 ? 5.846   -22.321 -7.814  1.00 38.59 ? 30  GLY B O    1 
ATOM   1153 H H    . GLY B 1 31 ? 6.193   -19.180 -9.972  1.00 39.17 ? 30  GLY B H    1 
ATOM   1154 H HA2  . GLY B 1 31 ? 6.203   -21.876 -10.309 1.00 42.53 ? 30  GLY B HA2  1 
ATOM   1155 H HA3  . GLY B 1 31 ? 7.446   -21.146 -9.679  1.00 42.53 ? 30  GLY B HA3  1 
HETATM 1156 C C    . ACT C 2 .  ? -4.350  26.590  0.076   1.00 29.26 ? 101 ACT A C    1 
HETATM 1157 O O    . ACT C 2 .  ? -4.209  25.335  0.028   1.00 29.57 ? 101 ACT A O    1 
HETATM 1158 O OXT  . ACT C 2 .  ? -3.912  27.405  0.937   1.00 27.21 ? 101 ACT A OXT  1 
HETATM 1159 C CH3  . ACT C 2 .  ? -5.181  27.204  -1.098  1.00 30.05 ? 101 ACT A CH3  1 
HETATM 1160 H H1   . ACT C 2 .  ? -4.777  26.957  -1.942  1.00 36.06 ? 101 ACT A H1   1 
HETATM 1161 H H2   . ACT C 2 .  ? -5.157  28.172  -1.044  1.00 36.06 ? 101 ACT A H2   1 
HETATM 1162 H H3   . ACT C 2 .  ? -6.102  26.900  -1.083  1.00 36.06 ? 101 ACT A H3   1 
HETATM 1163 O O    . HOH D 3 .  ? -0.427  7.172   -4.965  1.00 20.00 ? 201 HOH A O    1 
HETATM 1164 O O    . HOH D 3 .  ? -12.720 -9.866  7.208   1.00 33.60 ? 202 HOH A O    1 
HETATM 1165 O O    . HOH D 3 .  ? -1.549  13.755  -6.460  1.00 23.08 ? 203 HOH A O    1 
HETATM 1166 O O    . HOH D 3 .  ? -1.689  -15.340 5.272   1.00 26.04 ? 204 HOH A O    1 
HETATM 1167 O O    . HOH D 3 .  ? -2.942  -7.527  3.910   1.00 25.33 ? 205 HOH A O    1 
HETATM 1168 O O    . HOH D 3 .  ? 0.361   15.645  -7.333  1.00 28.94 ? 206 HOH A O    1 
HETATM 1169 O O    . HOH D 3 .  ? -5.437  -2.999  -5.549  1.00 11.14 ? 207 HOH A O    1 
HETATM 1170 O O    . HOH D 3 .  ? -3.449  -4.805  -6.178  1.00 12.40 ? 208 HOH A O    1 
HETATM 1171 O O    . HOH D 3 .  ? 2.290   6.722   -3.469  1.00 33.73 ? 209 HOH A O    1 
HETATM 1172 O O    . HOH D 3 .  ? 2.897   9.681   0.254   1.00 29.48 ? 210 HOH A O    1 
HETATM 1173 O O    . HOH D 3 .  ? -8.078  5.908   1.028   1.00 18.98 ? 211 HOH A O    1 
HETATM 1174 O O    . HOH D 3 .  ? -5.460  14.809  1.315   1.00 13.69 ? 212 HOH A O    1 
HETATM 1175 O O    . HOH D 3 .  ? -4.543  -9.629  3.728   1.00 17.03 ? 213 HOH A O    1 
HETATM 1176 O O    . HOH D 3 .  ? -5.990  16.499  -2.155  1.00 17.16 ? 214 HOH A O    1 
HETATM 1177 O O    . HOH D 3 .  ? 1.865   4.513   -8.403  1.00 16.16 ? 215 HOH A O    1 
HETATM 1178 O O    . HOH D 3 .  ? -8.977  11.456  -0.303  1.00 18.37 ? 216 HOH A O    1 
HETATM 1179 O O    . HOH D 3 .  ? -3.915  22.340  -0.259  1.00 18.68 ? 217 HOH A O    1 
HETATM 1180 O O    . HOH D 3 .  ? -1.202  5.563   7.056   1.00 36.45 ? 218 HOH A O    1 
HETATM 1181 O O    . HOH D 3 .  ? -5.041  11.951  1.803   1.00 15.58 ? 219 HOH A O    1 
HETATM 1182 O O    . HOH D 3 .  ? -9.955  -6.490  -3.611  1.00 13.64 ? 220 HOH A O    1 
HETATM 1183 O O    . HOH D 3 .  ? -5.459  3.389   -5.600  1.00 16.43 ? 221 HOH A O    1 
HETATM 1184 O O    . HOH D 3 .  ? 3.681   2.550   -5.590  1.00 38.72 ? 222 HOH A O    1 
HETATM 1185 O O    . HOH D 3 .  ? -12.918 -16.677 5.313   1.00 26.71 ? 223 HOH A O    1 
HETATM 1186 O O    . HOH D 3 .  ? -8.967  -8.527  -5.201  1.00 24.90 ? 224 HOH A O    1 
HETATM 1187 O O    . HOH D 3 .  ? -10.765 -9.104  5.620   1.00 24.60 ? 225 HOH A O    1 
HETATM 1188 O O    . HOH D 3 .  ? -8.875  -4.760  4.468   1.00 29.60 ? 226 HOH A O    1 
HETATM 1189 O O    . HOH D 3 .  ? -14.941 -15.037 5.256   1.00 20.77 ? 227 HOH A O    1 
HETATM 1190 O O    . HOH D 3 .  ? -3.999  -6.958  7.169   1.00 34.58 ? 228 HOH A O    1 
HETATM 1191 O O    . HOH D 3 .  ? -10.569 0.780   1.994   1.00 28.23 ? 229 HOH A O    1 
HETATM 1192 O O    . HOH D 3 .  ? 4.290   12.875  0.106   1.00 31.97 ? 230 HOH A O    1 
HETATM 1193 O O    . HOH D 3 .  ? -5.889  19.245  -1.837  1.00 24.40 ? 231 HOH A O    1 
HETATM 1194 O O    . HOH D 3 .  ? 4.390   5.172   -8.248  1.00 40.47 ? 232 HOH A O    1 
HETATM 1195 O O    . HOH D 3 .  ? -8.697  -2.416  5.590   1.00 32.15 ? 233 HOH A O    1 
HETATM 1196 O O    . HOH D 3 .  ? -9.898  4.712   -0.403  1.00 22.18 ? 234 HOH A O    1 
HETATM 1197 O O    . HOH D 3 .  ? -8.733  -10.808 6.091   1.00 27.49 ? 235 HOH A O    1 
HETATM 1198 O O    . HOH D 3 .  ? -8.433  -0.099  3.928   1.00 38.77 ? 236 HOH A O    1 
HETATM 1199 O O    . HOH D 3 .  ? -6.337  -9.909  6.042   1.00 30.01 ? 237 HOH A O    1 
HETATM 1200 O O    . HOH E 3 .  ? 10.943  5.266   5.580   1.00 25.22 ? 101 HOH B O    1 
HETATM 1201 O O    . HOH E 3 .  ? 11.819  15.655  3.971   1.00 19.83 ? 102 HOH B O    1 
HETATM 1202 O O    . HOH E 3 .  ? 1.234   -16.421 -6.105  1.00 31.90 ? 103 HOH B O    1 
HETATM 1203 O O    . HOH E 3 .  ? 7.300   18.818  7.998   1.00 35.34 ? 104 HOH B O    1 
HETATM 1204 O O    . HOH E 3 .  ? -0.678  -2.072  -8.905  1.00 35.79 ? 105 HOH B O    1 
HETATM 1205 O O    . HOH E 3 .  ? -3.278  10.167  10.164  1.00 12.47 ? 106 HOH B O    1 
HETATM 1206 O O    . HOH E 3 .  ? -2.088  -8.632  -5.489  1.00 10.86 ? 107 HOH B O    1 
HETATM 1207 O O    . HOH E 3 .  ? 6.553   17.945  11.463  1.00 34.23 ? 108 HOH B O    1 
HETATM 1208 O O    . HOH E 3 .  ? 4.583   5.946   -1.773  1.00 29.68 ? 109 HOH B O    1 
HETATM 1209 O O    . HOH E 3 .  ? 3.388   -4.761  -6.342  1.00 21.09 ? 110 HOH B O    1 
HETATM 1210 O O    . HOH E 3 .  ? 6.207   3.699   -1.120  1.00 24.70 ? 111 HOH B O    1 
HETATM 1211 O O    . HOH E 3 .  ? 6.238   -8.995  -8.917  1.00 18.46 ? 112 HOH B O    1 
HETATM 1212 O O    . HOH E 3 .  ? -0.904  -3.595  -6.734  1.00 19.91 ? 113 HOH B O    1 
HETATM 1213 O O    . HOH E 3 .  ? 6.580   -20.846 -4.125  1.00 15.94 ? 114 HOH B O    1 
HETATM 1214 O O    . HOH E 3 .  ? 2.093   -20.189 -8.487  1.00 36.46 ? 115 HOH B O    1 
HETATM 1215 O O    . HOH E 3 .  ? 9.202   8.107   2.504   1.00 19.15 ? 116 HOH B O    1 
HETATM 1216 O O    . HOH E 3 .  ? -0.095  -7.257  -12.129 1.00 31.97 ? 117 HOH B O    1 
HETATM 1217 O O    . HOH E 3 .  ? 8.572   -5.334  2.857   1.00 14.11 ? 118 HOH B O    1 
HETATM 1218 O O    . HOH E 3 .  ? 6.992   12.275  18.687  1.00 20.29 ? 119 HOH B O    1 
HETATM 1219 O O    . HOH E 3 .  ? 0.139   -4.793  6.876   1.00 37.99 ? 120 HOH B O    1 
HETATM 1220 O O    . HOH E 3 .  ? 8.902   -2.938  1.574   1.00 16.58 ? 121 HOH B O    1 
HETATM 1221 O O    . HOH E 3 .  ? -0.584  -8.056  4.531   1.00 39.65 ? 122 HOH B O    1 
HETATM 1222 O O    . HOH E 3 .  ? 0.362   9.303   14.018  1.00 33.07 ? 123 HOH B O    1 
HETATM 1223 O O    . HOH E 3 .  ? 9.945   -2.235  -1.077  1.00 23.21 ? 124 HOH B O    1 
HETATM 1224 O O    . HOH E 3 .  ? 4.673   -6.590  -9.089  1.00 26.28 ? 125 HOH B O    1 
HETATM 1225 O O    . HOH E 3 .  ? 5.517   -3.658  -7.453  1.00 29.89 ? 126 HOH B O    1 
# 
loop_
_atom_site_anisotrop.id 
_atom_site_anisotrop.type_symbol 
_atom_site_anisotrop.pdbx_label_atom_id 
_atom_site_anisotrop.pdbx_label_alt_id 
_atom_site_anisotrop.pdbx_label_comp_id 
_atom_site_anisotrop.pdbx_label_asym_id 
_atom_site_anisotrop.pdbx_label_seq_id 
_atom_site_anisotrop.pdbx_PDB_ins_code 
_atom_site_anisotrop.U[1][1] 
_atom_site_anisotrop.U[2][2] 
_atom_site_anisotrop.U[3][3] 
_atom_site_anisotrop.U[1][2] 
_atom_site_anisotrop.U[1][3] 
_atom_site_anisotrop.U[2][3] 
_atom_site_anisotrop.pdbx_auth_seq_id 
_atom_site_anisotrop.pdbx_auth_comp_id 
_atom_site_anisotrop.pdbx_auth_asym_id 
_atom_site_anisotrop.pdbx_auth_atom_id 
1    C C   . ACE A 1  ? 0.1526 0.1189 0.2354 -0.0069 0.0060  -0.0017 0   ACE A C   
2    O O   . ACE A 1  ? 0.1648 0.1405 0.2698 0.0157  0.0247  0.0050  0   ACE A O   
3    C CH3 . ACE A 1  ? 0.2268 0.1089 0.1756 0.0078  -0.0722 0.0067  0   ACE A CH3 
7    N N   . GLY A 2  ? 0.1643 0.1394 0.1966 -0.0130 0.0050  0.0340  1   GLY A N   
8    C CA  . GLY A 2  ? 0.1791 0.1331 0.1775 -0.0288 0.0186  0.0437  1   GLY A CA  
9    C C   . GLY A 2  ? 0.1378 0.1026 0.1819 -0.0304 0.0270  0.0341  1   GLY A C   
10   O O   . GLY A 2  ? 0.1581 0.1120 0.1812 -0.0061 0.0250  0.0414  1   GLY A O   
14   N N   . GLN A 3  ? 0.1393 0.1165 0.1509 -0.0183 0.0159  0.0290  2   GLN A N   
15   C CA  . GLN A 3  ? 0.1941 0.0898 0.1359 -0.0071 0.0300  0.0292  2   GLN A CA  
16   C C   . GLN A 3  ? 0.1663 0.0802 0.1255 -0.0172 0.0197  0.0214  2   GLN A C   
17   O O   . GLN A 3  ? 0.1920 0.0959 0.1125 -0.0302 0.0366  0.0126  2   GLN A O   
18   C CB  . GLN A 3  ? 0.2522 0.1256 0.0918 -0.0311 0.0112  0.0351  2   GLN A CB  
19   C CG  . GLN A 3  ? 0.2475 0.1404 0.0999 -0.0297 -0.0035 0.0272  2   GLN A CG  
20   C CD  . GLN A 3  ? 0.2202 0.1446 0.1394 -0.0405 0.0222  0.0203  2   GLN A CD  
21   O OE1 . GLN A 3  ? 0.2183 0.1618 0.1807 -0.0452 0.0451  0.0137  2   GLN A OE1 
22   N NE2 . GLN A 3  ? 0.2217 0.1436 0.1439 -0.0392 0.0255  0.0056  2   GLN A NE2 
31   N N   . LEU A 4  ? 0.1466 0.0869 0.1456 -0.0119 0.0142  0.0072  3   LEU A N   
32   C CA  . LEU A 4  ? 0.1465 0.0833 0.1420 -0.0170 0.0055  0.0112  3   LEU A CA  
33   C C   . LEU A 4  ? 0.1404 0.0943 0.1272 -0.0091 0.0240  0.0172  3   LEU A C   
34   O O   . LEU A 4  ? 0.1400 0.1075 0.1303 -0.0177 0.0228  0.0168  3   LEU A O   
35   C CB  . LEU A 4  ? 0.1442 0.1130 0.1518 -0.0100 0.0104  0.0247  3   LEU A CB  
36   C CG  . LEU A 4  ? 0.1532 0.1721 0.1417 -0.0050 0.0234  0.0325  3   LEU A CG  
37   C CD1 . LEU A 4  ? 0.1727 0.1714 0.1669 -0.0224 0.0168  0.0313  3   LEU A CD1 
38   C CD2 . LEU A 4  ? 0.1760 0.1992 0.1476 0.0151  0.0416  0.0138  3   LEU A CD2 
50   N N   . GLU A 5  ? 0.1481 0.0994 0.1129 -0.0159 0.0183  0.0266  4   GLU A N   
51   C CA  . GLU A 5  ? 0.1498 0.0887 0.1205 -0.0138 0.0200  0.0222  4   GLU A CA  
52   C C   . GLU A 5  ? 0.1332 0.1057 0.0776 -0.0069 0.0182  0.0349  4   GLU A C   
53   O O   . GLU A 5  ? 0.1478 0.1071 0.1053 -0.0149 0.0309  0.0317  4   GLU A O   
54   C CB  . GLU A 5  ? 0.1659 0.1062 0.1163 -0.0130 0.0143  0.0192  4   GLU A CB  
55   C CG  . GLU A 5  ? 0.2034 0.1186 0.1120 0.0073  0.0111  0.0151  4   GLU A CG  
56   C CD  . GLU A 5  ? 0.1885 0.1272 0.1140 -0.0016 0.0314  0.0116  4   GLU A CD  
57   O OE1 . GLU A 5  ? 0.1667 0.1028 0.1432 -0.0174 0.0066  0.0114  4   GLU A OE1 
58   O OE2 . GLU A 5  ? 0.2694 0.1251 0.1457 0.0169  0.0315  0.0143  4   GLU A OE2 
65   N N   A GLN A 6  ? 0.1239 0.1175 0.1126 -0.0313 0.0182  0.0084  5   GLN A N   
66   N N   B GLN A 6  ? 0.1563 0.0927 0.0784 0.0167  0.0404  0.0343  5   GLN A N   
67   C CA  A GLN A 6  ? 0.1257 0.1031 0.1398 -0.0158 0.0267  0.0037  5   GLN A CA  
68   C CA  B GLN A 6  ? 0.1405 0.0971 0.0820 0.0187  0.0490  0.0294  5   GLN A CA  
69   C C   A GLN A 6  ? 0.1202 0.0816 0.1459 -0.0334 0.0408  0.0113  5   GLN A C   
70   C C   B GLN A 6  ? 0.1302 0.1029 0.0903 0.0116  0.0550  0.0169  5   GLN A C   
71   O O   A GLN A 6  ? 0.1523 0.0822 0.1716 -0.0468 0.0347  0.0185  5   GLN A O   
72   O O   B GLN A 6  ? 0.1259 0.1095 0.1004 0.0191  0.0483  0.0057  5   GLN A O   
73   C CB  A GLN A 6  ? 0.1539 0.1493 0.1348 0.0002  0.0120  0.0018  5   GLN A CB  
74   C CB  B GLN A 6  ? 0.1423 0.1021 0.0941 0.0042  0.0506  0.0376  5   GLN A CB  
75   C CG  A GLN A 6  ? 0.1597 0.2113 0.1226 0.0244  0.0044  -0.0037 5   GLN A CG  
76   C CG  B GLN A 6  ? 0.1716 0.1103 0.1379 0.0571  0.0752  0.0324  5   GLN A CG  
77   C CD  A GLN A 6  ? 0.1910 0.2613 0.1671 0.0387  -0.0057 -0.0553 5   GLN A CD  
78   C CD  B GLN A 6  ? 0.2504 0.1910 0.2030 0.0643  0.0732  0.0078  5   GLN A CD  
79   O OE1 A GLN A 6  ? 0.1731 0.3121 0.1974 0.0255  -0.0246 -0.0726 5   GLN A OE1 
80   O OE1 B GLN A 6  ? 0.3166 0.2251 0.2196 0.0772  0.0420  0.0181  5   GLN A OE1 
81   N NE2 A GLN A 6  ? 0.2280 0.2446 0.1867 0.0757  -0.0157 -0.0781 5   GLN A NE2 
82   N NE2 B GLN A 6  ? 0.2801 0.1962 0.2333 0.0545  0.0810  -0.0069 5   GLN A NE2 
99   N N   . GLU A 7  ? 0.1335 0.0952 0.1093 -0.0125 0.0362  0.0172  6   GLU A N   
100  C CA  . GLU A 7  ? 0.1452 0.0804 0.1174 -0.0025 0.0257  0.0190  6   GLU A CA  
101  C C   . GLU A 7  ? 0.1322 0.0976 0.1116 -0.0050 0.0298  0.0185  6   GLU A C   
102  O O   . GLU A 7  ? 0.1429 0.0928 0.1334 -0.0251 0.0200  0.0244  6   GLU A O   
103  C CB  . GLU A 7  ? 0.1369 0.1065 0.1314 -0.0133 0.0159  0.0071  6   GLU A CB  
104  C CG  . GLU A 7  ? 0.1654 0.1249 0.1229 0.0037  0.0153  0.0256  6   GLU A CG  
105  C CD  . GLU A 7  ? 0.1624 0.1570 0.1322 -0.0121 0.0117  0.0331  6   GLU A CD  
106  O OE1 . GLU A 7  ? 0.2007 0.2024 0.1500 -0.0068 0.0097  0.0525  6   GLU A OE1 
107  O OE2 . GLU A 7  ? 0.1925 0.1942 0.1184 -0.0056 0.0021  0.0537  6   GLU A OE2 
115  N N   A ILE A 8  ? 0.0788 0.1474 0.1402 -0.0042 0.0241  -0.0158 7   ILE A N   
116  N N   B ILE A 8  ? 0.1372 0.0740 0.0795 -0.0087 0.0282  0.0327  7   ILE A N   
117  C CA  A ILE A 8  ? 0.0765 0.1250 0.1636 -0.0102 0.0109  -0.0271 7   ILE A CA  
118  C CA  B ILE A 8  ? 0.1466 0.0844 0.0903 0.0016  0.0508  0.0289  7   ILE A CA  
119  C C   A ILE A 8  ? 0.1143 0.0775 0.1302 -0.0011 0.0054  -0.0170 7   ILE A C   
120  C C   B ILE A 8  ? 0.1185 0.0967 0.1201 -0.0173 0.0297  0.0273  7   ILE A C   
121  O O   A ILE A 8  ? 0.1473 0.0563 0.0747 0.0148  -0.0093 -0.0225 7   ILE A O   
122  O O   B ILE A 8  ? 0.1166 0.1218 0.1355 -0.0375 0.0239  0.0418  7   ILE A O   
123  C CB  A ILE A 8  ? 0.1262 0.1576 0.1889 0.0004  0.0197  -0.0221 7   ILE A CB  
124  C CB  B ILE A 8  ? 0.1559 0.0931 0.1120 -0.0075 0.0714  0.0157  7   ILE A CB  
125  C CG1 A ILE A 8  ? 0.1499 0.1536 0.1817 0.0243  0.0446  0.0020  7   ILE A CG1 
126  C CG1 B ILE A 8  ? 0.1801 0.0915 0.1471 0.0278  0.0949  0.0243  7   ILE A CG1 
127  C CG2 A ILE A 8  ? 0.1072 0.1781 0.1997 0.0099  0.0253  -0.0278 7   ILE A CG2 
128  C CG2 B ILE A 8  ? 0.1628 0.0870 0.0899 -0.0168 0.0538  0.0168  7   ILE A CG2 
129  C CD1 A ILE A 8  ? 0.1455 0.1896 0.1460 0.0323  0.0400  0.0196  7   ILE A CD1 
130  C CD1 B ILE A 8  ? 0.2105 0.1141 0.1453 0.0207  0.0921  0.0283  7   ILE A CD1 
153  N N   . ALA A 9  ? 0.1090 0.0898 0.1280 -0.0094 0.0214  0.0140  8   ALA A N   
154  C CA  . ALA A 9  ? 0.1064 0.1110 0.1407 -0.0134 0.0141  0.0232  8   ALA A CA  
155  C C   . ALA A 9  ? 0.1121 0.1049 0.1282 -0.0177 0.0299  0.0268  8   ALA A C   
156  O O   . ALA A 9  ? 0.1336 0.0824 0.1464 -0.0052 0.0240  0.0175  8   ALA A O   
157  C CB  . ALA A 9  ? 0.1278 0.0951 0.2237 -0.0020 0.0030  0.0222  8   ALA A CB  
164  N N   . ALA A 10 ? 0.1346 0.0899 0.1432 -0.0135 0.0455  0.0273  9   ALA A N   
165  C CA  . ALA A 10 ? 0.1374 0.0938 0.1421 -0.0086 0.0447  0.0160  9   ALA A CA  
166  C C   . ALA A 10 ? 0.1310 0.1071 0.1123 -0.0046 0.0157  0.0331  9   ALA A C   
167  O O   . ALA A 10 ? 0.1372 0.0986 0.1441 -0.0137 0.0202  0.0235  9   ALA A O   
168  C CB  . ALA A 10 ? 0.2165 0.1139 0.1236 0.0159  0.0650  0.0203  9   ALA A CB  
174  N N   . LEU A 11 ? 0.1301 0.0863 0.1075 -0.0134 0.0182  0.0297  10  LEU A N   
175  C CA  . LEU A 11 ? 0.1279 0.0938 0.1188 -0.0156 0.0097  0.0245  10  LEU A CA  
176  C C   . LEU A 11 ? 0.1194 0.0768 0.1156 -0.0149 0.0133  0.0289  10  LEU A C   
177  O O   . LEU A 11 ? 0.1139 0.0917 0.1141 -0.0085 0.0197  0.0037  10  LEU A O   
178  C CB  . LEU A 11 ? 0.1054 0.1060 0.1277 -0.0138 0.0118  0.0266  10  LEU A CB  
179  C CG  . LEU A 11 ? 0.1103 0.1048 0.1552 -0.0042 0.0080  0.0301  10  LEU A CG  
180  C CD1 . LEU A 11 ? 0.1131 0.1328 0.1486 -0.0112 0.0092  0.0077  10  LEU A CD1 
181  C CD2 . LEU A 11 ? 0.1276 0.1228 0.1843 0.0187  0.0361  0.0131  10  LEU A CD2 
193  N N   . ASN A 12 ? 0.1181 0.0955 0.0984 -0.0142 0.0072  0.0244  11  ASN A N   
194  C CA  . ASN A 12 ? 0.1060 0.1121 0.1110 -0.0159 0.0251  0.0175  11  ASN A CA  
195  C C   . ASN A 12 ? 0.1180 0.0980 0.1070 -0.0106 0.0195  0.0153  11  ASN A C   
196  O O   . ASN A 12 ? 0.1217 0.0899 0.1091 -0.0101 0.0213  0.0295  11  ASN A O   
197  C CB  . ASN A 12 ? 0.1191 0.0976 0.1183 -0.0046 0.0217  0.0240  11  ASN A CB  
198  C CG  . ASN A 12 ? 0.1378 0.0894 0.1342 0.0133  0.0190  0.0132  11  ASN A CG  
199  O OD1 . ASN A 12 ? 0.1457 0.0945 0.1491 0.0104  0.0225  0.0063  11  ASN A OD1 
200  N ND2 . ASN A 12 ? 0.1745 0.0945 0.1416 -0.0051 0.0277  -0.0217 11  ASN A ND2 
207  N N   A GLN A 13 ? 0.0910 0.0780 0.1712 -0.0157 0.0157  -0.0189 12  GLN A N   
208  N N   B GLN A 13 ? 0.1413 0.1329 0.0622 -0.0135 0.0201  0.0291  12  GLN A N   
209  C CA  A GLN A 13 ? 0.1051 0.0855 0.1925 -0.0136 0.0134  -0.0305 12  GLN A CA  
210  C CA  B GLN A 13 ? 0.1426 0.1291 0.0500 -0.0017 0.0037  0.0362  12  GLN A CA  
211  C C   A GLN A 13 ? 0.1094 0.0776 0.1808 -0.0089 0.0238  -0.0203 12  GLN A C   
212  C C   B GLN A 13 ? 0.1391 0.1279 0.0613 -0.0079 0.0116  0.0322  12  GLN A C   
213  O O   A GLN A 13 ? 0.0984 0.0582 0.2186 -0.0027 0.0178  -0.0196 12  GLN A O   
214  O O   B GLN A 13 ? 0.1560 0.1689 0.0556 -0.0161 0.0063  0.0278  12  GLN A O   
215  C CB  A GLN A 13 ? 0.1299 0.1004 0.2243 -0.0075 0.0496  -0.0213 12  GLN A CB  
216  C CB  B GLN A 13 ? 0.1303 0.1404 0.0816 -0.0400 0.0237  0.0365  12  GLN A CB  
217  C CG  A GLN A 13 ? 0.1491 0.1380 0.2457 -0.0299 0.0632  -0.0194 12  GLN A CG  
218  C CG  B GLN A 13 ? 0.1582 0.1511 0.1233 -0.0547 0.0281  0.0185  12  GLN A CG  
219  C CD  A GLN A 13 ? 0.2037 0.2290 0.2690 -0.0655 0.0775  -0.0410 12  GLN A CD  
220  C CD  B GLN A 13 ? 0.2475 0.2252 0.1628 -0.0677 0.0435  -0.0158 12  GLN A CD  
221  O OE1 A GLN A 13 ? 0.2330 0.2383 0.2962 -0.0971 0.0823  -0.0437 12  GLN A OE1 
222  O OE1 B GLN A 13 ? 0.2828 0.2604 0.1727 -0.0824 0.0361  -0.0287 12  GLN A OE1 
223  N NE2 A GLN A 13 ? 0.2191 0.2956 0.2734 -0.0682 0.0856  -0.0545 12  GLN A NE2 
224  N NE2 B GLN A 13 ? 0.3065 0.2648 0.1559 -0.0466 0.0583  -0.0249 12  GLN A NE2 
241  N N   . GLN A 14 ? 0.1236 0.0905 0.1154 -0.0069 0.0152  0.0075  13  GLN A N   
242  C CA  . GLN A 14 ? 0.1428 0.1252 0.0837 0.0001  0.0116  0.0215  13  GLN A CA  
243  C C   . GLN A 14 ? 0.1167 0.0900 0.0909 -0.0040 0.0180  0.0198  13  GLN A C   
244  O O   . GLN A 14 ? 0.1397 0.0984 0.1335 -0.0126 0.0018  -0.0069 13  GLN A O   
245  C CB  . GLN A 14 ? 0.1630 0.1453 0.0904 -0.0097 0.0077  0.0293  13  GLN A CB  
246  C CG  . GLN A 14 ? 0.1865 0.1801 0.1188 0.0114  0.0151  0.0362  13  GLN A CG  
247  C CD  . GLN A 14 ? 0.2044 0.1937 0.1628 0.0228  0.0422  0.0529  13  GLN A CD  
248  O OE1 . GLN A 14 ? 0.2040 0.2328 0.1901 0.0310  0.0288  0.0772  13  GLN A OE1 
249  N NE2 . GLN A 14 ? 0.2355 0.2450 0.1612 0.0476  0.0579  0.0567  13  GLN A NE2 
259  N N   . ILE A 15 ? 0.1155 0.0909 0.0863 0.0019  0.0239  0.0091  14  ILE A N   
260  C CA  . ILE A 15 ? 0.1029 0.1094 0.1077 0.0010  0.0189  -0.0002 14  ILE A CA  
261  C C   . ILE A 15 ? 0.1090 0.0997 0.1406 -0.0034 0.0161  0.0078  14  ILE A C   
262  O O   . ILE A 15 ? 0.1198 0.0858 0.1353 -0.0197 0.0103  0.0155  14  ILE A O   
263  C CB  . ILE A 15 ? 0.1000 0.0970 0.1075 0.0020  0.0270  0.0163  14  ILE A CB  
264  C CG1 . ILE A 15 ? 0.1142 0.0941 0.1303 -0.0060 0.0188  0.0164  14  ILE A CG1 
265  C CG2 . ILE A 15 ? 0.1323 0.0912 0.1251 0.0095  0.0439  0.0226  14  ILE A CG2 
266  C CD1 . ILE A 15 ? 0.1211 0.1058 0.1411 0.0036  0.0186  0.0111  14  ILE A CD1 
278  N N   . ALA A 16 ? 0.1178 0.0784 0.1382 -0.0010 0.0133  0.0072  15  ALA A N   
279  C CA  . ALA A 16 ? 0.1283 0.0902 0.1395 0.0027  0.0066  0.0034  15  ALA A CA  
280  C C   . ALA A 16 ? 0.1146 0.0881 0.1428 -0.0111 0.0004  0.0140  15  ALA A C   
281  O O   . ALA A 16 ? 0.1354 0.0714 0.1708 -0.0096 -0.0064 -0.0021 15  ALA A O   
282  C CB  . ALA A 16 ? 0.1433 0.1149 0.1265 -0.0017 -0.0009 0.0119  15  ALA A CB  
288  N N   . ALA A 17 ? 0.1213 0.1063 0.1269 0.0009  0.0065  0.0060  16  ALA A N   
289  C CA  . ALA A 17 ? 0.1213 0.1004 0.1304 0.0124  0.0147  -0.0154 16  ALA A CA  
290  C C   . ALA A 17 ? 0.1267 0.0945 0.1294 -0.0025 0.0184  -0.0285 16  ALA A C   
291  O O   . ALA A 17 ? 0.1454 0.0850 0.1382 -0.0087 0.0127  -0.0219 16  ALA A O   
292  C CB  . ALA A 17 ? 0.1509 0.1251 0.1087 0.0067  0.0394  -0.0180 16  ALA A CB  
298  N N   . LEU A 18 ? 0.1287 0.0870 0.1395 -0.0169 0.0054  -0.0158 17  LEU A N   
299  C CA  . LEU A 18 ? 0.1346 0.1033 0.1433 -0.0025 0.0077  -0.0074 17  LEU A CA  
300  C C   . LEU A 18 ? 0.1432 0.0957 0.1352 0.0041  0.0122  0.0068  17  LEU A C   
301  O O   . LEU A 18 ? 0.1357 0.0761 0.1730 -0.0108 0.0025  -0.0130 17  LEU A O   
302  C CB  . LEU A 18 ? 0.1409 0.1491 0.1847 -0.0389 -0.0474 0.0132  17  LEU A CB  
303  C CG  . LEU A 18 ? 0.2391 0.2117 0.2042 -0.0658 -0.0727 0.0399  17  LEU A CG  
304  C CD1 . LEU A 18 ? 0.3206 0.2598 0.1817 -0.0264 -0.0771 0.0855  17  LEU A CD1 
305  C CD2 . LEU A 18 ? 0.2516 0.2290 0.2282 -0.0807 -0.0641 0.0366  17  LEU A CD2 
317  N N   . LYS A 19 ? 0.1384 0.0882 0.1467 -0.0240 0.0032  0.0070  18  LYS A N   
318  C CA  . LYS A 19 ? 0.1297 0.1113 0.1551 -0.0142 0.0137  0.0108  18  LYS A CA  
319  C C   . LYS A 19 ? 0.1533 0.1125 0.1610 -0.0270 0.0101  0.0213  18  LYS A C   
320  O O   . LYS A 19 ? 0.1916 0.1178 0.1424 -0.0423 0.0082  0.0344  18  LYS A O   
321  C CB  . LYS A 19 ? 0.1516 0.1193 0.1610 -0.0042 0.0193  -0.0036 18  LYS A CB  
322  C CG  . LYS A 19 ? 0.1709 0.1414 0.1901 -0.0214 0.0185  -0.0155 18  LYS A CG  
323  C CD  . LYS A 19 ? 0.1776 0.2148 0.2113 -0.0065 0.0342  -0.0220 18  LYS A CD  
324  C CE  . LYS A 19 ? 0.2043 0.2859 0.2384 -0.0210 0.0124  -0.0091 18  LYS A CE  
325  N NZ  . LYS A 19 ? 0.2383 0.3109 0.2564 -0.0571 -0.0130 0.0167  18  LYS A NZ  
339  N N   A GLN A 20 ? 0.1456 0.1402 0.1519 -0.0484 -0.0169 0.0268  19  GLN A N   
340  N N   B GLN A 20 ? 0.1940 0.0643 0.1830 -0.0074 0.0087  0.0077  19  GLN A N   
341  C CA  A GLN A 20 ? 0.1440 0.1353 0.1692 -0.0446 -0.0450 0.0377  19  GLN A CA  
342  C CA  B GLN A 20 ? 0.1815 0.0884 0.1855 0.0015  0.0120  0.0000  19  GLN A CA  
343  C C   A GLN A 20 ? 0.1303 0.1040 0.1774 -0.0583 -0.0385 0.0291  19  GLN A C   
344  C C   B GLN A 20 ? 0.1662 0.0854 0.1890 0.0207  0.0124  0.0066  19  GLN A C   
345  O O   A GLN A 20 ? 0.1595 0.1164 0.1791 -0.0574 -0.0586 0.0449  19  GLN A O   
346  O O   B GLN A 20 ? 0.1735 0.0708 0.2133 0.0404  0.0229  0.0038  19  GLN A O   
347  C CB  A GLN A 20 ? 0.1639 0.1434 0.2189 -0.0275 -0.0603 0.0389  19  GLN A CB  
348  C CB  B GLN A 20 ? 0.1615 0.1190 0.1873 0.0053  0.0213  -0.0047 19  GLN A CB  
349  C CG  A GLN A 20 ? 0.2047 0.1333 0.2430 -0.0002 -0.0817 0.0396  19  GLN A CG  
350  C CG  B GLN A 20 ? 0.1484 0.1422 0.1689 0.0117  0.0232  -0.0027 19  GLN A CG  
351  C CD  A GLN A 20 ? 0.2501 0.1776 0.2419 0.0272  -0.0586 0.0326  19  GLN A CD  
352  C CD  B GLN A 20 ? 0.1798 0.1720 0.1751 0.0319  0.0394  -0.0143 19  GLN A CD  
353  O OE1 A GLN A 20 ? 0.2462 0.2449 0.2034 0.0097  -0.0671 0.0172  19  GLN A OE1 
354  O OE1 B GLN A 20 ? 0.2294 0.1722 0.2080 0.0211  0.0484  -0.0233 19  GLN A OE1 
355  N NE2 A GLN A 20 ? 0.2860 0.1815 0.2676 0.0268  -0.0503 0.0377  19  GLN A NE2 
356  N NE2 B GLN A 20 ? 0.1869 0.1643 0.1552 0.0442  0.0446  -0.0176 19  GLN A NE2 
373  N N   . ARG A 21 ? 0.1423 0.0961 0.1619 -0.0092 -0.0107 0.0176  20  ARG A N   
374  C CA  . ARG A 21 ? 0.1462 0.0880 0.1631 0.0004  0.0203  0.0074  20  ARG A CA  
375  C C   . ARG A 21 ? 0.1626 0.0807 0.1506 0.0004  -0.0030 0.0005  20  ARG A C   
376  O O   . ARG A 21 ? 0.1569 0.0957 0.1450 -0.0126 0.0024  0.0047  20  ARG A O   
377  C CB  . ARG A 21 ? 0.1578 0.0871 0.1521 0.0021  0.0300  0.0133  20  ARG A CB  
378  C CG  . ARG A 21 ? 0.2003 0.0868 0.1315 -0.0139 0.0209  0.0097  20  ARG A CG  
379  C CD  . ARG A 21 ? 0.2092 0.1248 0.1261 -0.0107 0.0285  0.0108  20  ARG A CD  
380  N NE  . ARG A 21 ? 0.1877 0.1097 0.1415 0.0038  0.0252  0.0033  20  ARG A NE  
381  C CZ  . ARG A 21 ? 0.1673 0.1233 0.1524 -0.0043 0.0041  0.0058  20  ARG A CZ  
382  N NH1 . ARG A 21 ? 0.2069 0.1540 0.1432 0.0081  -0.0048 0.0275  20  ARG A NH1 
383  N NH2 . ARG A 21 ? 0.2153 0.1153 0.1673 -0.0154 -0.0132 0.0112  20  ARG A NH2 
398  N N   A SER A 22 ? 0.1523 0.0921 0.1660 -0.0138 -0.0152 0.0002  21  SER A N   
399  N N   B SER A 22 ? 0.1880 0.0735 0.1610 0.0023  0.0009  -0.0009 21  SER A N   
400  C CA  A SER A 22 ? 0.1395 0.1118 0.1874 -0.0201 -0.0122 0.0006  21  SER A CA  
401  C CA  B SER A 22 ? 0.2064 0.0765 0.1750 0.0079  0.0047  0.0041  21  SER A CA  
402  C C   A SER A 22 ? 0.1147 0.0972 0.1971 -0.0256 -0.0109 0.0198  21  SER A C   
403  C C   B SER A 22 ? 0.1742 0.0896 0.1762 -0.0066 0.0029  0.0184  21  SER A C   
404  O O   A SER A 22 ? 0.1521 0.1187 0.1936 -0.0088 -0.0129 0.0151  21  SER A O   
405  O O   B SER A 22 ? 0.1910 0.0920 0.1737 -0.0052 0.0079  0.0187  21  SER A O   
406  C CB  A SER A 22 ? 0.1577 0.1308 0.2155 -0.0167 -0.0022 0.0036  21  SER A CB  
407  C CB  B SER A 22 ? 0.2564 0.0762 0.1918 0.0251  0.0072  0.0045  21  SER A CB  
408  O OG  A SER A 22 ? 0.1569 0.1205 0.2486 -0.0142 0.0082  0.0106  21  SER A OG  
409  O OG  B SER A 22 ? 0.2884 0.0758 0.2149 0.0240  0.0091  0.0005  21  SER A OG  
420  N N   . ALA A 23 ? 0.1424 0.0995 0.1763 -0.0241 0.0071  0.0256  22  ALA A N   
421  C CA  . ALA A 23 ? 0.1703 0.1254 0.1618 -0.0119 0.0203  0.0147  22  ALA A CA  
422  C C   . ALA A 23 ? 0.1694 0.0928 0.1691 -0.0089 0.0020  0.0266  22  ALA A C   
423  O O   . ALA A 23 ? 0.1605 0.1025 0.1682 -0.0124 0.0096  0.0299  22  ALA A O   
424  C CB  . ALA A 23 ? 0.2061 0.1407 0.1557 0.0191  0.0097  0.0226  22  ALA A CB  
431  N N   . ALA A 24 ? 0.1337 0.1053 0.1644 -0.0205 -0.0103 0.0150  23  ALA A N   
432  C CA  . ALA A 24 ? 0.1280 0.1102 0.1758 -0.0049 -0.0018 0.0052  23  ALA A CA  
433  C C   . ALA A 24 ? 0.1216 0.0955 0.1860 -0.0156 -0.0035 0.0071  23  ALA A C   
434  O O   . ALA A 24 ? 0.1381 0.0878 0.2025 -0.0082 0.0066  0.0127  23  ALA A O   
435  C CB  . ALA A 24 ? 0.1397 0.1337 0.1575 -0.0188 0.0120  0.0070  23  ALA A CB  
441  N N   . LEU A 25 ? 0.1409 0.0882 0.1712 -0.0149 -0.0179 0.0148  24  LEU A N   
442  C CA  . LEU A 25 ? 0.1469 0.1077 0.1782 -0.0099 -0.0174 0.0188  24  LEU A CA  
443  C C   . LEU A 25 ? 0.1425 0.1031 0.1851 -0.0071 -0.0215 0.0177  24  LEU A C   
444  O O   . LEU A 25 ? 0.1560 0.0851 0.1919 -0.0133 -0.0334 0.0139  24  LEU A O   
445  C CB  . LEU A 25 ? 0.1845 0.1051 0.1971 -0.0037 -0.0392 0.0079  24  LEU A CB  
446  C CG  . LEU A 25 ? 0.2534 0.1524 0.2150 0.0097  -0.0449 0.0006  24  LEU A CG  
447  C CD1 . LEU A 25 ? 0.2794 0.1780 0.2459 0.0005  -0.0424 -0.0020 24  LEU A CD1 
448  C CD2 . LEU A 25 ? 0.2775 0.1642 0.2098 0.0172  -0.0242 -0.0111 24  LEU A CD2 
460  N N   A LYS A 26 ? 0.1245 0.0884 0.2140 -0.0122 -0.0128 -0.0022 25  LYS A N   
461  N N   B LYS A 26 ? 0.1871 0.1282 0.1809 -0.0051 -0.0214 0.0203  25  LYS A N   
462  C CA  A LYS A 26 ? 0.1072 0.1078 0.2241 -0.0034 -0.0073 -0.0005 25  LYS A CA  
463  C CA  B LYS A 26 ? 0.2202 0.1547 0.1699 0.0071  -0.0131 0.0264  25  LYS A CA  
464  C C   A LYS A 26 ? 0.1110 0.1097 0.2030 -0.0143 -0.0193 0.0099  25  LYS A C   
465  C C   B LYS A 26 ? 0.1915 0.1153 0.1770 0.0037  0.0031  0.0200  25  LYS A C   
466  O O   A LYS A 26 ? 0.1390 0.1314 0.1895 -0.0335 -0.0299 0.0222  25  LYS A O   
467  O O   B LYS A 26 ? 0.1894 0.1000 0.1779 0.0113  0.0247  0.0252  25  LYS A O   
468  C CB  A LYS A 26 ? 0.1260 0.1032 0.2662 0.0105  0.0328  -0.0039 25  LYS A CB  
469  C CB  B LYS A 26 ? 0.2597 0.2168 0.1556 0.0182  -0.0090 0.0327  25  LYS A CB  
470  C CG  A LYS A 26 ? 0.1349 0.1265 0.3217 0.0085  0.0470  -0.0310 25  LYS A CG  
471  C CG  B LYS A 26 ? 0.2818 0.2686 0.1648 0.0048  0.0012  0.0256  25  LYS A CG  
472  C CD  A LYS A 26 ? 0.1356 0.1662 0.3610 0.0091  0.0701  -0.0475 25  LYS A CD  
473  C CD  B LYS A 26 ? 0.3135 0.3018 0.1921 -0.0014 0.0228  0.0152  25  LYS A CD  
474  C CE  A LYS A 26 ? 0.1922 0.2052 0.3816 0.0135  0.0834  -0.0367 25  LYS A CE  
475  C CE  B LYS A 26 ? 0.3407 0.3227 0.2141 0.0008  0.0343  0.0029  25  LYS A CE  
476  N NZ  A LYS A 26 ? 0.2899 0.2491 0.3836 0.0211  0.0799  -0.0233 25  LYS A NZ  
477  N NZ  B LYS A 26 ? 0.3622 0.3309 0.2302 0.0065  0.0355  -0.0034 25  LYS A NZ  
504  N N   . TRP A 27 ? 0.1504 0.1016 0.1793 -0.0042 -0.0024 0.0031  26  TRP A N   
505  C CA  . TRP A 27 ? 0.1335 0.1247 0.1519 0.0105  0.0011  -0.0137 26  TRP A CA  
506  C C   . TRP A 27 ? 0.1308 0.0996 0.1232 0.0028  0.0098  -0.0016 26  TRP A C   
507  O O   . TRP A 27 ? 0.1684 0.1024 0.1341 -0.0109 0.0067  0.0239  26  TRP A O   
508  C CB  . TRP A 27 ? 0.1561 0.1479 0.1330 0.0151  -0.0058 -0.0059 26  TRP A CB  
509  C CG  . TRP A 27 ? 0.1398 0.1591 0.1484 0.0227  0.0063  -0.0113 26  TRP A CG  
510  C CD1 . TRP A 27 ? 0.1415 0.1660 0.1539 0.0015  0.0003  -0.0232 26  TRP A CD1 
511  C CD2 . TRP A 27 ? 0.1277 0.1525 0.1634 0.0212  -0.0072 -0.0071 26  TRP A CD2 
512  N NE1 . TRP A 27 ? 0.1653 0.1775 0.1537 0.0260  -0.0087 -0.0130 26  TRP A NE1 
513  C CE2 . TRP A 27 ? 0.1473 0.1468 0.1715 0.0269  -0.0102 -0.0231 26  TRP A CE2 
514  C CE3 . TRP A 27 ? 0.1905 0.1686 0.1670 0.0223  -0.0228 0.0106  26  TRP A CE3 
515  C CZ2 . TRP A 27 ? 0.1989 0.1750 0.1552 0.0319  -0.0170 -0.0215 26  TRP A CZ2 
516  C CZ3 . TRP A 27 ? 0.2055 0.2232 0.1711 -0.0006 -0.0122 -0.0112 26  TRP A CZ3 
517  C CH2 . TRP A 27 ? 0.2325 0.1979 0.1554 0.0164  -0.0192 -0.0150 26  TRP A CH2 
528  N N   . GLN A 28 ? 0.1200 0.1188 0.1140 -0.0028 0.0209  0.0128  27  GLN A N   
529  C CA  . GLN A 28 ? 0.1265 0.1035 0.0936 -0.0125 0.0223  0.0260  27  GLN A CA  
530  C C   . GLN A 28 ? 0.1281 0.0881 0.1110 -0.0033 0.0242  0.0133  27  GLN A C   
531  O O   . GLN A 28 ? 0.1306 0.0987 0.1142 -0.0050 0.0129  0.0225  27  GLN A O   
532  C CB  . GLN A 28 ? 0.1459 0.1098 0.1098 -0.0070 0.0336  0.0265  27  GLN A CB  
533  C CG  . GLN A 28 ? 0.1628 0.1297 0.1069 -0.0097 0.0076  0.0247  27  GLN A CG  
534  C CD  . GLN A 28 ? 0.1816 0.1267 0.1216 -0.0154 0.0114  0.0202  27  GLN A CD  
535  O OE1 . GLN A 28 ? 0.1963 0.1323 0.1455 -0.0326 0.0006  0.0278  27  GLN A OE1 
536  N NE2 . GLN A 28 ? 0.2300 0.1391 0.1320 0.0117  0.0431  0.0168  27  GLN A NE2 
545  N N   . ILE A 29 ? 0.1184 0.1084 0.1233 -0.0126 0.0055  0.0117  28  ILE A N   
546  C CA  . ILE A 29 ? 0.1143 0.1173 0.1193 -0.0116 0.0037  0.0140  28  ILE A CA  
547  C C   . ILE A 29 ? 0.1283 0.1041 0.1228 -0.0141 -0.0014 0.0188  28  ILE A C   
548  O O   . ILE A 29 ? 0.1563 0.1089 0.1401 -0.0428 0.0161  0.0116  28  ILE A O   
549  C CB  . ILE A 29 ? 0.0949 0.1378 0.1253 -0.0178 0.0029  0.0270  28  ILE A CB  
550  C CG1 . ILE A 29 ? 0.1102 0.1199 0.1315 -0.0139 0.0042  0.0384  28  ILE A CG1 
551  C CG2 . ILE A 29 ? 0.1131 0.1720 0.1373 -0.0120 0.0061  0.0330  28  ILE A CG2 
552  C CD1 . ILE A 29 ? 0.1299 0.1473 0.1376 0.0106  0.0093  0.0388  28  ILE A CD1 
564  N N   . GLN A 30 ? 0.1472 0.1138 0.1355 -0.0240 0.0095  0.0233  29  GLN A N   
565  C CA  . GLN A 30 ? 0.1683 0.1438 0.1424 -0.0123 0.0328  0.0232  29  GLN A CA  
566  C C   . GLN A 30 ? 0.1871 0.1163 0.1341 -0.0184 0.0227  0.0321  29  GLN A C   
567  O O   . GLN A 30 ? 0.1946 0.1265 0.1374 -0.0387 0.0342  0.0440  29  GLN A O   
568  C CB  . GLN A 30 ? 0.2034 0.1906 0.1756 0.0038  0.0343  0.0053  29  GLN A CB  
569  C CG  . GLN A 30 ? 0.2017 0.2236 0.2336 0.0388  0.0313  -0.0372 29  GLN A CG  
570  C CD  . GLN A 30 ? 0.2332 0.3067 0.2639 0.0661  0.0160  -0.0517 29  GLN A CD  
571  O OE1 . GLN A 30 ? 0.2874 0.3215 0.2789 0.0859  -0.0146 -0.0495 29  GLN A OE1 
572  N NE2 . GLN A 30 ? 0.2856 0.3600 0.2881 0.0610  0.0172  -0.0543 29  GLN A NE2 
581  N N   . GLY A 31 ? 0.1589 0.0990 0.1431 -0.0067 -0.0001 0.0176  30  GLY A N   
582  C CA  . GLY A 31 ? 0.1900 0.1294 0.1125 -0.0222 0.0089  0.0279  30  GLY A CA  
583  C C   . GLY A 31 ? 0.1856 0.1117 0.1143 -0.0289 0.0113  0.0184  30  GLY A C   
584  O O   . GLY A 31 ? 0.2095 0.1774 0.1396 0.0033  0.0053  0.0072  30  GLY A O   
588  N N   . NH2 A 32 ? 0.2353 0.0904 0.1442 -0.0143 -0.0110 0.0147  31  NH2 A N   
591  C C   . ACE B 1  ? 0.4533 0.2610 0.3431 0.0808  -0.0110 -0.0359 0   ACE B C   
592  O O   . ACE B 1  ? 0.4601 0.2887 0.3686 0.1173  -0.0114 -0.0419 0   ACE B O   
593  C CH3 . ACE B 1  ? 0.4468 0.2988 0.3254 0.0806  -0.0081 -0.0448 0   ACE B CH3 
597  N N   . GLY B 2  ? 0.4162 0.1877 0.3316 0.0509  -0.0026 -0.0227 1   GLY B N   
598  C CA  . GLY B 2  ? 0.3164 0.1833 0.3090 -0.0195 0.0062  -0.0232 1   GLY B CA  
599  C C   . GLY B 2  ? 0.2513 0.1861 0.2772 0.0117  0.0204  -0.0130 1   GLY B C   
600  O O   . GLY B 2  ? 0.1753 0.1465 0.2844 -0.0118 -0.0130 0.0045  1   GLY B O   
604  N N   . GLN B 3  ? 0.2414 0.2376 0.2370 0.0098  0.0430  -0.0071 2   GLN B N   
605  C CA  . GLN B 3  ? 0.2167 0.2760 0.1897 -0.0156 0.0443  0.0047  2   GLN B CA  
606  C C   . GLN B 3  ? 0.1636 0.2804 0.1540 0.0306  0.0304  -0.0005 2   GLN B C   
607  O O   . GLN B 3  ? 0.1934 0.2394 0.1966 0.0341  -0.0028 0.0040  2   GLN B O   
608  C CB  . GLN B 3  ? 0.2892 0.2326 0.1944 -0.0395 0.0350  0.0332  2   GLN B CB  
609  C CG  . GLN B 3  ? 0.3263 0.2230 0.2458 -0.0265 0.0336  0.0168  2   GLN B CG  
610  C CD  . GLN B 3  ? 0.3968 0.2130 0.2989 -0.0301 0.0243  -0.0062 2   GLN B CD  
611  O OE1 . GLN B 3  ? 0.4460 0.1820 0.3591 -0.0018 0.0459  -0.0286 2   GLN B OE1 
612  N NE2 . GLN B 3  ? 0.4358 0.2226 0.2809 -0.0478 -0.0003 -0.0060 2   GLN B NE2 
621  N N   . LEU B 4  ? 0.1617 0.2460 0.1853 0.0272  0.0381  -0.0154 3   LEU B N   
622  C CA  . LEU B 4  ? 0.1488 0.1771 0.2167 0.0121  0.0279  0.0018  3   LEU B CA  
623  C C   . LEU B 4  ? 0.1331 0.1629 0.1704 -0.0011 -0.0022 0.0249  3   LEU B C   
624  O O   . LEU B 4  ? 0.1360 0.1450 0.1839 0.0011  -0.0035 0.0244  3   LEU B O   
625  C CB  . LEU B 4  ? 0.1911 0.1592 0.2553 0.0271  0.0500  0.0088  3   LEU B CB  
626  C CG  . LEU B 4  ? 0.1917 0.2069 0.2648 0.0515  0.0418  0.0012  3   LEU B CG  
627  C CD1 . LEU B 4  ? 0.2331 0.1992 0.2686 0.0958  0.0661  -0.0172 3   LEU B CD1 
628  C CD2 . LEU B 4  ? 0.1442 0.2862 0.2625 0.0016  0.0320  -0.0026 3   LEU B CD2 
640  N N   A GLU B 5  ? 0.1329 0.1278 0.1665 0.0038  0.0014  0.0378  4   GLU B N   
641  N N   B GLU B 5  ? 0.1497 0.1478 0.1592 -0.0055 0.0138  0.0274  4   GLU B N   
642  C CA  A GLU B 5  ? 0.1239 0.1497 0.1706 0.0011  0.0118  0.0263  4   GLU B CA  
643  C CA  B GLU B 5  ? 0.1683 0.1466 0.1426 -0.0068 0.0341  0.0289  4   GLU B CA  
644  C C   A GLU B 5  ? 0.1185 0.1591 0.1321 -0.0257 0.0092  0.0056  4   GLU B C   
645  C C   B GLU B 5  ? 0.1705 0.1503 0.1010 0.0035  0.0400  0.0220  4   GLU B C   
646  O O   A GLU B 5  ? 0.1370 0.1949 0.1341 -0.0059 0.0025  -0.0052 4   GLU B O   
647  O O   B GLU B 5  ? 0.1813 0.1660 0.0893 -0.0004 0.0577  0.0220  4   GLU B O   
648  C CB  A GLU B 5  ? 0.1446 0.1780 0.2161 0.0061  0.0229  0.0333  4   GLU B CB  
649  C CB  B GLU B 5  ? 0.1859 0.1548 0.1691 -0.0265 0.0458  0.0380  4   GLU B CB  
650  C CG  A GLU B 5  ? 0.1682 0.1829 0.2337 -0.0031 0.0361  0.0477  4   GLU B CG  
651  C CG  B GLU B 5  ? 0.1943 0.1511 0.1815 -0.0455 0.0595  0.0486  4   GLU B CG  
652  C CD  A GLU B 5  ? 0.1458 0.1668 0.2321 -0.0231 0.0268  0.0643  4   GLU B CD  
653  C CD  B GLU B 5  ? 0.1984 0.1542 0.1891 -0.0299 0.0538  0.0441  4   GLU B CD  
654  O OE1 A GLU B 5  ? 0.1875 0.1711 0.2231 -0.0714 0.0272  0.0498  4   GLU B OE1 
655  O OE1 B GLU B 5  ? 0.1794 0.1374 0.2156 -0.0134 0.0542  0.0392  4   GLU B OE1 
656  O OE2 A GLU B 5  ? 0.1457 0.1755 0.2365 0.0094  0.0240  0.0724  4   GLU B OE2 
657  O OE2 B GLU B 5  ? 0.2128 0.2374 0.1784 0.0008  0.0694  0.0121  4   GLU B OE2 
670  N N   . GLN B 6  ? 0.1439 0.1375 0.1016 -0.0012 0.0149  0.0089  5   GLN B N   
671  C CA  . GLN B 6  ? 0.1508 0.1168 0.1279 -0.0024 -0.0050 0.0242  5   GLN B CA  
672  C C   . GLN B 6  ? 0.1324 0.1366 0.1553 -0.0118 -0.0190 0.0119  5   GLN B C   
673  O O   . GLN B 6  ? 0.1804 0.1219 0.1665 -0.0069 -0.0365 -0.0009 5   GLN B O   
674  C CB  . GLN B 6  ? 0.1468 0.1141 0.1424 -0.0182 -0.0079 0.0232  5   GLN B CB  
675  C CG  . GLN B 6  ? 0.1362 0.1304 0.1620 -0.0143 -0.0136 0.0303  5   GLN B CG  
676  C CD  . GLN B 6  ? 0.1447 0.1399 0.1749 -0.0167 -0.0004 0.0382  5   GLN B CD  
677  O OE1 . GLN B 6  ? 0.2200 0.1620 0.1779 0.0318  0.0216  0.0176  5   GLN B OE1 
678  N NE2 . GLN B 6  ? 0.2073 0.1734 0.1790 0.0101  -0.0145 0.0389  5   GLN B NE2 
688  N N   A GLU B 7  ? 0.1240 0.1714 0.1566 -0.0054 -0.0140 -0.0025 6   GLU B N   
689  N N   B GLU B 7  ? 0.1407 0.1562 0.1580 -0.0215 -0.0130 0.0178  6   GLU B N   
690  C CA  A GLU B 7  ? 0.1276 0.2023 0.1704 -0.0090 -0.0108 -0.0129 6   GLU B CA  
691  C CA  B GLU B 7  ? 0.1492 0.1794 0.1838 -0.0372 -0.0114 0.0181  6   GLU B CA  
692  C C   A GLU B 7  ? 0.1370 0.1923 0.1856 -0.0006 0.0029  -0.0119 6   GLU B C   
693  C C   B GLU B 7  ? 0.1487 0.1982 0.1753 -0.0319 -0.0252 -0.0011 6   GLU B C   
694  O O   A GLU B 7  ? 0.1801 0.1744 0.2149 0.0116  0.0211  -0.0133 6   GLU B O   
695  O O   B GLU B 7  ? 0.1754 0.2081 0.1840 -0.0578 -0.0563 -0.0111 6   GLU B O   
696  C CB  A GLU B 7  ? 0.1362 0.2463 0.1624 -0.0197 -0.0275 -0.0138 6   GLU B CB  
697  C CB  B GLU B 7  ? 0.1665 0.1876 0.2097 -0.0464 -0.0062 0.0542  6   GLU B CB  
698  C CG  A GLU B 7  ? 0.1688 0.2766 0.1731 -0.0164 -0.0340 -0.0170 6   GLU B CG  
699  C CG  B GLU B 7  ? 0.1627 0.2036 0.2404 -0.0286 -0.0226 0.0841  6   GLU B CG  
700  C CD  A GLU B 7  ? 0.2351 0.2687 0.1939 0.0111  -0.0073 -0.0129 6   GLU B CD  
701  C CD  B GLU B 7  ? 0.1162 0.2351 0.2727 -0.0131 -0.0335 0.0991  6   GLU B CD  
702  O OE1 A GLU B 7  ? 0.2421 0.3095 0.2005 0.0112  0.0113  -0.0166 6   GLU B OE1 
703  O OE1 B GLU B 7  ? 0.1663 0.2080 0.2870 0.0011  -0.0055 0.0803  6   GLU B OE1 
704  O OE2 A GLU B 7  ? 0.2960 0.2257 0.2119 0.0662  0.0141  -0.0068 6   GLU B OE2 
705  O OE2 B GLU B 7  ? 0.1221 0.2767 0.2987 -0.0188 -0.0303 0.1152  6   GLU B OE2 
718  N N   . ILE B 8  ? 0.1321 0.1898 0.1737 0.0051  -0.0028 -0.0100 7   ILE B N   
719  C CA  . ILE B 8  ? 0.1774 0.1904 0.1664 0.0195  -0.0143 -0.0200 7   ILE B CA  
720  C C   . ILE B 8  ? 0.1827 0.1393 0.1695 0.0092  -0.0200 -0.0136 7   ILE B C   
721  O O   . ILE B 8  ? 0.2039 0.1433 0.1770 0.0038  -0.0385 0.0028  7   ILE B O   
722  C CB  . ILE B 8  ? 0.2334 0.2002 0.1977 0.0618  -0.0267 -0.0294 7   ILE B CB  
723  C CG1 . ILE B 8  ? 0.2726 0.1798 0.2393 0.0569  -0.0424 -0.0431 7   ILE B CG1 
724  C CG2 . ILE B 8  ? 0.2722 0.2160 0.1912 0.0596  -0.0503 -0.0181 7   ILE B CG2 
725  C CD1 . ILE B 8  ? 0.2891 0.2084 0.2523 0.0550  -0.0435 -0.0369 7   ILE B CD1 
738  N N   . ALA B 9  ? 0.1582 0.1598 0.1617 0.0036  -0.0104 -0.0262 8   ALA B N   
739  C CA  . ALA B 9  ? 0.1734 0.1514 0.1581 0.0241  -0.0254 -0.0146 8   ALA B CA  
740  C C   . ALA B 9  ? 0.1782 0.1387 0.1873 0.0247  -0.0361 -0.0286 8   ALA B C   
741  O O   . ALA B 9  ? 0.1617 0.1482 0.1957 0.0117  -0.0317 -0.0458 8   ALA B O   
742  C CB  . ALA B 9  ? 0.1812 0.1467 0.1682 0.0274  -0.0293 -0.0134 8   ALA B CB  
748  N N   . ALA B 10 ? 0.1708 0.1458 0.1883 0.0046  -0.0468 -0.0348 9   ALA B N   
749  C CA  . ALA B 10 ? 0.1995 0.1726 0.1768 0.0025  -0.0470 -0.0113 9   ALA B CA  
750  C C   . ALA B 10 ? 0.1885 0.1676 0.1767 0.0138  -0.0438 -0.0128 9   ALA B C   
751  O O   . ALA B 10 ? 0.1842 0.1687 0.2030 -0.0121 -0.0505 -0.0164 9   ALA B O   
752  C CB  . ALA B 10 ? 0.2435 0.1930 0.1769 -0.0185 -0.0299 -0.0007 9   ALA B CB  
758  N N   . LEU B 11 ? 0.1809 0.1672 0.1977 0.0131  -0.0401 -0.0289 10  LEU B N   
759  C CA  . LEU B 11 ? 0.1546 0.1540 0.2059 0.0049  -0.0464 -0.0311 10  LEU B CA  
760  C C   . LEU B 11 ? 0.1632 0.1564 0.2067 0.0130  -0.0519 -0.0440 10  LEU B C   
761  O O   . LEU B 11 ? 0.1727 0.1742 0.2127 0.0313  -0.0565 -0.0438 10  LEU B O   
762  C CB  . LEU B 11 ? 0.1420 0.1578 0.2146 -0.0032 -0.0367 -0.0259 10  LEU B CB  
763  C CG  . LEU B 11 ? 0.1560 0.1767 0.2269 0.0005  -0.0339 -0.0189 10  LEU B CG  
764  C CD1 . LEU B 11 ? 0.1683 0.1851 0.2270 -0.0102 -0.0287 -0.0296 10  LEU B CD1 
765  C CD2 . LEU B 11 ? 0.1767 0.2018 0.2181 0.0206  -0.0404 -0.0045 10  LEU B CD2 
777  N N   . ASN B 12 ? 0.1465 0.1761 0.2098 0.0076  -0.0473 -0.0507 11  ASN B N   
778  C CA  . ASN B 12 ? 0.1525 0.1696 0.2258 0.0041  -0.0390 -0.0473 11  ASN B CA  
779  C C   . ASN B 12 ? 0.1581 0.1685 0.2139 0.0068  -0.0287 -0.0498 11  ASN B C   
780  O O   . ASN B 12 ? 0.1702 0.1565 0.1809 0.0043  -0.0171 -0.0482 11  ASN B O   
781  C CB  . ASN B 12 ? 0.1831 0.1740 0.2397 -0.0017 -0.0506 -0.0331 11  ASN B CB  
782  C CG  . ASN B 12 ? 0.2071 0.1969 0.2675 0.0007  -0.0631 -0.0144 11  ASN B CG  
783  O OD1 . ASN B 12 ? 0.2264 0.2218 0.2897 0.0169  -0.0913 0.0094  11  ASN B OD1 
784  N ND2 . ASN B 12 ? 0.2095 0.1867 0.2585 0.0044  -0.0574 -0.0256 11  ASN B ND2 
791  N N   . GLN B 13 ? 0.1459 0.1635 0.2276 0.0029  -0.0557 -0.0419 12  GLN B N   
792  C CA  . GLN B 13 ? 0.1715 0.1753 0.2414 0.0186  -0.0694 -0.0294 12  GLN B CA  
793  C C   . GLN B 13 ? 0.1390 0.1531 0.2341 0.0209  -0.0605 -0.0321 12  GLN B C   
794  O O   . GLN B 13 ? 0.1510 0.1474 0.2315 0.0236  -0.0556 -0.0264 12  GLN B O   
795  C CB  . GLN B 13 ? 0.1791 0.2339 0.2621 0.0217  -0.0847 -0.0150 12  GLN B CB  
796  C CG  . GLN B 13 ? 0.2565 0.2728 0.2741 -0.0043 -0.0862 0.0207  12  GLN B CG  
797  C CD  . GLN B 13 ? 0.3277 0.2855 0.2806 -0.0612 -0.1011 0.0661  12  GLN B CD  
798  O OE1 . GLN B 13 ? 0.3803 0.3111 0.2700 -0.0588 -0.0966 0.0783  12  GLN B OE1 
799  N NE2 . GLN B 13 ? 0.3130 0.3236 0.3016 -0.1071 -0.0959 0.0700  12  GLN B NE2 
808  N N   A GLN B 14 ? 0.1246 0.1796 0.2353 0.0161  -0.0489 -0.0265 13  GLN B N   
809  N N   B GLN B 14 ? 0.1655 0.1752 0.2265 0.0174  -0.0451 -0.0236 13  GLN B N   
810  C CA  A GLN B 14 ? 0.1445 0.1574 0.2372 0.0145  -0.0488 -0.0026 13  GLN B CA  
811  C CA  B GLN B 14 ? 0.1837 0.1739 0.2141 0.0174  -0.0414 -0.0012 13  GLN B CA  
812  C C   A GLN B 14 ? 0.1295 0.1126 0.2417 0.0013  -0.0344 0.0074  13  GLN B C   
813  C C   B GLN B 14 ? 0.1852 0.1740 0.1883 0.0131  -0.0523 0.0120  13  GLN B C   
814  O O   A GLN B 14 ? 0.1075 0.0998 0.2742 -0.0042 -0.0129 -0.0062 13  GLN B O   
815  O O   B GLN B 14 ? 0.2216 0.2199 0.1492 0.0171  -0.0723 0.0246  13  GLN B O   
816  C CB  A GLN B 14 ? 0.1730 0.1771 0.2599 -0.0065 -0.0497 -0.0055 13  GLN B CB  
817  C CB  B GLN B 14 ? 0.2035 0.1740 0.2343 0.0060  -0.0230 0.0042  13  GLN B CB  
818  C CG  A GLN B 14 ? 0.1912 0.2202 0.2689 -0.0148 -0.0681 -0.0082 13  GLN B CG  
819  C CG  B GLN B 14 ? 0.2260 0.1871 0.2461 -0.0013 -0.0079 0.0097  13  GLN B CG  
820  C CD  A GLN B 14 ? 0.3099 0.2762 0.2621 0.0192  -0.0798 0.0037  13  GLN B CD  
821  C CD  B GLN B 14 ? 0.2839 0.2567 0.2464 -0.0082 -0.0097 -0.0037 13  GLN B CD  
822  O OE1 A GLN B 14 ? 0.3945 0.3063 0.2354 0.0353  -0.1026 0.0157  13  GLN B OE1 
823  O OE1 B GLN B 14 ? 0.3198 0.2861 0.2581 -0.0135 -0.0055 -0.0094 13  GLN B OE1 
824  N NE2 A GLN B 14 ? 0.3858 0.3051 0.2797 0.0434  -0.0580 0.0020  13  GLN B NE2 
825  N NE2 B GLN B 14 ? 0.2996 0.2908 0.2402 -0.0198 -0.0186 -0.0177 13  GLN B NE2 
842  N N   . ILE B 15 ? 0.1430 0.1331 0.2095 -0.0039 -0.0462 -0.0014 14  ILE B N   
843  C CA  . ILE B 15 ? 0.1522 0.1234 0.2008 -0.0001 -0.0302 -0.0069 14  ILE B CA  
844  C C   . ILE B 15 ? 0.1527 0.1204 0.1738 0.0051  -0.0217 0.0039  14  ILE B C   
845  O O   . ILE B 15 ? 0.1781 0.1293 0.1639 -0.0036 -0.0335 0.0026  14  ILE B O   
846  C CB  . ILE B 15 ? 0.1752 0.1386 0.1991 -0.0044 -0.0355 -0.0108 14  ILE B CB  
847  C CG1 . ILE B 15 ? 0.1424 0.1350 0.2100 -0.0075 -0.0439 -0.0245 14  ILE B CG1 
848  C CG2 . ILE B 15 ? 0.2051 0.1553 0.2007 -0.0051 -0.0321 -0.0027 14  ILE B CG2 
849  C CD1 . ILE B 15 ? 0.1528 0.1235 0.2246 -0.0001 -0.0451 -0.0275 14  ILE B CD1 
861  N N   . ALA B 16 ? 0.1282 0.1279 0.1870 -0.0111 -0.0248 -0.0035 15  ALA B N   
862  C CA  . ALA B 16 ? 0.1275 0.1239 0.2166 -0.0031 -0.0233 -0.0099 15  ALA B CA  
863  C C   . ALA B 16 ? 0.1255 0.1415 0.1995 -0.0145 -0.0270 -0.0131 15  ALA B C   
864  O O   . ALA B 16 ? 0.1603 0.1255 0.1990 -0.0030 -0.0412 -0.0224 15  ALA B O   
865  C CB  . ALA B 16 ? 0.1292 0.1536 0.2454 0.0006  -0.0082 -0.0270 15  ALA B CB  
871  N N   . ALA B 17 ? 0.1203 0.1326 0.1865 -0.0146 -0.0364 -0.0095 16  ALA B N   
872  C CA  . ALA B 17 ? 0.1326 0.1319 0.1901 0.0033  -0.0311 0.0002  16  ALA B CA  
873  C C   . ALA B 17 ? 0.1220 0.1200 0.1959 0.0006  -0.0389 -0.0074 16  ALA B C   
874  O O   . ALA B 17 ? 0.1412 0.1060 0.2007 0.0041  -0.0330 -0.0045 16  ALA B O   
875  C CB  . ALA B 17 ? 0.1493 0.1646 0.1772 -0.0125 -0.0460 0.0068  16  ALA B CB  
881  N N   . LEU B 18 ? 0.1112 0.1328 0.2068 -0.0076 -0.0373 -0.0033 17  LEU B N   
882  C CA  . LEU B 18 ? 0.1166 0.1563 0.2111 -0.0035 -0.0181 -0.0107 17  LEU B CA  
883  C C   . LEU B 18 ? 0.1257 0.1082 0.2020 -0.0132 -0.0149 0.0010  17  LEU B C   
884  O O   . LEU B 18 ? 0.1367 0.1206 0.1867 -0.0193 -0.0250 0.0000  17  LEU B O   
885  C CB  . LEU B 18 ? 0.1460 0.1588 0.2167 -0.0020 -0.0282 -0.0273 17  LEU B CB  
886  C CG  . LEU B 18 ? 0.1494 0.2085 0.2437 -0.0150 -0.0092 -0.0634 17  LEU B CG  
887  C CD1 . LEU B 18 ? 0.1651 0.2464 0.2552 0.0254  0.0343  -0.0675 17  LEU B CD1 
888  C CD2 . LEU B 18 ? 0.2108 0.2432 0.2566 -0.0159 0.0025  -0.0724 17  LEU B CD2 
900  N N   . LYS B 19 ? 0.1591 0.1046 0.2126 -0.0256 -0.0324 0.0126  18  LYS B N   
901  C CA  . LYS B 19 ? 0.1736 0.1163 0.1905 -0.0370 -0.0526 0.0295  18  LYS B CA  
902  C C   . LYS B 19 ? 0.1500 0.1227 0.1608 -0.0254 -0.0289 0.0335  18  LYS B C   
903  O O   . LYS B 19 ? 0.1732 0.1421 0.1439 -0.0438 -0.0223 0.0401  18  LYS B O   
904  C CB  . LYS B 19 ? 0.2289 0.1324 0.1981 -0.0431 -0.0490 0.0436  18  LYS B CB  
905  C CG  . LYS B 19 ? 0.2718 0.1397 0.2157 0.0066  -0.0616 0.0553  18  LYS B CG  
906  C CD  . LYS B 19 ? 0.2505 0.1869 0.2437 -0.0035 -0.0194 0.0319  18  LYS B CD  
907  C CE  . LYS B 19 ? 0.2096 0.2043 0.2319 -0.0150 -0.0038 0.0255  18  LYS B CE  
908  N NZ  . LYS B 19 ? 0.2478 0.2077 0.2107 0.0224  -0.0100 0.0299  18  LYS B NZ  
922  N N   . GLN B 20 ? 0.1345 0.1206 0.1828 -0.0180 -0.0112 0.0084  19  GLN B N   
923  C CA  . GLN B 20 ? 0.1530 0.1138 0.1810 -0.0154 -0.0248 0.0080  19  GLN B CA  
924  C C   . GLN B 20 ? 0.1673 0.1138 0.1453 -0.0247 -0.0425 0.0177  19  GLN B C   
925  O O   . GLN B 20 ? 0.1541 0.1176 0.1696 -0.0236 -0.0373 0.0155  19  GLN B O   
926  C CB  . GLN B 20 ? 0.1420 0.1355 0.2042 -0.0143 -0.0245 0.0093  19  GLN B CB  
927  C CG  . GLN B 20 ? 0.1400 0.1722 0.2034 -0.0234 -0.0277 0.0062  19  GLN B CG  
928  C CD  . GLN B 20 ? 0.1268 0.1704 0.1820 -0.0133 -0.0244 0.0161  19  GLN B CD  
929  O OE1 . GLN B 20 ? 0.1697 0.1377 0.1977 -0.0106 -0.0098 0.0199  19  GLN B OE1 
930  N NE2 . GLN B 20 ? 0.1575 0.1555 0.1639 -0.0020 -0.0137 0.0279  19  GLN B NE2 
939  N N   A ARG B 21 ? 0.1832 0.1089 0.1280 -0.0197 -0.0175 0.0150  20  ARG B N   
940  N N   B ARG B 21 ? 0.1760 0.1359 0.1556 -0.0291 -0.0335 0.0102  20  ARG B N   
941  C CA  A ARG B 21 ? 0.1848 0.1184 0.1177 -0.0096 -0.0236 0.0170  20  ARG B CA  
942  C CA  B ARG B 21 ? 0.1792 0.1586 0.1644 -0.0271 -0.0355 0.0074  20  ARG B CA  
943  C C   A ARG B 21 ? 0.1546 0.1107 0.1457 -0.0004 -0.0021 0.0109  20  ARG B C   
944  C C   B ARG B 21 ? 0.1687 0.1361 0.1681 -0.0126 -0.0200 0.0075  20  ARG B C   
945  O O   A ARG B 21 ? 0.1587 0.1200 0.1601 0.0031  -0.0132 0.0193  20  ARG B O   
946  O O   B ARG B 21 ? 0.1899 0.1344 0.1774 -0.0061 -0.0243 0.0122  20  ARG B O   
947  C CB  A ARG B 21 ? 0.2163 0.1538 0.1076 -0.0033 -0.0019 0.0275  20  ARG B CB  
948  C CB  B ARG B 21 ? 0.1907 0.2073 0.1772 -0.0426 -0.0341 0.0040  20  ARG B CB  
949  C CG  A ARG B 21 ? 0.2072 0.1934 0.1347 0.0193  0.0152  0.0124  20  ARG B CG  
950  C CG  B ARG B 21 ? 0.1697 0.2414 0.1936 -0.0453 -0.0387 -0.0026 20  ARG B CG  
951  C CD  A ARG B 21 ? 0.1966 0.2124 0.1829 -0.0063 0.0165  -0.0022 20  ARG B CD  
952  C CD  B ARG B 21 ? 0.1789 0.2687 0.2071 -0.0529 -0.0466 -0.0148 20  ARG B CD  
953  N NE  A ARG B 21 ? 0.2041 0.2436 0.1872 0.0176  -0.0114 -0.0017 20  ARG B NE  
954  N NE  B ARG B 21 ? 0.2509 0.3145 0.2074 -0.0276 -0.0348 -0.0224 20  ARG B NE  
955  C CZ  A ARG B 21 ? 0.2175 0.2407 0.2141 -0.0029 -0.0305 -0.0305 20  ARG B CZ  
956  C CZ  B ARG B 21 ? 0.2678 0.3264 0.2093 -0.0331 -0.0206 -0.0285 20  ARG B CZ  
957  N NH1 A ARG B 21 ? 0.1347 0.2129 0.2291 0.0104  -0.0422 -0.0550 20  ARG B NH1 
958  N NH1 B ARG B 21 ? 0.2529 0.3365 0.2139 -0.0604 -0.0277 -0.0437 20  ARG B NH1 
959  N NH2 A ARG B 21 ? 0.2855 0.2839 0.2127 -0.0172 -0.0352 -0.0334 20  ARG B NH2 
960  N NH2 B ARG B 21 ? 0.2835 0.3234 0.2109 -0.0211 -0.0029 -0.0206 20  ARG B NH2 
987  N N   . SER B 22 ? 0.1186 0.1120 0.1619 -0.0172 -0.0072 0.0040  21  SER B N   
988  C CA  . SER B 22 ? 0.1216 0.1053 0.1517 -0.0078 0.0089  0.0054  21  SER B CA  
989  C C   . SER B 22 ? 0.1187 0.1159 0.1251 0.0045  0.0108  0.0036  21  SER B C   
990  O O   . SER B 22 ? 0.1307 0.1373 0.1377 -0.0108 0.0036  0.0055  21  SER B O   
991  C CB  . SER B 22 ? 0.1428 0.1156 0.1408 -0.0059 -0.0004 0.0137  21  SER B CB  
992  O OG  . SER B 22 ? 0.1432 0.1475 0.1408 -0.0209 -0.0132 0.0264  21  SER B OG  
999  N N   . ALA B 23 ? 0.1244 0.1268 0.1142 -0.0203 0.0077  0.0156  22  ALA B N   
1000 C CA  . ALA B 23 ? 0.1263 0.1779 0.1072 -0.0096 0.0239  0.0079  22  ALA B CA  
1001 C C   . ALA B 23 ? 0.1155 0.1780 0.1091 -0.0059 0.0268  -0.0050 22  ALA B C   
1002 O O   . ALA B 23 ? 0.1223 0.2048 0.1092 0.0013  0.0235  0.0139  22  ALA B O   
1003 C CB  . ALA B 23 ? 0.1485 0.1738 0.1159 -0.0360 0.0180  0.0228  22  ALA B CB  
1009 N N   . ALA B 24 ? 0.1298 0.1641 0.1152 -0.0047 0.0181  -0.0024 23  ALA B N   
1010 C CA  . ALA B 24 ? 0.1287 0.1518 0.1374 0.0212  0.0132  -0.0082 23  ALA B CA  
1011 C C   . ALA B 24 ? 0.1214 0.1471 0.1533 0.0056  -0.0082 -0.0258 23  ALA B C   
1012 O O   . ALA B 24 ? 0.1434 0.1650 0.1821 0.0406  -0.0289 -0.0571 23  ALA B O   
1013 C CB  . ALA B 24 ? 0.1476 0.1361 0.1575 0.0168  -0.0227 -0.0043 23  ALA B CB  
1019 N N   . LEU B 25 ? 0.1306 0.1226 0.1516 -0.0090 -0.0054 -0.0139 24  LEU B N   
1020 C CA  . LEU B 25 ? 0.1307 0.1498 0.1476 0.0087  0.0073  -0.0059 24  LEU B CA  
1021 C C   . LEU B 25 ? 0.1022 0.1879 0.1470 0.0028  0.0087  -0.0239 24  LEU B C   
1022 O O   . LEU B 25 ? 0.1781 0.1890 0.1722 -0.0027 -0.0217 -0.0451 24  LEU B O   
1023 C CB  . LEU B 25 ? 0.1395 0.1414 0.1611 -0.0092 0.0211  -0.0062 24  LEU B CB  
1024 C CG  . LEU B 25 ? 0.1684 0.1479 0.1552 0.0082  0.0388  0.0075  24  LEU B CG  
1025 C CD1 . LEU B 25 ? 0.2382 0.1820 0.1691 0.0216  0.0367  -0.0009 24  LEU B CD1 
1026 C CD2 . LEU B 25 ? 0.2683 0.1539 0.1397 0.0260  0.0578  0.0461  24  LEU B CD2 
1038 N N   . LYS B 26 ? 0.1231 0.2224 0.1207 0.0242  0.0090  -0.0190 25  LYS B N   
1039 C CA  . LYS B 26 ? 0.1089 0.2954 0.1586 0.0177  0.0063  -0.0387 25  LYS B CA  
1040 C C   . LYS B 26 ? 0.1375 0.3075 0.1670 0.0539  -0.0187 -0.0670 25  LYS B C   
1041 O O   . LYS B 26 ? 0.1476 0.3612 0.1978 0.0414  -0.0077 -0.1026 25  LYS B O   
1042 C CB  . LYS B 26 ? 0.1284 0.2997 0.1685 -0.0314 -0.0050 -0.0028 25  LYS B CB  
1043 C CG  . LYS B 26 ? 0.1340 0.2606 0.2042 -0.0468 -0.0344 0.0275  25  LYS B CG  
1044 C CD  . LYS B 26 ? 0.1979 0.2533 0.2789 -0.0609 -0.0173 0.0323  25  LYS B CD  
1045 C CE  . LYS B 26 ? 0.2646 0.2622 0.3432 -0.0613 -0.0327 0.0222  25  LYS B CE  
1046 N NZ  . LYS B 26 ? 0.3336 0.2754 0.3936 -0.0584 -0.0220 0.0140  25  LYS B NZ  
1060 N N   . TRP B 27 ? 0.1269 0.2746 0.1732 0.0487  -0.0007 -0.0669 26  TRP B N   
1061 C CA  . TRP B 27 ? 0.1346 0.2632 0.1713 0.0258  0.0069  -0.0586 26  TRP B CA  
1062 C C   . TRP B 27 ? 0.1236 0.2772 0.1890 0.0070  0.0129  -0.0642 26  TRP B C   
1063 O O   . TRP B 27 ? 0.1552 0.2511 0.1987 0.0239  0.0068  -0.0618 26  TRP B O   
1064 C CB  . TRP B 27 ? 0.1261 0.2457 0.1627 0.0231  0.0132  -0.0403 26  TRP B CB  
1065 C CG  . TRP B 27 ? 0.1315 0.1776 0.1848 0.0152  -0.0174 -0.0200 26  TRP B CG  
1066 C CD1 . TRP B 27 ? 0.1479 0.1878 0.1859 -0.0026 -0.0031 -0.0218 26  TRP B CD1 
1067 C CD2 . TRP B 27 ? 0.1512 0.1440 0.2417 0.0035  0.0059  -0.0308 26  TRP B CD2 
1068 N NE1 . TRP B 27 ? 0.1395 0.1631 0.2067 -0.0071 0.0023  -0.0307 26  TRP B NE1 
1069 C CE2 . TRP B 27 ? 0.1337 0.1416 0.2398 -0.0097 0.0108  -0.0396 26  TRP B CE2 
1070 C CE3 . TRP B 27 ? 0.2100 0.1617 0.2805 -0.0224 0.0230  -0.0188 26  TRP B CE3 
1071 C CZ2 . TRP B 27 ? 0.1443 0.1828 0.2506 -0.0104 0.0307  -0.0352 26  TRP B CZ2 
1072 C CZ3 . TRP B 27 ? 0.2433 0.1877 0.2853 -0.0196 0.0327  -0.0073 26  TRP B CZ3 
1073 C CH2 . TRP B 27 ? 0.1997 0.1845 0.2764 -0.0229 0.0378  -0.0178 26  TRP B CH2 
1084 N N   . GLN B 28 ? 0.1253 0.2563 0.2413 0.0050  0.0025  -0.0628 27  GLN B N   
1085 C CA  . GLN B 28 ? 0.1725 0.2473 0.2857 0.0307  0.0209  -0.0458 27  GLN B CA  
1086 C C   . GLN B 28 ? 0.2214 0.2491 0.3248 0.0252  -0.0116 -0.0590 27  GLN B C   
1087 O O   . GLN B 28 ? 0.2779 0.2225 0.3320 0.0191  -0.0457 -0.0484 27  GLN B O   
1088 C CB  . GLN B 28 ? 0.1884 0.2171 0.3072 -0.0041 0.0347  -0.0266 27  GLN B CB  
1089 C CG  . GLN B 28 ? 0.2146 0.1975 0.3372 0.0007  0.0457  -0.0115 27  GLN B CG  
1090 C CD  . GLN B 28 ? 0.2429 0.1782 0.3691 0.0376  0.0377  -0.0035 27  GLN B CD  
1091 O OE1 . GLN B 28 ? 0.2664 0.1872 0.3699 0.0399  0.0492  0.0110  27  GLN B OE1 
1092 N NE2 . GLN B 28 ? 0.2425 0.1630 0.3788 0.0517  -0.0169 0.0092  27  GLN B NE2 
1101 N N   . ILE B 29 ? 0.1844 0.2808 0.3593 0.0066  -0.0245 -0.0763 28  ILE B N   
1102 C CA  . ILE B 29 ? 0.1605 0.2771 0.3736 0.0005  -0.0459 -0.0686 28  ILE B CA  
1103 C C   . ILE B 29 ? 0.2055 0.2355 0.3672 -0.0155 -0.0416 -0.0480 28  ILE B C   
1104 O O   . ILE B 29 ? 0.2452 0.2199 0.3539 -0.0405 -0.0332 -0.0449 28  ILE B O   
1105 C CB  . ILE B 29 ? 0.2161 0.3053 0.3897 0.0269  -0.0575 -0.0646 28  ILE B CB  
1106 C CG1 . ILE B 29 ? 0.2238 0.3188 0.3860 0.0238  -0.0489 -0.0666 28  ILE B CG1 
1107 C CG2 . ILE B 29 ? 0.2993 0.3131 0.4074 0.0619  -0.0503 -0.0587 28  ILE B CG2 
1108 C CD1 . ILE B 29 ? 0.1920 0.3202 0.3953 -0.0023 -0.0489 -0.0816 28  ILE B CD1 
1120 N N   . GLN B 30 ? 0.2961 0.2764 0.3719 -0.0078 -0.0196 -0.0376 29  GLN B N   
1121 C CA  A GLN B 30 ? 0.3437 0.3052 0.3625 0.0041  -0.0278 -0.0250 29  GLN B CA  
1122 C CA  B GLN B 30 ? 0.3517 0.3224 0.3700 0.0010  -0.0175 -0.0286 29  GLN B CA  
1123 C C   . GLN B 30 ? 0.3871 0.3357 0.3941 0.0080  -0.0128 -0.0312 29  GLN B C   
1124 O O   . GLN B 30 ? 0.4081 0.3523 0.4161 0.0051  -0.0090 -0.0503 29  GLN B O   
1125 C CB  A GLN B 30 ? 0.3328 0.2919 0.3264 0.0103  -0.0592 -0.0113 29  GLN B CB  
1126 C CB  B GLN B 30 ? 0.3668 0.3476 0.3483 0.0014  -0.0279 -0.0199 29  GLN B CB  
1127 C CG  A GLN B 30 ? 0.2703 0.2539 0.2993 0.0085  -0.0872 -0.0023 29  GLN B CG  
1128 C CG  B GLN B 30 ? 0.3606 0.3551 0.3375 -0.0008 -0.0371 -0.0135 29  GLN B CG  
1129 C CD  A GLN B 30 ? 0.2160 0.2259 0.2606 0.0098  -0.0910 0.0048  29  GLN B CD  
1130 C CD  B GLN B 30 ? 0.3569 0.3616 0.3263 0.0079  -0.0374 -0.0053 29  GLN B CD  
1131 O OE1 A GLN B 30 ? 0.2711 0.1679 0.2748 0.0005  -0.0809 0.0212  29  GLN B OE1 
1132 O OE1 B GLN B 30 ? 0.3433 0.3882 0.3229 0.0229  -0.0344 -0.0088 29  GLN B OE1 
1133 N NE2 A GLN B 30 ? 0.1568 0.2386 0.2180 0.0204  -0.0874 -0.0119 29  GLN B NE2 
1134 N NE2 B GLN B 30 ? 0.3713 0.3475 0.3262 0.0110  -0.0324 0.0017  29  GLN B NE2 
1149 N N   . GLY B 31 ? 0.4427 0.3806 0.4170 0.0178  0.0036  -0.0146 30  GLY B N   
1150 C CA  . GLY B 31 ? 0.4997 0.4258 0.4211 0.0313  0.0169  0.0067  30  GLY B CA  
1151 C C   . GLY B 31 ? 0.5350 0.4595 0.4241 0.0434  0.0229  0.0228  30  GLY B C   
1152 O O   . GLY B 31 ? 0.5459 0.4846 0.4355 0.0500  0.0283  0.0259  30  GLY B O   
1156 C C   . ACT C .  ? 0.2487 0.4476 0.4154 0.0483  0.0225  0.0580  101 ACT A C   
1157 O O   . ACT C .  ? 0.2399 0.4508 0.4328 0.0843  0.0311  0.0520  101 ACT A O   
1158 O OXT . ACT C .  ? 0.2003 0.4190 0.4147 0.0105  0.0379  0.0506  101 ACT A OXT 
1159 C CH3 . ACT C .  ? 0.2792 0.4575 0.4052 0.0587  0.0183  0.0712  101 ACT A CH3 
1163 O O   . HOH D .  ? 0.2936 0.2230 0.2433 0.0511  0.0847  0.0522  201 HOH A O   
1164 O O   . HOH D .  ? 0.3217 0.3485 0.6063 -0.0123 0.1092  -0.0014 202 HOH A O   
1165 O O   . HOH D .  ? 0.3474 0.2261 0.3035 -0.0095 0.0425  -0.0212 203 HOH A O   
1166 O O   . HOH D .  ? 0.2244 0.4726 0.2925 0.0417  0.0349  0.1943  204 HOH A O   
1167 O O   . HOH D .  ? 0.3387 0.2478 0.3758 0.0670  -0.0321 -0.0221 205 HOH A O   
1168 O O   . HOH D .  ? 0.4711 0.2494 0.3790 -0.0244 0.1177  -0.0582 206 HOH A O   
1169 O O   . HOH D .  ? 0.2052 0.1043 0.1140 0.0001  0.0461  0.0100  207 HOH A O   
1170 O O   . HOH D .  ? 0.1672 0.1429 0.1612 -0.0170 0.0183  0.0286  208 HOH A O   
1171 O O   . HOH D .  ? 0.2967 0.4872 0.4978 -0.1824 0.0661  0.0222  209 HOH A O   
1172 O O   . HOH D .  ? 0.2735 0.3826 0.4641 0.0047  -0.0946 0.0665  210 HOH A O   
1173 O O   . HOH D .  ? 0.1795 0.2183 0.3231 0.0354  -0.0587 -0.0821 211 HOH A O   
1174 O O   . HOH D .  ? 0.2217 0.1473 0.1513 -0.0045 -0.0216 0.0247  212 HOH A O   
1175 O O   . HOH D .  ? 0.3084 0.1438 0.1949 -0.0523 -0.0388 0.0109  213 HOH A O   
1176 O O   . HOH D .  ? 0.1581 0.1298 0.3642 0.0136  -0.0558 0.0111  214 HOH A O   
1177 O O   . HOH D .  ? 0.2132 0.2326 0.1681 -0.0264 -0.0007 0.0254  215 HOH A O   
1178 O O   . HOH D .  ? 0.1585 0.2024 0.3370 0.0129  -0.0285 -0.0068 216 HOH A O   
1179 O O   . HOH D .  ? 0.2272 0.1993 0.2834 0.0405  -0.0458 -0.0247 217 HOH A O   
1180 O O   . HOH D .  ? 0.5282 0.3759 0.4810 0.1774  0.1900  -0.0299 218 HOH A O   
1181 O O   . HOH D .  ? 0.2656 0.1385 0.1879 0.0334  0.0231  0.0201  219 HOH A O   
1182 O O   . HOH D .  ? 0.1897 0.1602 0.1684 0.0357  -0.0086 0.0194  220 HOH A O   
1183 O O   . HOH D .  ? 0.2490 0.1938 0.1814 -0.0476 -0.0278 0.0591  221 HOH A O   
1184 O O   . HOH D .  ? 0.3007 0.4029 0.7675 -0.0165 -0.1472 0.0626  222 HOH A O   
1185 O O   . HOH D .  ? 0.2559 0.5286 0.2303 0.0415  0.0393  0.1224  223 HOH A O   
1186 O O   . HOH D .  ? 0.2323 0.5005 0.2133 0.1198  -0.0342 -0.1397 224 HOH A O   
1187 O O   . HOH D .  ? 0.3212 0.3377 0.2756 0.0529  0.0268  0.0891  225 HOH A O   
1188 O O   . HOH D .  ? 0.3045 0.2195 0.6007 -0.0105 0.0750  -0.0020 226 HOH A O   
1189 O O   . HOH D .  ? 0.3505 0.2213 0.2173 -0.0469 -0.0536 0.0025  227 HOH A O   
1190 O O   . HOH D .  ? 0.5136 0.3808 0.4193 0.0432  0.1294  0.0495  228 HOH A O   
1191 O O   . HOH D .  ? 0.2946 0.3830 0.3949 0.0999  0.0457  -0.0305 229 HOH A O   
1192 O O   . HOH D .  ? 0.3840 0.6279 0.2029 0.1751  -0.0475 -0.0517 230 HOH A O   
1193 O O   . HOH D .  ? 0.3015 0.2237 0.4018 -0.0555 -0.0888 0.0619  231 HOH A O   
1194 O O   . HOH D .  ? 0.5154 0.6941 0.3283 0.0232  -0.1332 -0.0975 232 HOH A O   
1195 O O   . HOH D .  ? 0.3309 0.3784 0.5121 0.0220  -0.0419 -0.1151 233 HOH A O   
1196 O O   . HOH D .  ? 0.1671 0.2824 0.3930 0.0595  -0.0872 -0.1739 234 HOH A O   
1197 O O   . HOH D .  ? 0.2432 0.3336 0.4678 -0.0582 -0.0278 0.0810  235 HOH A O   
1198 O O   . HOH D .  ? 0.5753 0.5926 0.3053 -0.0223 0.0688  0.0616  236 HOH A O   
1199 O O   . HOH D .  ? 0.3283 0.5417 0.2705 -0.0756 -0.0353 0.0205  237 HOH A O   
1200 O O   . HOH E .  ? 0.1479 0.3733 0.4370 -0.0058 -0.0802 0.0408  101 HOH B O   
1201 O O   . HOH E .  ? 0.2052 0.1682 0.3800 0.0269  -0.0434 -0.0187 102 HOH B O   
1202 O O   . HOH E .  ? 0.2350 0.4042 0.5728 -0.1032 -0.0694 -0.0900 103 HOH B O   
1203 O O   . HOH E .  ? 0.5273 0.2881 0.5274 -0.0898 -0.1039 0.0404  104 HOH B O   
1204 O O   . HOH E .  ? 0.4858 0.5507 0.3235 0.1112  -0.0211 0.0487  105 HOH B O   
1205 O O   . HOH E .  ? 0.1843 0.1397 0.1498 -0.0328 0.0206  0.0023  106 HOH B O   
1206 O O   . HOH E .  ? 0.1270 0.1162 0.1693 0.0032  0.0028  -0.0119 107 HOH B O   
1207 O O   . HOH E .  ? 0.3132 0.3277 0.6599 -0.1005 0.0553  -0.1862 108 HOH B O   
1208 O O   . HOH E .  ? 0.3420 0.5195 0.2661 -0.0185 -0.0459 -0.0291 109 HOH B O   
1209 O O   . HOH E .  ? 0.3099 0.2904 0.2009 -0.0150 -0.0475 0.0648  110 HOH B O   
1210 O O   . HOH E .  ? 0.4115 0.1941 0.3330 -0.0037 -0.1261 0.0113  111 HOH B O   
1211 O O   . HOH E .  ? 0.1532 0.3683 0.1797 -0.0299 0.0096  0.0367  112 HOH B O   
1212 O O   . HOH E .  ? 0.2684 0.2548 0.2332 -0.0275 0.0550  0.0500  113 HOH B O   
1213 O O   . HOH E .  ? 0.1698 0.2495 0.1864 0.0389  0.0253  0.0059  114 HOH B O   
1214 O O   . HOH E .  ? 0.5448 0.3380 0.5024 0.0054  -0.1001 0.0154  115 HOH B O   
1215 O O   . HOH E .  ? 0.1766 0.2639 0.2872 0.0276  -0.0312 -0.0566 116 HOH B O   
1216 O O   . HOH E .  ? 0.5163 0.2798 0.4187 0.0484  -0.0627 0.0510  117 HOH B O   
1217 O O   . HOH E .  ? 0.1485 0.1245 0.2629 0.0181  -0.0403 -0.0192 118 HOH B O   
1218 O O   . HOH E .  ? 0.2449 0.2512 0.2746 -0.0097 -0.0679 -0.0041 119 HOH B O   
1219 O O   . HOH E .  ? 0.4871 0.6065 0.3499 0.0413  -0.0833 0.0209  120 HOH B O   
1220 O O   . HOH E .  ? 0.1423 0.1752 0.3127 0.0287  -0.0633 -0.0340 121 HOH B O   
1221 O O   . HOH E .  ? 0.4933 0.5787 0.4346 -0.0641 -0.0464 0.0979  122 HOH B O   
1222 O O   . HOH E .  ? 0.4544 0.5521 0.2499 -0.0602 -0.0338 0.1799  123 HOH B O   
1223 O O   . HOH E .  ? 0.2674 0.2424 0.3723 0.0905  -0.0474 0.0214  124 HOH B O   
1224 O O   . HOH E .  ? 0.4865 0.2578 0.2540 0.1373  -0.1051 0.0042  125 HOH B O   
1225 O O   . HOH E .  ? 0.2970 0.5086 0.3300 0.0879  0.0808  0.2230  126 HOH B O   
# 
